data_4U60
#
_entry.id   4U60
#
_cell.length_a   144.990
_cell.length_b   152.050
_cell.length_c   67.970
_cell.angle_alpha   90.00
_cell.angle_beta   90.00
_cell.angle_gamma   90.00
#
_symmetry.space_group_name_H-M   'P 21 21 2'
#
loop_
_entity.id
_entity.type
_entity.pdbx_description
1 polymer 'Structural protein VP1'
2 branched 'N-acetyl-alpha-neuraminic acid-(2-3)-[2-acetamido-2-deoxy-beta-D-galactopyranose-(1-4)]beta-D-galactopyranose'
3 branched 'beta-D-galactopyranose-(1-3)-2-acetamido-2-deoxy-beta-D-galactopyranose-(1-4)-[N-acetyl-alpha-neuraminic acid-(2-3)]beta-D-galactopyranose-(1-4)-beta-D-glucopyranose'
4 non-polymer GLYCEROL
5 non-polymer 1,2-ETHANEDIOL
6 non-polymer 'N-acetyl-alpha-neuraminic acid'
7 water water
#
_entity_poly.entity_id   1
_entity_poly.type   'polypeptide(L)'
_entity_poly.pdbx_seq_one_letter_code
;GSHMASKGNIEVLNLVTGPDSITTIELYLNTRMGQNDESKDNYGYSEKVTVANSSDQDKPTSGEIPTYSTARINLPMLNE
DLTCNTLTMWEAVSVKTEVVGVSSLVNVHMATKRMYDDKGIGFPVEGMNFHMFAVGGEPLELQFLTGNYRTDYSANDKLV
VPPIKHQSTQGLNPHYKQKLTKDGAFPVECWCPDPSKNENTRYYGSYTGGQSTPPVLQFTNTVTTVLLDENGVGPLCKGD
GLYVSCCDIVGFLVGKDGDMQYRGLPRYFNILLRKRTVRN
;
_entity_poly.pdbx_strand_id   A,B,C,D,E
#
loop_
_chem_comp.id
_chem_comp.type
_chem_comp.name
_chem_comp.formula
BGC D-saccharide, beta linking beta-D-glucopyranose 'C6 H12 O6'
EDO non-polymer 1,2-ETHANEDIOL 'C2 H6 O2'
GAL D-saccharide, beta linking beta-D-galactopyranose 'C6 H12 O6'
GOL non-polymer GLYCEROL 'C3 H8 O3'
NGA D-saccharide, beta linking 2-acetamido-2-deoxy-beta-D-galactopyranose 'C8 H15 N O6'
SIA D-saccharide, alpha linking 'N-acetyl-alpha-neuraminic acid' 'C11 H19 N O9'
#
# COMPACT_ATOMS: atom_id res chain seq x y z
N ILE A 10 21.36 8.87 -33.80
CA ILE A 10 20.33 8.84 -34.88
C ILE A 10 19.50 10.13 -34.85
N GLU A 11 19.38 10.79 -35.99
CA GLU A 11 18.55 11.96 -36.10
C GLU A 11 17.19 11.55 -36.64
N VAL A 12 16.16 11.76 -35.81
CA VAL A 12 14.83 11.29 -36.11
C VAL A 12 14.08 12.33 -36.95
N LEU A 13 13.44 11.89 -38.02
CA LEU A 13 12.67 12.76 -38.90
C LEU A 13 11.20 12.39 -38.80
N ASN A 14 10.43 12.41 -39.90
CA ASN A 14 8.98 12.24 -39.80
C ASN A 14 8.54 10.78 -39.67
N LEU A 15 7.36 10.58 -39.10
CA LEU A 15 6.71 9.30 -39.16
C LEU A 15 6.30 8.97 -40.60
N VAL A 16 6.37 7.69 -40.93
CA VAL A 16 5.80 7.17 -42.18
C VAL A 16 4.36 6.76 -41.91
N THR A 17 3.43 7.17 -42.78
CA THR A 17 2.00 6.93 -42.50
C THR A 17 1.38 5.99 -43.53
N GLY A 18 0.12 5.63 -43.26
CA GLY A 18 -0.70 4.92 -44.22
C GLY A 18 -0.58 3.42 -44.05
N PRO A 19 -1.00 2.66 -45.08
CA PRO A 19 -0.95 1.22 -44.95
C PRO A 19 0.48 0.71 -44.72
N ASP A 20 0.59 -0.38 -43.96
CA ASP A 20 1.85 -1.07 -43.75
C ASP A 20 2.84 -0.29 -42.87
N SER A 21 2.43 0.86 -42.31
CA SER A 21 3.32 1.68 -41.48
C SER A 21 3.44 1.18 -40.04
N ILE A 22 2.55 0.28 -39.64
CA ILE A 22 2.50 -0.25 -38.27
C ILE A 22 2.68 -1.76 -38.33
N THR A 23 3.30 -2.33 -37.29
CA THR A 23 3.31 -3.77 -37.10
C THR A 23 3.29 -4.10 -35.60
N THR A 24 2.89 -5.31 -35.28
CA THR A 24 2.89 -5.76 -33.88
C THR A 24 3.72 -7.02 -33.77
N ILE A 25 4.39 -7.16 -32.64
CA ILE A 25 5.18 -8.33 -32.31
C ILE A 25 4.62 -8.90 -31.01
N GLU A 26 4.28 -10.18 -31.04
CA GLU A 26 3.84 -10.90 -29.86
C GLU A 26 4.87 -11.97 -29.55
N LEU A 27 5.20 -12.14 -28.29
CA LEU A 27 6.05 -13.24 -27.87
C LEU A 27 5.85 -13.51 -26.42
N TYR A 28 6.39 -14.63 -25.97
CA TYR A 28 6.53 -14.86 -24.54
C TYR A 28 7.95 -15.31 -24.29
N LEU A 29 8.39 -15.15 -23.05
CA LEU A 29 9.67 -15.66 -22.61
C LEU A 29 9.43 -16.52 -21.36
N ASN A 30 9.93 -17.74 -21.42
CA ASN A 30 9.90 -18.62 -20.28
C ASN A 30 11.00 -18.29 -19.29
N THR A 31 10.72 -18.60 -18.04
CA THR A 31 11.59 -18.22 -16.93
C THR A 31 12.91 -19.02 -16.93
N ARG A 32 13.95 -18.39 -16.39
CA ARG A 32 15.29 -18.99 -16.34
C ARG A 32 15.75 -18.95 -14.88
N MET A 33 15.11 -19.81 -14.09
CA MET A 33 15.40 -19.93 -12.67
C MET A 33 16.62 -20.79 -12.32
N GLY A 34 17.04 -21.66 -13.24
CA GLY A 34 18.23 -22.47 -13.03
C GLY A 34 18.07 -23.86 -13.67
N GLN A 35 16.91 -24.48 -13.52
CA GLN A 35 16.58 -25.67 -14.31
C GLN A 35 15.82 -25.14 -15.53
N ASN A 36 16.56 -24.94 -16.61
CA ASN A 36 16.04 -24.21 -17.78
C ASN A 36 15.75 -25.10 -19.00
N ASP A 37 15.75 -26.40 -18.76
CA ASP A 37 15.50 -27.41 -19.81
C ASP A 37 14.03 -27.85 -19.68
N GLU A 38 13.21 -27.48 -20.65
CA GLU A 38 11.78 -27.82 -20.64
C GLU A 38 11.46 -29.31 -20.68
N SER A 39 12.49 -30.15 -20.92
CA SER A 39 12.30 -31.61 -20.98
CA SER A 39 12.29 -31.60 -20.97
C SER A 39 12.64 -32.32 -19.67
N LYS A 40 13.01 -31.56 -18.64
CA LYS A 40 13.41 -32.15 -17.36
C LYS A 40 12.48 -31.73 -16.23
N ASP A 41 12.47 -32.51 -15.17
CA ASP A 41 11.71 -32.15 -13.96
C ASP A 41 12.22 -30.85 -13.38
N ASN A 42 11.39 -30.18 -12.61
CA ASN A 42 11.78 -28.90 -11.99
C ASN A 42 12.02 -27.76 -12.97
N TYR A 43 11.54 -27.92 -14.21
CA TYR A 43 11.56 -26.79 -15.15
C TYR A 43 10.81 -25.61 -14.55
N GLY A 44 11.38 -24.42 -14.70
CA GLY A 44 10.78 -23.20 -14.15
C GLY A 44 11.06 -22.96 -12.69
N TYR A 45 11.92 -23.80 -12.09
CA TYR A 45 12.42 -23.62 -10.76
C TYR A 45 13.94 -23.64 -10.81
N SER A 46 14.57 -23.17 -9.74
CA SER A 46 16.01 -23.35 -9.58
C SER A 46 16.27 -24.74 -8.99
N GLU A 47 17.52 -25.16 -9.07
CA GLU A 47 17.96 -26.25 -8.22
C GLU A 47 17.93 -25.79 -6.75
N LYS A 48 18.04 -26.73 -5.82
CA LYS A 48 17.98 -26.41 -4.40
C LYS A 48 19.03 -25.36 -4.03
N VAL A 49 18.62 -24.37 -3.27
CA VAL A 49 19.52 -23.35 -2.76
C VAL A 49 20.45 -23.92 -1.70
N THR A 50 21.74 -23.56 -1.82
CA THR A 50 22.73 -23.89 -0.82
C THR A 50 23.32 -22.60 -0.27
N VAL A 51 24.03 -22.71 0.84
CA VAL A 51 24.50 -21.54 1.59
C VAL A 51 26.00 -21.68 1.84
N ALA A 52 26.73 -20.62 1.51
CA ALA A 52 28.18 -20.57 1.69
C ALA A 52 28.57 -20.77 3.13
N ASN A 53 29.66 -21.50 3.35
CA ASN A 53 30.21 -21.64 4.67
C ASN A 53 30.86 -20.33 5.13
N SER A 54 31.44 -19.60 4.18
CA SER A 54 32.10 -18.32 4.45
C SER A 54 32.12 -17.50 3.17
N SER A 55 32.33 -16.19 3.27
CA SER A 55 32.28 -15.32 2.10
C SER A 55 33.38 -15.61 1.09
N ASP A 56 34.51 -16.16 1.55
CA ASP A 56 35.59 -16.55 0.63
C ASP A 56 35.46 -17.97 0.08
N GLN A 57 34.34 -18.64 0.37
CA GLN A 57 34.01 -19.95 -0.15
C GLN A 57 32.54 -19.96 -0.57
N ASP A 58 32.16 -18.94 -1.32
CA ASP A 58 30.78 -18.73 -1.73
C ASP A 58 30.69 -19.11 -3.20
N LYS A 59 30.28 -20.34 -3.45
CA LYS A 59 30.32 -20.95 -4.77
C LYS A 59 28.96 -21.61 -5.04
N PRO A 60 28.04 -20.85 -5.64
CA PRO A 60 26.71 -21.45 -5.89
C PRO A 60 26.80 -22.70 -6.77
N THR A 61 26.01 -23.71 -6.42
CA THR A 61 25.97 -24.91 -7.23
C THR A 61 25.40 -24.60 -8.61
N SER A 62 25.69 -25.48 -9.57
CA SER A 62 25.17 -25.30 -10.91
C SER A 62 23.63 -25.36 -10.88
N GLY A 63 23.00 -24.31 -11.42
CA GLY A 63 21.55 -24.25 -11.54
C GLY A 63 20.76 -23.69 -10.40
N GLU A 64 21.42 -23.22 -9.33
CA GLU A 64 20.68 -22.62 -8.22
C GLU A 64 20.47 -21.13 -8.34
N ILE A 65 20.98 -20.48 -9.39
CA ILE A 65 20.83 -19.02 -9.44
C ILE A 65 20.03 -18.56 -10.67
N PRO A 66 19.06 -17.68 -10.44
CA PRO A 66 18.25 -17.17 -11.54
CA PRO A 66 18.26 -17.18 -11.54
C PRO A 66 19.03 -16.25 -12.49
N THR A 67 18.67 -16.29 -13.77
CA THR A 67 19.26 -15.44 -14.81
C THR A 67 18.17 -14.69 -15.55
N TYR A 68 18.57 -13.68 -16.31
CA TYR A 68 17.62 -12.94 -17.12
C TYR A 68 17.17 -13.77 -18.32
N SER A 69 15.91 -13.59 -18.69
CA SER A 69 15.39 -14.05 -19.97
C SER A 69 15.57 -12.95 -20.99
N THR A 70 15.93 -13.31 -22.23
CA THR A 70 16.05 -12.29 -23.27
C THR A 70 15.89 -12.91 -24.64
N ALA A 71 15.44 -12.10 -25.58
CA ALA A 71 15.35 -12.49 -26.99
C ALA A 71 15.56 -11.28 -27.87
N ARG A 72 16.14 -11.53 -29.04
CA ARG A 72 16.13 -10.58 -30.14
C ARG A 72 15.09 -11.07 -31.14
N ILE A 73 14.14 -10.22 -31.49
CA ILE A 73 13.13 -10.59 -32.48
C ILE A 73 13.42 -9.88 -33.79
N ASN A 74 13.41 -10.66 -34.88
CA ASN A 74 13.52 -10.13 -36.24
C ASN A 74 12.29 -9.32 -36.63
N LEU A 75 12.52 -8.13 -37.18
CA LEU A 75 11.44 -7.30 -37.67
C LEU A 75 11.48 -7.27 -39.20
N PRO A 76 10.34 -6.94 -39.84
CA PRO A 76 10.34 -6.85 -41.31
C PRO A 76 11.44 -5.94 -41.81
N MET A 77 12.16 -6.39 -42.84
CA MET A 77 13.25 -5.60 -43.38
C MET A 77 12.72 -4.33 -44.02
N LEU A 78 13.37 -3.21 -43.73
CA LEU A 78 12.89 -1.89 -44.15
C LEU A 78 13.64 -1.26 -45.33
N ASN A 79 14.95 -1.46 -45.39
CA ASN A 79 15.80 -0.71 -46.31
C ASN A 79 16.54 -1.62 -47.29
N GLU A 80 16.03 -1.72 -48.51
CA GLU A 80 16.70 -2.46 -49.58
C GLU A 80 18.01 -1.78 -49.98
N ASP A 81 18.04 -0.46 -49.87
CA ASP A 81 19.22 0.33 -50.25
C ASP A 81 19.72 1.17 -49.08
N LEU A 82 20.83 0.72 -48.49
CA LEU A 82 21.40 1.35 -47.30
C LEU A 82 22.14 2.67 -47.58
N THR A 83 22.22 3.06 -48.85
CA THR A 83 22.88 4.29 -49.24
C THR A 83 21.90 5.40 -49.63
N CYS A 84 20.62 5.22 -49.34
CA CYS A 84 19.63 6.29 -49.52
C CYS A 84 19.91 7.40 -48.50
N ASN A 85 19.51 8.63 -48.83
CA ASN A 85 19.80 9.80 -48.00
C ASN A 85 19.10 9.74 -46.64
N THR A 86 17.96 9.07 -46.62
CA THR A 86 17.24 8.79 -45.38
C THR A 86 16.90 7.31 -45.41
N LEU A 87 16.67 6.76 -44.22
CA LEU A 87 16.32 5.36 -44.05
C LEU A 87 15.15 5.29 -43.11
N THR A 88 14.56 4.10 -43.03
CA THR A 88 13.43 3.86 -42.15
C THR A 88 13.87 2.92 -41.05
N MET A 89 13.38 3.16 -39.84
CA MET A 89 13.56 2.26 -38.70
C MET A 89 12.24 1.97 -38.05
N TRP A 90 12.11 0.78 -37.48
CA TRP A 90 11.00 0.46 -36.59
C TRP A 90 11.19 1.16 -35.24
N GLU A 91 10.14 1.83 -34.79
CA GLU A 91 10.10 2.54 -33.52
C GLU A 91 9.07 1.87 -32.61
N ALA A 92 9.48 1.42 -31.43
CA ALA A 92 8.57 0.74 -30.52
C ALA A 92 7.78 1.81 -29.77
N VAL A 93 6.46 1.76 -29.92
CA VAL A 93 5.56 2.78 -29.38
C VAL A 93 5.02 2.42 -28.00
N SER A 94 4.65 1.17 -27.82
CA SER A 94 4.01 0.73 -26.60
C SER A 94 4.11 -0.77 -26.46
N VAL A 95 3.88 -1.25 -25.24
CA VAL A 95 3.86 -2.67 -24.97
C VAL A 95 2.75 -2.98 -23.97
N LYS A 96 2.07 -4.08 -24.24
CA LYS A 96 1.20 -4.72 -23.27
C LYS A 96 1.93 -5.96 -22.81
N THR A 97 2.18 -6.04 -21.49
CA THR A 97 2.92 -7.17 -20.95
C THR A 97 2.27 -7.70 -19.67
N GLU A 98 2.30 -9.02 -19.54
CA GLU A 98 1.67 -9.72 -18.43
C GLU A 98 2.50 -10.88 -17.94
N VAL A 99 2.48 -11.10 -16.63
CA VAL A 99 3.01 -12.32 -16.06
C VAL A 99 1.97 -13.43 -16.23
N VAL A 100 2.39 -14.57 -16.77
CA VAL A 100 1.48 -15.64 -17.12
C VAL A 100 1.53 -16.69 -16.01
N GLY A 101 0.37 -17.31 -15.74
CA GLY A 101 0.30 -18.39 -14.79
C GLY A 101 0.27 -18.00 -13.33
N VAL A 102 -0.13 -16.76 -13.04
CA VAL A 102 -0.24 -16.34 -11.64
C VAL A 102 -1.14 -17.29 -10.83
N SER A 103 -2.22 -17.73 -11.46
CA SER A 103 -3.15 -18.64 -10.78
C SER A 103 -2.52 -19.97 -10.37
N SER A 104 -1.42 -20.38 -11.01
CA SER A 104 -0.71 -21.60 -10.59
C SER A 104 -0.21 -21.54 -9.16
N LEU A 105 -0.17 -20.32 -8.56
CA LEU A 105 0.27 -20.17 -7.18
C LEU A 105 -0.86 -20.47 -6.18
N VAL A 106 -2.06 -20.72 -6.69
CA VAL A 106 -3.17 -21.17 -5.87
C VAL A 106 -3.07 -22.70 -5.77
N ASN A 107 -2.08 -23.15 -5.02
CA ASN A 107 -1.79 -24.58 -4.91
C ASN A 107 -1.09 -24.83 -3.61
N VAL A 108 -1.76 -25.53 -2.71
CA VAL A 108 -1.22 -25.82 -1.38
C VAL A 108 -1.25 -27.31 -1.07
N HIS A 109 -1.28 -28.13 -2.12
CA HIS A 109 -1.20 -29.60 -1.94
C HIS A 109 0.07 -30.21 -2.52
N MET A 110 0.99 -29.37 -3.01
CA MET A 110 2.28 -29.90 -3.48
C MET A 110 3.07 -30.47 -2.30
N ALA A 111 4.08 -31.29 -2.60
CA ALA A 111 4.89 -31.92 -1.57
C ALA A 111 5.81 -30.87 -0.97
N THR A 112 5.32 -30.26 0.11
CA THR A 112 5.96 -29.10 0.73
C THR A 112 5.89 -29.23 2.25
N LYS A 113 6.65 -28.38 2.95
CA LYS A 113 6.44 -28.19 4.37
C LYS A 113 4.99 -27.75 4.57
N ARG A 114 4.43 -28.03 5.73
CA ARG A 114 3.01 -27.77 6.02
C ARG A 114 2.80 -26.97 7.27
N MET A 115 1.66 -26.28 7.33
CA MET A 115 1.24 -25.55 8.51
C MET A 115 0.66 -26.47 9.58
N TYR A 116 0.64 -25.97 10.82
CA TYR A 116 -0.10 -26.56 11.95
C TYR A 116 0.14 -28.06 12.19
N ASP A 117 1.38 -28.39 12.58
CA ASP A 117 1.75 -29.74 13.02
C ASP A 117 1.31 -30.80 12.01
N ASP A 118 1.61 -30.53 10.75
CA ASP A 118 1.39 -31.45 9.63
C ASP A 118 -0.08 -31.74 9.35
N LYS A 119 -0.98 -30.87 9.81
CA LYS A 119 -2.40 -31.00 9.56
C LYS A 119 -2.92 -29.94 8.56
N GLY A 120 -2.22 -28.82 8.45
CA GLY A 120 -2.67 -27.70 7.64
C GLY A 120 -2.21 -27.73 6.20
N ILE A 121 -2.39 -26.60 5.52
CA ILE A 121 -1.99 -26.51 4.11
C ILE A 121 -0.50 -26.71 3.89
N GLY A 122 -0.14 -27.16 2.69
CA GLY A 122 1.23 -27.03 2.23
C GLY A 122 1.57 -25.56 2.06
N PHE A 123 2.80 -25.18 2.37
CA PHE A 123 3.19 -23.79 2.15
C PHE A 123 3.06 -23.47 0.66
N PRO A 124 2.38 -22.36 0.31
CA PRO A 124 2.41 -21.96 -1.09
C PRO A 124 3.77 -21.39 -1.43
N VAL A 125 4.02 -21.22 -2.71
CA VAL A 125 5.22 -20.53 -3.15
C VAL A 125 5.16 -19.11 -2.58
N GLU A 126 6.21 -18.71 -1.88
CA GLU A 126 6.15 -17.47 -1.13
C GLU A 126 7.57 -16.93 -0.86
N GLY A 127 7.63 -15.66 -0.50
CA GLY A 127 8.90 -14.99 -0.24
C GLY A 127 9.27 -14.00 -1.32
N MET A 128 10.57 -13.88 -1.56
CA MET A 128 11.12 -12.88 -2.44
C MET A 128 10.43 -12.82 -3.79
N ASN A 129 10.05 -11.62 -4.21
CA ASN A 129 9.59 -11.37 -5.56
C ASN A 129 10.52 -10.39 -6.26
N PHE A 130 10.78 -10.64 -7.53
CA PHE A 130 11.60 -9.75 -8.35
C PHE A 130 11.02 -9.76 -9.74
N HIS A 131 10.62 -8.61 -10.25
CA HIS A 131 9.92 -8.50 -11.52
C HIS A 131 10.53 -7.38 -12.28
N MET A 132 11.01 -7.67 -13.47
CA MET A 132 11.47 -6.60 -14.33
CA MET A 132 11.60 -6.65 -14.35
C MET A 132 11.28 -6.99 -15.79
N PHE A 133 11.09 -5.97 -16.62
CA PHE A 133 11.08 -6.17 -18.06
C PHE A 133 11.73 -4.96 -18.74
N ALA A 134 12.22 -5.18 -19.95
CA ALA A 134 12.84 -4.15 -20.74
C ALA A 134 12.48 -4.39 -22.20
N VAL A 135 12.27 -3.30 -22.92
CA VAL A 135 12.04 -3.29 -24.35
C VAL A 135 12.94 -2.24 -24.98
N GLY A 136 13.76 -2.65 -25.94
CA GLY A 136 14.72 -1.74 -26.54
C GLY A 136 15.06 -2.04 -27.99
N GLY A 137 15.77 -1.11 -28.63
CA GLY A 137 16.22 -1.30 -30.00
C GLY A 137 17.63 -1.84 -30.16
N GLU A 138 18.19 -2.31 -29.06
CA GLU A 138 19.52 -2.88 -28.97
C GLU A 138 19.58 -3.64 -27.64
N PRO A 139 20.64 -4.44 -27.41
CA PRO A 139 20.71 -5.20 -26.16
C PRO A 139 20.64 -4.31 -24.92
N LEU A 140 20.00 -4.81 -23.89
CA LEU A 140 19.99 -4.13 -22.58
C LEU A 140 21.42 -4.01 -22.07
N GLU A 141 21.81 -2.79 -21.69
CA GLU A 141 23.16 -2.53 -21.15
C GLU A 141 23.20 -2.75 -19.65
N LEU A 142 24.19 -3.52 -19.22
CA LEU A 142 24.28 -4.00 -17.85
C LEU A 142 25.43 -3.36 -17.08
N GLN A 143 25.21 -3.21 -15.78
CA GLN A 143 26.24 -2.84 -14.81
C GLN A 143 26.38 -4.02 -13.82
N PHE A 144 27.62 -4.36 -13.49
CA PHE A 144 27.92 -5.37 -12.50
C PHE A 144 27.81 -4.75 -11.12
N LEU A 145 27.09 -5.42 -10.21
CA LEU A 145 27.11 -5.04 -8.79
C LEU A 145 26.68 -6.24 -8.01
N THR A 146 27.43 -6.59 -6.99
CA THR A 146 27.19 -7.83 -6.24
C THR A 146 27.19 -7.61 -4.73
N GLY A 147 26.46 -8.46 -4.00
CA GLY A 147 26.56 -8.49 -2.57
C GLY A 147 27.84 -9.10 -2.02
N ASN A 148 28.56 -9.86 -2.85
CA ASN A 148 29.80 -10.49 -2.42
C ASN A 148 30.80 -10.52 -3.58
N TYR A 149 31.84 -9.70 -3.53
CA TYR A 149 32.77 -9.62 -4.66
C TYR A 149 33.44 -10.96 -4.95
N ARG A 150 33.55 -11.81 -3.95
CA ARG A 150 34.24 -13.09 -4.07
C ARG A 150 33.42 -14.24 -4.60
N THR A 151 32.15 -14.01 -4.92
CA THR A 151 31.33 -15.11 -5.39
C THR A 151 32.03 -15.83 -6.55
N ASP A 152 32.06 -17.16 -6.48
CA ASP A 152 32.76 -17.99 -7.45
C ASP A 152 31.72 -18.69 -8.31
N TYR A 153 31.66 -18.34 -9.61
CA TYR A 153 30.65 -18.85 -10.52
C TYR A 153 31.13 -20.08 -11.33
N SER A 154 32.27 -20.63 -10.95
CA SER A 154 32.92 -21.66 -11.77
C SER A 154 32.22 -23.04 -11.78
N ALA A 155 31.19 -23.25 -10.96
CA ALA A 155 30.37 -24.48 -11.06
C ALA A 155 29.58 -24.54 -12.36
N ASN A 156 29.41 -23.40 -13.02
CA ASN A 156 28.64 -23.34 -14.26
C ASN A 156 29.31 -22.38 -15.22
N ASP A 157 30.11 -22.94 -16.13
CA ASP A 157 30.84 -22.11 -17.08
C ASP A 157 29.96 -21.57 -18.23
N LYS A 158 28.66 -21.84 -18.20
CA LYS A 158 27.78 -21.23 -19.17
C LYS A 158 27.27 -19.87 -18.73
N LEU A 159 27.50 -19.51 -17.47
CA LEU A 159 27.11 -18.17 -16.99
C LEU A 159 28.07 -17.15 -17.58
N VAL A 160 27.59 -15.92 -17.74
CA VAL A 160 28.41 -14.81 -18.20
C VAL A 160 28.63 -13.87 -17.03
N VAL A 161 29.88 -13.84 -16.55
CA VAL A 161 30.31 -13.02 -15.42
C VAL A 161 31.69 -12.41 -15.75
N PRO A 162 32.13 -11.43 -14.96
CA PRO A 162 33.43 -10.83 -15.27
C PRO A 162 34.57 -11.84 -15.07
N PRO A 163 35.66 -11.67 -15.83
CA PRO A 163 36.79 -12.59 -15.66
C PRO A 163 37.69 -12.31 -14.44
N ILE A 164 37.51 -11.16 -13.79
CA ILE A 164 38.32 -10.74 -12.65
C ILE A 164 37.34 -10.33 -11.53
N LYS A 165 37.76 -10.48 -10.28
CA LYS A 165 36.97 -10.06 -9.11
C LYS A 165 37.71 -8.95 -8.39
N HIS A 166 36.96 -8.02 -7.80
CA HIS A 166 37.55 -6.94 -7.02
C HIS A 166 36.57 -6.41 -5.98
N GLN A 167 37.12 -5.99 -4.84
CA GLN A 167 36.37 -5.47 -3.71
C GLN A 167 35.36 -4.38 -4.07
N SER A 168 35.75 -3.51 -4.98
CA SER A 168 34.94 -2.37 -5.39
C SER A 168 33.62 -2.74 -6.05
N THR A 169 33.46 -4.00 -6.46
CA THR A 169 32.24 -4.41 -7.16
C THR A 169 31.05 -4.66 -6.26
N GLN A 170 31.23 -4.46 -4.94
CA GLN A 170 30.12 -4.37 -4.02
C GLN A 170 29.45 -3.00 -4.05
N GLY A 171 30.08 -2.06 -4.72
CA GLY A 171 29.48 -0.80 -5.11
C GLY A 171 29.46 -0.72 -6.62
N LEU A 172 29.30 0.49 -7.14
CA LEU A 172 29.28 0.71 -8.57
C LEU A 172 30.69 1.01 -9.06
N ASN A 173 31.25 0.10 -9.83
CA ASN A 173 32.52 0.32 -10.52
C ASN A 173 32.24 0.28 -12.02
N PRO A 174 32.28 1.45 -12.69
CA PRO A 174 31.92 1.50 -14.12
C PRO A 174 32.84 0.73 -15.08
N HIS A 175 33.96 0.21 -14.58
CA HIS A 175 34.79 -0.68 -15.40
C HIS A 175 34.21 -2.10 -15.58
N TYR A 176 33.12 -2.40 -14.88
CA TYR A 176 32.48 -3.74 -14.90
C TYR A 176 31.08 -3.65 -15.52
N LYS A 177 31.02 -3.77 -16.84
CA LYS A 177 29.76 -3.65 -17.58
CA LYS A 177 29.77 -3.62 -17.60
C LYS A 177 29.62 -4.80 -18.56
N GLN A 178 28.43 -4.94 -19.14
CA GLN A 178 28.16 -6.00 -20.12
C GLN A 178 26.92 -5.60 -20.91
N LYS A 179 26.55 -6.45 -21.87
CA LYS A 179 25.29 -6.32 -22.58
C LYS A 179 24.56 -7.65 -22.52
N LEU A 180 23.25 -7.59 -22.34
CA LEU A 180 22.47 -8.80 -22.17
C LEU A 180 22.21 -9.43 -23.53
N THR A 181 23.11 -10.33 -23.91
CA THR A 181 23.14 -10.90 -25.26
C THR A 181 22.86 -12.39 -25.31
N LYS A 182 22.56 -12.98 -24.15
CA LYS A 182 22.32 -14.44 -24.08
C LYS A 182 21.27 -14.75 -23.05
N ASP A 183 20.28 -15.54 -23.46
CA ASP A 183 19.21 -15.97 -22.59
C ASP A 183 19.74 -16.97 -21.57
N GLY A 184 19.26 -16.84 -20.34
CA GLY A 184 19.54 -17.86 -19.32
C GLY A 184 20.99 -17.99 -18.93
N ALA A 185 21.73 -16.88 -18.95
CA ALA A 185 23.17 -16.90 -18.74
C ALA A 185 23.72 -15.80 -17.83
N PHE A 186 23.03 -14.66 -17.74
CA PHE A 186 23.48 -13.50 -16.96
C PHE A 186 22.78 -13.51 -15.62
N PRO A 187 23.52 -13.78 -14.53
CA PRO A 187 22.85 -13.84 -13.23
C PRO A 187 22.27 -12.52 -12.77
N VAL A 188 21.05 -12.58 -12.27
CA VAL A 188 20.34 -11.47 -11.68
CA VAL A 188 20.44 -11.35 -11.80
C VAL A 188 21.12 -10.87 -10.52
N GLU A 189 21.72 -11.76 -9.73
CA GLU A 189 22.36 -11.34 -8.49
C GLU A 189 23.57 -10.44 -8.69
N CYS A 190 24.12 -10.39 -9.90
CA CYS A 190 25.33 -9.60 -10.11
C CYS A 190 25.28 -8.65 -11.31
N TRP A 191 24.20 -8.67 -12.07
CA TRP A 191 24.02 -7.76 -13.19
C TRP A 191 22.69 -7.02 -13.06
N CYS A 192 22.71 -5.71 -13.24
CA CYS A 192 21.53 -4.87 -13.20
C CYS A 192 21.56 -3.92 -14.41
N PRO A 193 20.44 -3.28 -14.74
CA PRO A 193 20.47 -2.32 -15.85
C PRO A 193 21.46 -1.19 -15.53
N ASP A 194 22.22 -0.77 -16.54
CA ASP A 194 23.16 0.36 -16.43
C ASP A 194 22.39 1.66 -16.64
N PRO A 195 22.17 2.45 -15.58
CA PRO A 195 21.35 3.65 -15.75
C PRO A 195 22.08 4.78 -16.49
N SER A 196 23.39 4.65 -16.67
CA SER A 196 24.17 5.64 -17.40
C SER A 196 24.12 5.43 -18.91
N LYS A 197 23.55 4.31 -19.35
CA LYS A 197 23.37 4.04 -20.76
C LYS A 197 21.90 3.75 -20.98
N ASN A 198 21.57 2.74 -21.79
CA ASN A 198 20.18 2.42 -22.07
C ASN A 198 19.32 3.59 -22.57
N GLU A 199 19.91 4.46 -23.36
CA GLU A 199 19.16 5.56 -23.98
C GLU A 199 18.11 5.05 -24.97
N ASN A 200 18.29 3.82 -25.47
CA ASN A 200 17.43 3.27 -26.52
C ASN A 200 16.67 2.04 -26.02
N THR A 201 16.51 1.94 -24.70
CA THR A 201 15.77 0.86 -24.05
C THR A 201 14.96 1.47 -22.91
N ARG A 202 13.78 0.96 -22.67
CA ARG A 202 13.00 1.30 -21.47
C ARG A 202 12.99 0.09 -20.56
N TYR A 203 13.31 0.26 -19.28
CA TYR A 203 13.19 -0.84 -18.33
C TYR A 203 12.44 -0.42 -17.08
N TYR A 204 11.81 -1.41 -16.46
CA TYR A 204 10.95 -1.24 -15.30
C TYR A 204 11.18 -2.42 -14.40
N GLY A 205 11.40 -2.19 -13.12
CA GLY A 205 11.70 -3.26 -12.20
C GLY A 205 11.21 -3.01 -10.77
N SER A 206 10.97 -4.12 -10.07
CA SER A 206 10.62 -4.08 -8.64
C SER A 206 11.18 -5.28 -7.90
N TYR A 207 11.40 -5.09 -6.61
CA TYR A 207 11.88 -6.11 -5.71
C TYR A 207 11.12 -6.00 -4.40
N THR A 208 10.58 -7.14 -3.94
CA THR A 208 10.02 -7.23 -2.60
C THR A 208 10.72 -8.41 -1.94
N GLY A 209 11.42 -8.14 -0.84
CA GLY A 209 12.27 -9.14 -0.23
C GLY A 209 11.65 -9.82 0.97
N GLY A 210 12.48 -10.12 1.96
CA GLY A 210 12.03 -10.85 3.14
C GLY A 210 12.04 -12.36 2.93
N GLN A 211 11.68 -13.08 3.99
CA GLN A 211 11.80 -14.55 4.01
C GLN A 211 10.62 -15.36 3.45
N SER A 212 9.43 -15.08 3.96
CA SER A 212 8.21 -15.82 3.62
CA SER A 212 8.23 -15.82 3.61
C SER A 212 7.11 -14.88 3.15
N THR A 213 7.52 -13.71 2.66
CA THR A 213 6.63 -12.61 2.29
C THR A 213 5.54 -13.03 1.32
N PRO A 214 4.30 -12.59 1.56
CA PRO A 214 3.26 -12.88 0.56
C PRO A 214 3.63 -12.30 -0.82
N PRO A 215 3.61 -13.13 -1.89
CA PRO A 215 3.66 -12.56 -3.24
C PRO A 215 2.41 -11.73 -3.51
N VAL A 216 2.57 -10.56 -4.12
CA VAL A 216 1.46 -9.69 -4.48
C VAL A 216 1.57 -9.48 -5.98
N LEU A 217 0.61 -10.03 -6.73
CA LEU A 217 0.72 -10.14 -8.18
C LEU A 217 -0.58 -9.75 -8.84
N GLN A 218 -0.48 -9.13 -10.00
CA GLN A 218 -1.69 -8.76 -10.79
C GLN A 218 -1.54 -9.30 -12.20
N PHE A 219 -2.69 -9.50 -12.87
CA PHE A 219 -2.71 -9.88 -14.28
C PHE A 219 -3.96 -9.31 -14.92
N THR A 220 -3.80 -8.72 -16.11
CA THR A 220 -4.90 -8.13 -16.85
C THR A 220 -4.43 -7.94 -18.28
N ASN A 221 -5.38 -7.96 -19.20
CA ASN A 221 -5.10 -7.66 -20.59
C ASN A 221 -5.50 -6.25 -21.01
N THR A 222 -5.60 -5.34 -20.03
CA THR A 222 -6.15 -4.01 -20.29
C THR A 222 -5.15 -2.86 -20.12
N VAL A 223 -3.90 -3.18 -19.84
CA VAL A 223 -2.91 -2.13 -19.52
C VAL A 223 -1.86 -2.02 -20.62
N THR A 224 -1.71 -0.80 -21.12
CA THR A 224 -0.70 -0.48 -22.14
C THR A 224 0.37 0.42 -21.53
N THR A 225 1.63 0.06 -21.72
CA THR A 225 2.77 0.85 -21.26
C THR A 225 3.33 1.61 -22.46
N VAL A 226 3.35 2.94 -22.39
CA VAL A 226 3.87 3.75 -23.47
C VAL A 226 5.40 3.79 -23.38
N LEU A 227 6.06 3.52 -24.50
CA LEU A 227 7.53 3.42 -24.57
C LEU A 227 8.16 4.70 -25.12
N LEU A 228 7.35 5.64 -25.56
CA LEU A 228 7.87 6.91 -26.04
C LEU A 228 8.52 7.67 -24.90
N ASP A 229 9.65 8.31 -25.19
CA ASP A 229 10.31 9.17 -24.20
C ASP A 229 9.65 10.55 -24.12
N GLU A 230 10.26 11.44 -23.33
CA GLU A 230 9.78 12.81 -23.16
C GLU A 230 9.73 13.62 -24.44
N ASN A 231 10.44 13.19 -25.47
CA ASN A 231 10.40 13.85 -26.77
C ASN A 231 9.48 13.17 -27.79
N GLY A 232 8.73 12.16 -27.35
CA GLY A 232 7.80 11.44 -28.20
C GLY A 232 8.46 10.42 -29.11
N VAL A 233 9.63 9.96 -28.73
CA VAL A 233 10.39 8.99 -29.52
C VAL A 233 10.54 7.70 -28.75
N GLY A 234 10.20 6.60 -29.38
CA GLY A 234 10.36 5.31 -28.77
C GLY A 234 11.70 4.68 -29.12
N PRO A 235 11.99 3.52 -28.54
CA PRO A 235 13.19 2.79 -28.95
C PRO A 235 13.23 2.56 -30.46
N LEU A 236 14.41 2.74 -31.04
CA LEU A 236 14.60 2.63 -32.48
C LEU A 236 15.39 1.35 -32.72
N CYS A 237 14.82 0.45 -33.51
CA CYS A 237 15.35 -0.92 -33.62
C CYS A 237 16.51 -1.02 -34.62
N LYS A 238 17.71 -0.97 -34.08
CA LYS A 238 18.91 -1.00 -34.88
C LYS A 238 19.05 -2.36 -35.58
N GLY A 239 19.33 -2.32 -36.88
CA GLY A 239 19.44 -3.56 -37.64
C GLY A 239 18.14 -4.34 -37.73
N ASP A 240 17.02 -3.64 -37.55
CA ASP A 240 15.68 -4.23 -37.56
C ASP A 240 15.54 -5.36 -36.53
N GLY A 241 16.18 -5.19 -35.38
CA GLY A 241 16.03 -6.12 -34.24
C GLY A 241 15.37 -5.45 -33.06
N LEU A 242 14.44 -6.17 -32.42
CA LEU A 242 13.73 -5.72 -31.24
C LEU A 242 14.20 -6.58 -30.07
N TYR A 243 14.57 -5.95 -28.95
CA TYR A 243 15.17 -6.67 -27.83
C TYR A 243 14.23 -6.64 -26.64
N VAL A 244 13.93 -7.83 -26.12
CA VAL A 244 12.99 -7.95 -25.01
C VAL A 244 13.65 -8.79 -23.92
N SER A 245 13.54 -8.33 -22.68
CA SER A 245 14.26 -8.95 -21.56
C SER A 245 13.36 -8.93 -20.33
N CYS A 246 13.48 -9.91 -19.45
CA CYS A 246 12.68 -9.89 -18.22
C CYS A 246 13.22 -10.87 -17.19
N CYS A 247 12.65 -10.77 -15.99
CA CYS A 247 12.82 -11.78 -14.96
C CYS A 247 11.62 -11.64 -14.04
N ASP A 248 11.02 -12.78 -13.66
CA ASP A 248 9.85 -12.77 -12.80
C ASP A 248 9.92 -13.90 -11.76
N ILE A 249 10.56 -13.59 -10.64
CA ILE A 249 10.65 -14.48 -9.50
C ILE A 249 9.43 -14.22 -8.62
N VAL A 250 8.69 -15.27 -8.31
CA VAL A 250 7.47 -15.17 -7.51
C VAL A 250 7.61 -15.76 -6.11
N GLY A 251 8.76 -16.33 -5.80
CA GLY A 251 9.03 -16.80 -4.45
C GLY A 251 9.80 -18.08 -4.45
N PHE A 252 9.71 -18.78 -3.32
CA PHE A 252 10.37 -20.08 -3.13
C PHE A 252 9.35 -21.15 -2.87
N LEU A 253 9.61 -22.33 -3.42
CA LEU A 253 8.95 -23.56 -3.04
C LEU A 253 9.70 -24.17 -1.88
N VAL A 254 9.00 -24.46 -0.79
CA VAL A 254 9.63 -25.01 0.40
C VAL A 254 9.31 -26.51 0.48
N GLY A 255 10.32 -27.33 0.23
CA GLY A 255 10.14 -28.75 0.27
C GLY A 255 9.91 -29.24 1.68
N LYS A 256 9.50 -30.51 1.78
CA LYS A 256 9.18 -31.10 3.07
C LYS A 256 10.25 -30.99 4.13
N ASP A 257 11.51 -31.07 3.70
CA ASP A 257 12.67 -31.03 4.60
CA ASP A 257 12.62 -31.01 4.66
C ASP A 257 13.17 -29.60 4.85
N GLY A 258 12.56 -28.61 4.21
CA GLY A 258 13.02 -27.23 4.33
C GLY A 258 13.89 -26.76 3.18
N ASP A 259 14.25 -27.66 2.27
CA ASP A 259 14.98 -27.34 1.03
CA ASP A 259 15.01 -27.28 1.09
C ASP A 259 14.15 -26.37 0.21
N MET A 260 14.78 -25.37 -0.38
CA MET A 260 14.06 -24.35 -1.11
C MET A 260 14.58 -24.15 -2.53
N GLN A 261 13.65 -23.81 -3.43
CA GLN A 261 13.94 -23.51 -4.83
C GLN A 261 13.20 -22.24 -5.25
N TYR A 262 13.88 -21.39 -6.00
CA TYR A 262 13.21 -20.28 -6.68
C TYR A 262 12.15 -20.81 -7.62
N ARG A 263 11.04 -20.07 -7.70
CA ARG A 263 10.02 -20.31 -8.69
C ARG A 263 9.85 -19.06 -9.54
N GLY A 264 9.87 -19.24 -10.86
CA GLY A 264 9.61 -18.14 -11.81
C GLY A 264 8.42 -18.40 -12.69
N LEU A 265 7.88 -17.34 -13.29
CA LEU A 265 6.76 -17.45 -14.23
C LEU A 265 7.12 -16.79 -15.57
N PRO A 266 6.48 -17.24 -16.64
CA PRO A 266 6.73 -16.65 -17.96
C PRO A 266 6.12 -15.26 -18.07
N ARG A 267 6.62 -14.49 -19.04
CA ARG A 267 6.05 -13.18 -19.32
C ARG A 267 5.70 -13.06 -20.80
N TYR A 268 4.52 -12.51 -21.05
CA TYR A 268 3.99 -12.26 -22.37
C TYR A 268 4.21 -10.81 -22.75
N PHE A 269 4.45 -10.57 -24.05
CA PHE A 269 4.60 -9.20 -24.57
C PHE A 269 3.83 -9.04 -25.88
N ASN A 270 3.17 -7.90 -26.04
CA ASN A 270 2.57 -7.48 -27.29
C ASN A 270 3.05 -6.05 -27.53
N ILE A 271 3.91 -5.90 -28.54
CA ILE A 271 4.61 -4.64 -28.79
C ILE A 271 4.13 -4.06 -30.10
N LEU A 272 3.74 -2.79 -30.07
CA LEU A 272 3.35 -2.05 -31.24
C LEU A 272 4.51 -1.20 -31.74
N LEU A 273 4.86 -1.36 -33.02
CA LEU A 273 5.91 -0.58 -33.66
C LEU A 273 5.39 0.17 -34.87
N ARG A 274 6.05 1.29 -35.14
CA ARG A 274 5.72 2.16 -36.28
C ARG A 274 6.98 2.53 -37.04
N LYS A 275 6.79 2.86 -38.32
CA LYS A 275 7.89 3.25 -39.16
C LYS A 275 8.26 4.72 -38.94
N ARG A 276 9.56 4.95 -38.75
CA ARG A 276 10.11 6.27 -38.51
C ARG A 276 11.23 6.51 -39.52
N THR A 277 11.15 7.64 -40.23
CA THR A 277 12.24 8.06 -41.08
C THR A 277 13.35 8.64 -40.23
N VAL A 278 14.60 8.29 -40.57
CA VAL A 278 15.76 8.84 -39.90
C VAL A 278 16.75 9.30 -40.95
N ARG A 279 17.61 10.24 -40.56
CA ARG A 279 18.60 10.74 -41.51
C ARG A 279 19.73 9.72 -41.67
N ASN A 280 20.22 9.58 -42.89
CA ASN A 280 21.33 8.66 -43.20
C ASN A 280 22.48 9.44 -43.84
N ILE B 10 -13.86 -8.95 -36.39
CA ILE B 10 -15.14 -8.25 -36.75
C ILE B 10 -14.84 -6.82 -37.21
N GLU B 11 -15.41 -6.43 -38.33
CA GLU B 11 -15.28 -5.06 -38.84
C GLU B 11 -16.36 -4.20 -38.19
N VAL B 12 -15.94 -3.36 -37.24
CA VAL B 12 -16.85 -2.55 -36.44
C VAL B 12 -17.22 -1.25 -37.16
N LEU B 13 -18.52 -0.94 -37.20
CA LEU B 13 -19.04 0.28 -37.82
C LEU B 13 -19.68 1.15 -36.72
N ASN B 14 -20.77 1.86 -37.02
CA ASN B 14 -21.32 2.81 -36.06
C ASN B 14 -22.20 2.21 -34.97
N LEU B 15 -22.32 2.98 -33.88
CA LEU B 15 -23.27 2.70 -32.81
C LEU B 15 -24.71 2.93 -33.29
N VAL B 16 -25.63 2.12 -32.79
CA VAL B 16 -27.07 2.31 -33.03
C VAL B 16 -27.64 3.21 -31.92
N THR B 17 -28.24 4.33 -32.30
CA THR B 17 -28.78 5.29 -31.31
C THR B 17 -30.28 5.09 -31.06
N GLY B 18 -30.74 5.47 -29.87
CA GLY B 18 -32.16 5.40 -29.49
C GLY B 18 -32.34 4.73 -28.14
N SER B 21 -31.71 0.78 -27.65
CA SER B 21 -30.32 0.57 -28.09
C SER B 21 -29.36 0.21 -26.96
N ILE B 22 -29.83 0.29 -25.71
CA ILE B 22 -29.02 -0.10 -24.54
C ILE B 22 -29.80 -1.12 -23.73
N THR B 23 -29.08 -2.03 -23.07
CA THR B 23 -29.71 -2.93 -22.14
C THR B 23 -28.71 -3.22 -21.00
N THR B 24 -29.19 -3.77 -19.90
CA THR B 24 -28.31 -4.21 -18.82
C THR B 24 -28.58 -5.68 -18.52
N ILE B 25 -27.55 -6.35 -18.01
CA ILE B 25 -27.62 -7.74 -17.57
C ILE B 25 -27.11 -7.81 -16.16
N GLU B 26 -27.90 -8.40 -15.28
CA GLU B 26 -27.53 -8.54 -13.88
C GLU B 26 -27.50 -10.01 -13.51
N LEU B 27 -26.47 -10.41 -12.77
CA LEU B 27 -26.33 -11.80 -12.32
C LEU B 27 -25.34 -11.87 -11.18
N TYR B 28 -25.28 -13.03 -10.55
CA TYR B 28 -24.20 -13.35 -9.66
C TYR B 28 -23.69 -14.74 -10.01
N LEU B 29 -22.47 -15.00 -9.59
CA LEU B 29 -21.89 -16.35 -9.66
C LEU B 29 -21.51 -16.78 -8.25
N ASN B 30 -21.96 -17.96 -7.85
CA ASN B 30 -21.52 -18.55 -6.61
C ASN B 30 -20.11 -19.09 -6.75
N THR B 31 -19.42 -19.17 -5.62
CA THR B 31 -18.04 -19.65 -5.58
C THR B 31 -17.92 -21.14 -5.84
N ARG B 32 -16.80 -21.57 -6.41
CA ARG B 32 -16.52 -22.95 -6.70
C ARG B 32 -15.19 -23.37 -6.06
N MET B 33 -15.24 -23.53 -4.76
CA MET B 33 -14.05 -23.87 -3.98
C MET B 33 -13.78 -25.36 -3.90
N GLY B 34 -14.79 -26.19 -4.23
CA GLY B 34 -14.60 -27.63 -4.21
C GLY B 34 -15.82 -28.40 -3.79
N GLN B 35 -16.46 -27.96 -2.71
CA GLN B 35 -17.78 -28.50 -2.35
C GLN B 35 -18.76 -27.51 -2.96
N ASN B 36 -19.24 -27.83 -4.15
CA ASN B 36 -19.97 -26.87 -4.96
C ASN B 36 -21.47 -27.17 -5.01
N ASP B 37 -21.92 -28.12 -4.19
CA ASP B 37 -23.34 -28.45 -4.13
C ASP B 37 -24.00 -27.62 -3.02
N GLU B 38 -24.87 -26.72 -3.43
CA GLU B 38 -25.58 -25.80 -2.54
C GLU B 38 -26.45 -26.45 -1.48
N SER B 39 -26.73 -27.74 -1.61
CA SER B 39 -27.58 -28.46 -0.65
C SER B 39 -26.75 -29.30 0.34
N LYS B 40 -25.43 -29.29 0.19
CA LYS B 40 -24.56 -30.12 1.02
C LYS B 40 -23.75 -29.28 1.97
N ASP B 41 -23.34 -29.91 3.10
CA ASP B 41 -22.48 -29.26 4.08
C ASP B 41 -21.20 -28.80 3.42
N ASN B 42 -20.56 -27.79 3.99
CA ASN B 42 -19.29 -27.26 3.46
C ASN B 42 -19.42 -26.52 2.14
N TYR B 43 -20.64 -26.14 1.75
CA TYR B 43 -20.81 -25.39 0.55
C TYR B 43 -20.06 -24.05 0.62
N GLY B 44 -19.40 -23.67 -0.47
CA GLY B 44 -18.64 -22.43 -0.49
C GLY B 44 -17.25 -22.55 0.12
N TYR B 45 -16.88 -23.76 0.50
CA TYR B 45 -15.54 -24.12 0.95
C TYR B 45 -15.01 -25.27 0.11
N SER B 46 -13.70 -25.49 0.14
CA SER B 46 -13.15 -26.74 -0.39
C SER B 46 -13.33 -27.85 0.67
N GLU B 47 -13.15 -29.08 0.21
CA GLU B 47 -12.88 -30.18 1.13
C GLU B 47 -11.52 -29.90 1.81
N LYS B 48 -11.24 -30.62 2.88
CA LYS B 48 -9.95 -30.46 3.58
C LYS B 48 -8.76 -30.58 2.64
N VAL B 49 -7.82 -29.63 2.74
CA VAL B 49 -6.60 -29.68 1.97
C VAL B 49 -5.71 -30.84 2.44
N THR B 50 -5.15 -31.57 1.47
CA THR B 50 -4.17 -32.63 1.76
C THR B 50 -2.88 -32.27 1.05
N VAL B 51 -1.79 -32.92 1.45
CA VAL B 51 -0.48 -32.53 0.97
C VAL B 51 0.24 -33.75 0.42
N ALA B 52 0.72 -33.65 -0.80
CA ALA B 52 1.45 -34.74 -1.45
C ALA B 52 2.65 -35.25 -0.66
N ASN B 53 2.83 -36.57 -0.65
CA ASN B 53 4.00 -37.18 -0.02
C ASN B 53 5.25 -36.87 -0.85
N SER B 54 5.10 -36.77 -2.16
CA SER B 54 6.17 -36.43 -3.09
C SER B 54 5.55 -35.87 -4.35
N SER B 55 6.34 -35.24 -5.21
CA SER B 55 5.78 -34.61 -6.40
CA SER B 55 5.84 -34.62 -6.42
C SER B 55 5.20 -35.65 -7.36
N ASP B 56 5.73 -36.88 -7.32
CA ASP B 56 5.23 -37.98 -8.14
C ASP B 56 3.91 -38.53 -7.68
N GLN B 57 3.59 -38.32 -6.40
CA GLN B 57 2.41 -38.91 -5.79
C GLN B 57 1.33 -37.85 -5.56
N ASP B 58 1.43 -36.72 -6.25
CA ASP B 58 0.61 -35.55 -5.98
C ASP B 58 -0.76 -35.72 -6.64
N LYS B 59 -1.74 -36.10 -5.85
CA LYS B 59 -3.08 -36.41 -6.34
C LYS B 59 -4.09 -35.77 -5.41
N PRO B 60 -4.57 -34.56 -5.75
CA PRO B 60 -5.52 -33.93 -4.84
C PRO B 60 -6.78 -34.74 -4.65
N THR B 61 -7.31 -34.73 -3.46
CA THR B 61 -8.58 -35.42 -3.21
C THR B 61 -9.73 -34.72 -3.95
N SER B 62 -10.80 -35.46 -4.17
CA SER B 62 -11.97 -34.88 -4.85
C SER B 62 -12.53 -33.75 -3.98
N GLY B 63 -12.68 -32.59 -4.60
CA GLY B 63 -13.29 -31.43 -3.93
C GLY B 63 -12.34 -30.53 -3.17
N GLU B 64 -11.04 -30.78 -3.18
CA GLU B 64 -10.11 -29.88 -2.45
C GLU B 64 -9.51 -28.75 -3.29
N ILE B 65 -9.88 -28.65 -4.56
CA ILE B 65 -9.28 -27.63 -5.38
C ILE B 65 -10.30 -26.66 -6.01
N PRO B 66 -10.01 -25.38 -5.88
CA PRO B 66 -10.91 -24.39 -6.47
CA PRO B 66 -10.89 -24.38 -6.47
C PRO B 66 -10.89 -24.38 -7.99
N THR B 67 -12.03 -24.03 -8.57
CA THR B 67 -12.18 -23.94 -10.00
C THR B 67 -12.80 -22.60 -10.35
N TYR B 68 -12.75 -22.25 -11.64
CA TYR B 68 -13.40 -21.02 -12.10
C TYR B 68 -14.91 -21.14 -12.08
N SER B 69 -15.57 -20.05 -11.71
CA SER B 69 -17.00 -19.88 -11.93
C SER B 69 -17.23 -19.25 -13.30
N THR B 70 -18.26 -19.71 -14.02
CA THR B 70 -18.57 -19.11 -15.31
C THR B 70 -20.01 -19.36 -15.73
N ALA B 71 -20.55 -18.43 -16.51
CA ALA B 71 -21.88 -18.59 -17.13
C ALA B 71 -21.92 -17.85 -18.42
N ARG B 72 -22.77 -18.36 -19.31
CA ARG B 72 -23.14 -17.70 -20.55
C ARG B 72 -24.57 -17.20 -20.44
N ILE B 73 -24.77 -15.93 -20.74
CA ILE B 73 -26.10 -15.33 -20.69
C ILE B 73 -26.55 -15.15 -22.12
N ASN B 74 -27.79 -15.55 -22.40
CA ASN B 74 -28.40 -15.34 -23.70
C ASN B 74 -28.95 -13.93 -23.76
N LEU B 75 -28.50 -13.16 -24.74
CA LEU B 75 -28.98 -11.80 -24.91
C LEU B 75 -30.15 -11.80 -25.89
N PRO B 76 -30.91 -10.69 -25.91
CA PRO B 76 -32.00 -10.53 -26.88
C PRO B 76 -31.51 -10.71 -28.32
N MET B 77 -32.20 -11.57 -29.08
CA MET B 77 -31.80 -11.89 -30.45
C MET B 77 -31.93 -10.65 -31.33
N LEU B 78 -30.88 -10.32 -32.08
CA LEU B 78 -30.93 -9.21 -33.02
C LEU B 78 -31.01 -9.75 -34.45
N THR B 86 -24.66 -5.60 -43.36
CA THR B 86 -24.34 -5.42 -41.93
C THR B 86 -25.24 -6.20 -40.98
N LEU B 87 -24.78 -6.34 -39.74
CA LEU B 87 -25.55 -6.99 -38.68
C LEU B 87 -25.43 -6.14 -37.44
N THR B 88 -26.30 -6.39 -36.47
CA THR B 88 -26.22 -5.71 -35.17
C THR B 88 -25.80 -6.71 -34.10
N MET B 89 -24.85 -6.29 -33.25
CA MET B 89 -24.36 -7.10 -32.15
C MET B 89 -24.45 -6.32 -30.87
N TRP B 90 -24.55 -7.04 -29.77
CA TRP B 90 -24.49 -6.43 -28.45
C TRP B 90 -23.03 -6.22 -28.10
N GLU B 91 -22.74 -5.01 -27.59
CA GLU B 91 -21.40 -4.62 -27.21
C GLU B 91 -21.40 -4.31 -25.72
N ALA B 92 -20.55 -4.99 -24.97
CA ALA B 92 -20.48 -4.75 -23.52
C ALA B 92 -19.64 -3.49 -23.29
N VAL B 93 -20.22 -2.50 -22.65
CA VAL B 93 -19.59 -1.18 -22.48
C VAL B 93 -18.87 -1.06 -21.14
N SER B 94 -19.52 -1.55 -20.09
CA SER B 94 -19.01 -1.42 -18.73
C SER B 94 -19.62 -2.45 -17.83
N VAL B 95 -19.02 -2.60 -16.66
CA VAL B 95 -19.53 -3.51 -15.66
C VAL B 95 -19.31 -2.94 -14.27
N LYS B 96 -20.32 -3.09 -13.43
CA LYS B 96 -20.21 -2.86 -12.00
CA LYS B 96 -20.21 -2.86 -12.00
C LYS B 96 -20.18 -4.23 -11.35
N THR B 97 -19.08 -4.55 -10.67
CA THR B 97 -18.93 -5.87 -10.07
C THR B 97 -18.42 -5.75 -8.64
N GLU B 98 -18.90 -6.62 -7.76
CA GLU B 98 -18.50 -6.60 -6.36
C GLU B 98 -18.59 -7.98 -5.76
N VAL B 99 -17.74 -8.23 -4.77
CA VAL B 99 -17.75 -9.46 -4.01
C VAL B 99 -18.83 -9.35 -2.95
N VAL B 100 -19.63 -10.40 -2.81
CA VAL B 100 -20.79 -10.45 -1.92
C VAL B 100 -20.40 -11.15 -0.61
N GLY B 101 -20.98 -10.68 0.51
CA GLY B 101 -20.80 -11.38 1.76
C GLY B 101 -19.47 -11.16 2.46
N VAL B 102 -18.80 -10.07 2.14
CA VAL B 102 -17.51 -9.78 2.78
C VAL B 102 -17.66 -9.75 4.31
N SER B 103 -18.79 -9.21 4.81
CA SER B 103 -19.02 -9.11 6.25
C SER B 103 -19.10 -10.47 6.96
N SER B 104 -19.38 -11.54 6.20
CA SER B 104 -19.38 -12.90 6.77
C SER B 104 -18.02 -13.28 7.36
N LEU B 105 -16.96 -12.57 6.94
CA LEU B 105 -15.61 -12.82 7.48
C LEU B 105 -15.42 -12.21 8.86
N VAL B 106 -16.40 -11.42 9.33
CA VAL B 106 -16.38 -10.91 10.70
C VAL B 106 -17.00 -11.98 11.61
N ASN B 107 -16.23 -13.03 11.84
CA ASN B 107 -16.73 -14.18 12.57
C ASN B 107 -15.53 -14.91 13.14
N VAL B 108 -15.43 -14.86 14.46
CA VAL B 108 -14.35 -15.50 15.19
C VAL B 108 -14.84 -16.45 16.30
N HIS B 109 -16.08 -16.94 16.18
CA HIS B 109 -16.60 -17.94 17.10
C HIS B 109 -16.86 -19.32 16.47
N MET B 110 -16.46 -19.51 15.22
CA MET B 110 -16.64 -20.81 14.59
C MET B 110 -15.68 -21.83 15.20
N ALA B 111 -15.95 -23.10 14.93
CA ALA B 111 -15.16 -24.20 15.48
C ALA B 111 -13.84 -24.24 14.77
N THR B 112 -12.90 -23.48 15.29
CA THR B 112 -11.58 -23.26 14.66
C THR B 112 -10.47 -23.33 15.69
N LYS B 113 -9.22 -23.37 15.23
CA LYS B 113 -8.09 -23.10 16.12
C LYS B 113 -8.29 -21.71 16.73
N ARG B 114 -7.72 -21.47 17.90
CA ARG B 114 -7.93 -20.17 18.54
C ARG B 114 -6.62 -19.59 19.11
N MET B 115 -6.64 -18.29 19.31
CA MET B 115 -5.52 -17.55 19.88
C MET B 115 -5.37 -17.70 21.39
N TYR B 116 -4.16 -17.40 21.84
CA TYR B 116 -3.83 -17.23 23.26
C TYR B 116 -4.30 -18.36 24.19
N ASP B 117 -3.67 -19.52 24.03
CA ASP B 117 -3.78 -20.63 24.99
C ASP B 117 -5.23 -21.00 25.20
N ASP B 118 -5.96 -21.11 24.10
CA ASP B 118 -7.38 -21.49 24.09
C ASP B 118 -8.33 -20.51 24.80
N LYS B 119 -7.92 -19.25 24.96
CA LYS B 119 -8.75 -18.22 25.57
C LYS B 119 -9.20 -17.11 24.62
N GLY B 120 -8.46 -16.91 23.54
CA GLY B 120 -8.76 -15.80 22.62
C GLY B 120 -9.68 -16.17 21.48
N ILE B 121 -9.73 -15.30 20.48
CA ILE B 121 -10.65 -15.49 19.38
C ILE B 121 -10.34 -16.74 18.58
N GLY B 122 -11.36 -17.27 17.92
CA GLY B 122 -11.11 -18.26 16.88
C GLY B 122 -10.40 -17.59 15.73
N PHE B 123 -9.55 -18.32 15.02
CA PHE B 123 -8.89 -17.71 13.88
C PHE B 123 -9.93 -17.33 12.83
N PRO B 124 -9.88 -16.11 12.32
CA PRO B 124 -10.76 -15.80 11.19
C PRO B 124 -10.27 -16.46 9.91
N VAL B 125 -11.12 -16.48 8.89
CA VAL B 125 -10.69 -16.97 7.58
C VAL B 125 -9.58 -16.04 7.11
N GLU B 126 -8.42 -16.60 6.77
CA GLU B 126 -7.24 -15.79 6.48
C GLU B 126 -6.28 -16.55 5.61
N GLY B 127 -5.32 -15.82 5.07
CA GLY B 127 -4.34 -16.38 4.15
C GLY B 127 -4.56 -15.95 2.70
N MET B 128 -4.19 -16.85 1.81
CA MET B 128 -4.19 -16.61 0.37
C MET B 128 -5.49 -16.01 -0.12
N ASN B 129 -5.38 -14.92 -0.89
CA ASN B 129 -6.47 -14.32 -1.62
C ASN B 129 -6.20 -14.36 -3.11
N PHE B 130 -7.23 -14.66 -3.88
CA PHE B 130 -7.11 -14.70 -5.34
C PHE B 130 -8.43 -14.18 -5.87
N HIS B 131 -8.38 -13.10 -6.65
CA HIS B 131 -9.58 -12.47 -7.15
C HIS B 131 -9.43 -12.17 -8.60
N MET B 132 -10.34 -12.70 -9.40
CA MET B 132 -10.35 -12.38 -10.81
C MET B 132 -11.75 -12.37 -11.37
N PHE B 133 -11.97 -11.55 -12.38
CA PHE B 133 -13.20 -11.64 -13.15
C PHE B 133 -12.90 -11.35 -14.59
N ALA B 134 -13.80 -11.81 -15.45
CA ALA B 134 -13.70 -11.56 -16.88
C ALA B 134 -15.10 -11.39 -17.45
N VAL B 135 -15.21 -10.47 -18.41
CA VAL B 135 -16.44 -10.28 -19.21
C VAL B 135 -16.03 -10.27 -20.67
N GLY B 136 -16.68 -11.12 -21.47
CA GLY B 136 -16.39 -11.19 -22.88
C GLY B 136 -17.55 -11.62 -23.75
N GLY B 137 -17.33 -11.59 -25.06
CA GLY B 137 -18.35 -11.95 -26.04
C GLY B 137 -18.22 -13.37 -26.57
N GLU B 138 -17.42 -14.16 -25.85
CA GLU B 138 -17.10 -15.54 -26.18
C GLU B 138 -16.38 -16.11 -24.96
N PRO B 139 -16.21 -17.44 -24.88
CA PRO B 139 -15.56 -18.02 -23.72
C PRO B 139 -14.16 -17.46 -23.44
N LEU B 140 -13.83 -17.33 -22.16
CA LEU B 140 -12.51 -16.94 -21.74
C LEU B 140 -11.53 -17.99 -22.26
N GLU B 141 -10.47 -17.55 -22.92
CA GLU B 141 -9.48 -18.48 -23.48
C GLU B 141 -8.37 -18.71 -22.45
N LEU B 142 -8.04 -19.99 -22.20
CA LEU B 142 -7.15 -20.40 -21.14
C LEU B 142 -5.84 -20.97 -21.66
N GLN B 143 -4.78 -20.74 -20.89
CA GLN B 143 -3.48 -21.34 -21.07
C GLN B 143 -3.22 -22.26 -19.89
N PHE B 144 -2.73 -23.47 -20.15
CA PHE B 144 -2.35 -24.40 -19.09
C PHE B 144 -0.98 -24.01 -18.55
N LEU B 145 -0.86 -23.96 -17.22
CA LEU B 145 0.44 -23.77 -16.56
C LEU B 145 0.31 -24.22 -15.13
N THR B 146 1.20 -25.09 -14.70
CA THR B 146 1.09 -25.70 -13.38
C THR B 146 2.42 -25.65 -12.63
N GLY B 147 2.31 -25.65 -11.30
CA GLY B 147 3.49 -25.81 -10.46
C GLY B 147 4.09 -27.21 -10.40
N ASN B 148 3.32 -28.21 -10.87
CA ASN B 148 3.75 -29.58 -10.85
C ASN B 148 3.13 -30.33 -12.02
N TYR B 149 3.94 -30.66 -13.02
CA TYR B 149 3.39 -31.28 -14.22
C TYR B 149 2.79 -32.66 -13.92
N ARG B 150 3.21 -33.29 -12.83
CA ARG B 150 2.78 -34.65 -12.52
C ARG B 150 1.41 -34.73 -11.84
N THR B 151 0.80 -33.59 -11.49
CA THR B 151 -0.43 -33.61 -10.69
C THR B 151 -1.47 -34.52 -11.34
N ASP B 152 -2.03 -35.41 -10.52
CA ASP B 152 -3.00 -36.38 -10.98
C ASP B 152 -4.39 -35.90 -10.53
N TYR B 153 -5.26 -35.61 -11.50
CA TYR B 153 -6.61 -35.07 -11.24
C TYR B 153 -7.70 -36.11 -11.30
N SER B 154 -7.32 -37.39 -11.33
CA SER B 154 -8.27 -38.47 -11.57
C SER B 154 -9.17 -38.80 -10.39
N ALA B 155 -8.97 -38.18 -9.22
CA ALA B 155 -9.95 -38.33 -8.14
C ALA B 155 -11.29 -37.67 -8.51
N ASN B 156 -11.27 -36.76 -9.48
CA ASN B 156 -12.50 -36.08 -9.91
C ASN B 156 -12.57 -35.98 -11.44
N ASP B 157 -13.32 -36.88 -12.05
CA ASP B 157 -13.41 -36.89 -13.52
C ASP B 157 -14.31 -35.81 -14.10
N LYS B 158 -14.92 -34.97 -13.25
CA LYS B 158 -15.67 -33.81 -13.71
C LYS B 158 -14.76 -32.62 -14.00
N LEU B 159 -13.49 -32.72 -13.61
CA LEU B 159 -12.56 -31.64 -13.91
C LEU B 159 -12.23 -31.68 -15.39
N VAL B 160 -11.82 -30.55 -15.94
CA VAL B 160 -11.30 -30.49 -17.29
C VAL B 160 -9.82 -30.12 -17.22
N VAL B 161 -8.98 -31.08 -17.60
CA VAL B 161 -7.55 -30.94 -17.59
C VAL B 161 -7.01 -31.62 -18.85
N PRO B 162 -5.75 -31.34 -19.22
CA PRO B 162 -5.25 -31.98 -20.44
C PRO B 162 -5.13 -33.49 -20.24
N PRO B 163 -5.27 -34.25 -21.33
CA PRO B 163 -5.21 -35.68 -21.19
C PRO B 163 -3.77 -36.21 -21.00
N ILE B 164 -2.76 -35.43 -21.43
CA ILE B 164 -1.37 -35.89 -21.37
C ILE B 164 -0.59 -34.87 -20.57
N LYS B 165 0.48 -35.33 -19.95
CA LYS B 165 1.29 -34.52 -19.05
C LYS B 165 2.69 -34.36 -19.65
N HIS B 166 3.29 -33.18 -19.46
CA HIS B 166 4.67 -33.00 -19.88
C HIS B 166 5.39 -31.98 -19.02
N GLN B 167 6.69 -32.20 -18.83
CA GLN B 167 7.51 -31.34 -17.97
C GLN B 167 7.42 -29.87 -18.36
N SER B 168 7.26 -29.61 -19.65
CA SER B 168 7.25 -28.23 -20.17
C SER B 168 6.06 -27.39 -19.68
N THR B 169 5.02 -28.03 -19.15
CA THR B 169 3.83 -27.36 -18.65
C THR B 169 4.05 -26.61 -17.33
N GLN B 170 5.24 -26.72 -16.75
CA GLN B 170 5.59 -25.87 -15.61
C GLN B 170 6.03 -24.50 -16.09
N GLY B 171 6.21 -24.37 -17.41
CA GLY B 171 6.35 -23.07 -18.07
C GLY B 171 5.16 -22.90 -18.99
N LEU B 172 5.30 -22.01 -19.96
CA LEU B 172 4.27 -21.76 -20.97
C LEU B 172 4.58 -22.62 -22.19
N ASN B 173 3.74 -23.63 -22.40
CA ASN B 173 3.73 -24.42 -23.62
C ASN B 173 2.43 -24.12 -24.37
N PRO B 174 2.53 -23.45 -25.53
CA PRO B 174 1.30 -22.99 -26.21
C PRO B 174 0.46 -24.10 -26.85
N HIS B 175 0.96 -25.33 -26.82
CA HIS B 175 0.17 -26.48 -27.24
C HIS B 175 -0.91 -26.88 -26.24
N TYR B 176 -0.91 -26.27 -25.05
CA TYR B 176 -1.87 -26.63 -24.01
C TYR B 176 -2.78 -25.44 -23.71
N LYS B 177 -3.91 -25.41 -24.39
CA LYS B 177 -4.88 -24.32 -24.28
CA LYS B 177 -4.89 -24.34 -24.24
C LYS B 177 -6.28 -24.91 -24.19
N GLN B 178 -7.22 -24.12 -23.70
CA GLN B 178 -8.61 -24.51 -23.64
C GLN B 178 -9.46 -23.28 -23.61
N LYS B 179 -10.78 -23.49 -23.59
CA LYS B 179 -11.73 -22.42 -23.39
C LYS B 179 -12.58 -22.72 -22.18
N LEU B 180 -12.92 -21.67 -21.43
CA LEU B 180 -13.66 -21.82 -20.18
C LEU B 180 -15.17 -21.93 -20.48
N THR B 181 -15.61 -23.17 -20.70
CA THR B 181 -16.97 -23.46 -21.14
C THR B 181 -17.81 -24.14 -20.08
N LYS B 182 -17.23 -24.50 -18.93
CA LYS B 182 -17.97 -25.24 -17.89
C LYS B 182 -17.64 -24.68 -16.54
N ASP B 183 -18.68 -24.39 -15.79
CA ASP B 183 -18.58 -23.93 -14.42
C ASP B 183 -18.09 -25.04 -13.51
N GLY B 184 -17.27 -24.65 -12.52
CA GLY B 184 -16.84 -25.59 -11.46
C GLY B 184 -16.02 -26.78 -11.95
N ALA B 185 -15.26 -26.59 -13.02
CA ALA B 185 -14.56 -27.70 -13.68
C ALA B 185 -13.12 -27.44 -14.07
N PHE B 186 -12.74 -26.19 -14.31
CA PHE B 186 -11.37 -25.85 -14.70
C PHE B 186 -10.58 -25.38 -13.48
N PRO B 187 -9.62 -26.20 -13.03
CA PRO B 187 -8.87 -25.78 -11.82
C PRO B 187 -8.08 -24.50 -11.99
N VAL B 188 -8.15 -23.61 -11.01
CA VAL B 188 -7.38 -22.37 -11.15
CA VAL B 188 -7.39 -22.37 -10.97
C VAL B 188 -5.88 -22.65 -11.02
N GLU B 189 -5.49 -23.72 -10.32
CA GLU B 189 -4.08 -24.04 -10.13
C GLU B 189 -3.36 -24.38 -11.44
N CYS B 190 -4.10 -24.77 -12.47
CA CYS B 190 -3.43 -25.16 -13.71
C CYS B 190 -3.93 -24.45 -14.95
N TRP B 191 -4.94 -23.59 -14.84
CA TRP B 191 -5.45 -22.83 -15.99
C TRP B 191 -5.45 -21.36 -15.64
N CYS B 192 -4.90 -20.53 -16.54
CA CYS B 192 -4.89 -19.07 -16.41
C CYS B 192 -5.40 -18.45 -17.72
N PRO B 193 -5.76 -17.15 -17.67
CA PRO B 193 -6.11 -16.48 -18.94
C PRO B 193 -4.94 -16.50 -19.92
N ASP B 194 -5.25 -16.82 -21.17
CA ASP B 194 -4.26 -16.82 -22.25
C ASP B 194 -4.07 -15.39 -22.79
N PRO B 195 -2.93 -14.75 -22.48
CA PRO B 195 -2.75 -13.36 -22.92
C PRO B 195 -2.55 -13.20 -24.44
N SER B 196 -2.23 -14.29 -25.15
CA SER B 196 -2.06 -14.23 -26.59
C SER B 196 -3.38 -14.29 -27.37
N LYS B 197 -4.47 -14.54 -26.66
CA LYS B 197 -5.79 -14.50 -27.28
C LYS B 197 -6.66 -13.53 -26.44
N ASN B 198 -7.92 -13.87 -26.21
CA ASN B 198 -8.81 -12.99 -25.44
C ASN B 198 -8.94 -11.55 -25.97
N GLU B 199 -8.92 -11.42 -27.28
CA GLU B 199 -9.08 -10.11 -27.91
C GLU B 199 -10.50 -9.58 -27.65
N ASN B 200 -11.46 -10.48 -27.38
CA ASN B 200 -12.86 -10.10 -27.23
C ASN B 200 -13.37 -10.32 -25.80
N THR B 201 -12.44 -10.34 -24.85
CA THR B 201 -12.72 -10.45 -23.42
C THR B 201 -11.81 -9.47 -22.67
N ARG B 202 -12.31 -8.87 -21.60
CA ARG B 202 -11.47 -8.16 -20.64
C ARG B 202 -11.39 -8.97 -19.37
N TYR B 203 -10.18 -9.17 -18.86
CA TYR B 203 -10.01 -9.86 -17.58
C TYR B 203 -9.09 -9.08 -16.65
N TYR B 204 -9.30 -9.28 -15.36
CA TYR B 204 -8.60 -8.54 -14.30
C TYR B 204 -8.40 -9.51 -13.16
N GLY B 205 -7.18 -9.59 -12.64
CA GLY B 205 -6.90 -10.53 -11.56
C GLY B 205 -5.81 -10.08 -10.62
N SER B 206 -5.89 -10.61 -9.41
CA SER B 206 -4.88 -10.36 -8.40
CA SER B 206 -4.92 -10.33 -8.36
C SER B 206 -4.71 -11.58 -7.50
N TYR B 207 -3.51 -11.71 -6.95
CA TYR B 207 -3.14 -12.79 -6.03
C TYR B 207 -2.32 -12.16 -4.91
N THR B 208 -2.68 -12.50 -3.68
CA THR B 208 -1.87 -12.19 -2.50
C THR B 208 -1.70 -13.50 -1.77
N GLY B 209 -0.45 -13.94 -1.62
CA GLY B 209 -0.20 -15.25 -1.08
C GLY B 209 0.18 -15.26 0.39
N GLY B 210 1.13 -16.12 0.71
CA GLY B 210 1.59 -16.33 2.08
C GLY B 210 0.68 -17.24 2.86
N GLN B 211 1.02 -17.44 4.13
CA GLN B 211 0.36 -18.49 4.94
C GLN B 211 -0.92 -18.06 5.66
N SER B 212 -0.82 -16.99 6.44
CA SER B 212 -1.90 -16.52 7.31
CA SER B 212 -1.93 -16.52 7.29
C SER B 212 -2.21 -15.06 7.04
N THR B 213 -1.88 -14.62 5.84
CA THR B 213 -1.99 -13.22 5.43
C THR B 213 -3.38 -12.60 5.66
N PRO B 214 -3.44 -11.36 6.19
CA PRO B 214 -4.75 -10.74 6.34
C PRO B 214 -5.42 -10.56 4.98
N PRO B 215 -6.66 -11.02 4.84
CA PRO B 215 -7.44 -10.63 3.66
C PRO B 215 -7.69 -9.14 3.67
N VAL B 216 -7.57 -8.49 2.52
CA VAL B 216 -7.88 -7.06 2.37
C VAL B 216 -8.90 -6.93 1.25
N LEU B 217 -10.13 -6.55 1.60
CA LEU B 217 -11.25 -6.64 0.68
C LEU B 217 -12.04 -5.36 0.75
N GLN B 218 -12.65 -5.00 -0.39
CA GLN B 218 -13.56 -3.84 -0.43
C GLN B 218 -14.83 -4.26 -1.11
N PHE B 219 -15.91 -3.53 -0.83
CA PHE B 219 -17.19 -3.72 -1.48
C PHE B 219 -17.93 -2.40 -1.56
N THR B 220 -18.47 -2.11 -2.75
CA THR B 220 -19.23 -0.90 -2.96
C THR B 220 -20.10 -1.10 -4.17
N ASN B 221 -21.20 -0.36 -4.24
CA ASN B 221 -22.06 -0.36 -5.42
C ASN B 221 -21.88 0.87 -6.29
N THR B 222 -20.72 1.53 -6.18
CA THR B 222 -20.51 2.83 -6.81
C THR B 222 -19.42 2.86 -7.88
N VAL B 223 -18.83 1.71 -8.20
CA VAL B 223 -17.68 1.68 -9.11
C VAL B 223 -18.00 0.98 -10.43
N THR B 224 -17.75 1.70 -11.51
CA THR B 224 -17.94 1.22 -12.87
C THR B 224 -16.59 0.95 -13.52
N THR B 225 -16.42 -0.25 -14.03
CA THR B 225 -15.24 -0.66 -14.78
C THR B 225 -15.57 -0.56 -16.28
N VAL B 226 -14.87 0.29 -17.00
CA VAL B 226 -15.09 0.48 -18.43
C VAL B 226 -14.48 -0.71 -19.17
N LEU B 227 -15.23 -1.30 -20.11
CA LEU B 227 -14.79 -2.51 -20.84
C LEU B 227 -14.33 -2.18 -22.27
N LEU B 228 -14.48 -0.91 -22.66
CA LEU B 228 -14.00 -0.47 -23.96
C LEU B 228 -12.48 -0.55 -24.01
N ASP B 229 -11.98 -1.00 -25.17
CA ASP B 229 -10.55 -1.08 -25.41
C ASP B 229 -10.01 0.27 -25.84
N GLU B 230 -8.73 0.31 -26.19
CA GLU B 230 -8.08 1.53 -26.63
C GLU B 230 -8.70 2.19 -27.88
N ASN B 231 -9.48 1.45 -28.66
CA ASN B 231 -10.19 1.99 -29.82
C ASN B 231 -11.68 2.31 -29.57
N GLY B 232 -12.11 2.22 -28.33
CA GLY B 232 -13.50 2.51 -27.96
C GLY B 232 -14.47 1.36 -28.22
N VAL B 233 -13.96 0.14 -28.39
CA VAL B 233 -14.79 -1.01 -28.70
C VAL B 233 -14.77 -1.97 -27.52
N GLY B 234 -15.95 -2.29 -27.01
CA GLY B 234 -16.11 -3.29 -25.95
C GLY B 234 -16.26 -4.68 -26.53
N PRO B 235 -16.30 -5.70 -25.66
CA PRO B 235 -16.55 -7.06 -26.14
C PRO B 235 -17.84 -7.17 -26.97
N LEU B 236 -17.75 -7.90 -28.06
CA LEU B 236 -18.87 -8.05 -29.01
C LEU B 236 -19.42 -9.46 -28.86
N CYS B 237 -20.71 -9.55 -28.59
CA CYS B 237 -21.31 -10.80 -28.14
C CYS B 237 -21.70 -11.68 -29.32
N LYS B 238 -20.80 -12.60 -29.64
CA LYS B 238 -20.98 -13.52 -30.74
C LYS B 238 -22.11 -14.50 -30.45
N GLY B 239 -23.00 -14.63 -31.41
CA GLY B 239 -24.18 -15.48 -31.26
C GLY B 239 -25.05 -15.03 -30.11
N ASP B 240 -25.00 -13.74 -29.80
CA ASP B 240 -25.80 -13.14 -28.72
C ASP B 240 -25.55 -13.80 -27.36
N GLY B 241 -24.30 -14.20 -27.14
CA GLY B 241 -23.88 -14.76 -25.84
C GLY B 241 -22.92 -13.81 -25.13
N LEU B 242 -23.18 -13.60 -23.85
CA LEU B 242 -22.33 -12.82 -22.97
C LEU B 242 -21.73 -13.79 -21.99
N TYR B 243 -20.41 -13.72 -21.83
CA TYR B 243 -19.68 -14.65 -20.98
CA TYR B 243 -19.67 -14.66 -20.95
C TYR B 243 -19.07 -13.94 -19.78
N VAL B 244 -19.37 -14.45 -18.60
CA VAL B 244 -18.91 -13.89 -17.34
C VAL B 244 -18.22 -15.00 -16.55
N SER B 245 -17.03 -14.68 -16.05
CA SER B 245 -16.22 -15.67 -15.32
C SER B 245 -15.54 -15.02 -14.13
N CYS B 246 -15.26 -15.81 -13.09
CA CYS B 246 -14.57 -15.26 -11.94
C CYS B 246 -14.04 -16.32 -10.99
N CYS B 247 -13.26 -15.87 -10.03
CA CYS B 247 -12.87 -16.66 -8.87
C CYS B 247 -12.55 -15.69 -7.76
N ASP B 248 -13.03 -15.95 -6.54
CA ASP B 248 -12.76 -15.11 -5.38
C ASP B 248 -12.50 -15.94 -4.14
N ILE B 249 -11.23 -16.26 -3.96
CA ILE B 249 -10.73 -16.95 -2.77
C ILE B 249 -10.37 -15.90 -1.74
N VAL B 250 -10.95 -16.04 -0.53
CA VAL B 250 -10.72 -15.06 0.54
C VAL B 250 -9.85 -15.57 1.71
N GLY B 251 -9.44 -16.84 1.66
CA GLY B 251 -8.51 -17.39 2.63
C GLY B 251 -8.84 -18.83 2.95
N PHE B 252 -8.34 -19.26 4.09
CA PHE B 252 -8.56 -20.59 4.63
C PHE B 252 -9.23 -20.52 5.99
N LEU B 253 -10.19 -21.42 6.21
CA LEU B 253 -10.73 -21.70 7.52
C LEU B 253 -9.84 -22.76 8.20
N VAL B 254 -9.39 -22.48 9.42
CA VAL B 254 -8.48 -23.35 10.15
C VAL B 254 -9.26 -24.06 11.23
N GLY B 255 -9.50 -25.36 11.00
CA GLY B 255 -10.20 -26.18 11.97
C GLY B 255 -9.43 -26.42 13.26
N LYS B 256 -10.14 -26.94 14.25
CA LYS B 256 -9.61 -27.18 15.58
C LYS B 256 -8.27 -27.91 15.58
N ASP B 257 -8.14 -28.89 14.71
CA ASP B 257 -6.95 -29.72 14.70
C ASP B 257 -5.93 -29.27 13.68
N GLY B 258 -6.22 -28.18 12.98
CA GLY B 258 -5.28 -27.60 12.04
C GLY B 258 -5.63 -27.88 10.60
N ASP B 259 -6.63 -28.73 10.36
CA ASP B 259 -7.14 -29.00 9.01
C ASP B 259 -7.64 -27.69 8.40
N MET B 260 -7.39 -27.49 7.12
CA MET B 260 -7.73 -26.21 6.44
C MET B 260 -8.56 -26.44 5.18
N GLN B 261 -9.42 -25.45 4.90
CA GLN B 261 -10.28 -25.46 3.73
C GLN B 261 -10.27 -24.07 3.10
N TYR B 262 -10.20 -24.01 1.78
CA TYR B 262 -10.42 -22.75 1.07
C TYR B 262 -11.82 -22.23 1.37
N ARG B 263 -11.93 -20.91 1.42
CA ARG B 263 -13.21 -20.24 1.50
C ARG B 263 -13.32 -19.25 0.35
N GLY B 264 -14.47 -19.28 -0.34
CA GLY B 264 -14.76 -18.33 -1.42
C GLY B 264 -16.06 -17.61 -1.21
N LEU B 265 -16.23 -16.51 -1.94
CA LEU B 265 -17.43 -15.71 -1.87
C LEU B 265 -18.01 -15.49 -3.26
N PRO B 266 -19.33 -15.23 -3.34
CA PRO B 266 -19.96 -14.93 -4.60
C PRO B 266 -19.55 -13.58 -5.15
N ARG B 267 -19.76 -13.39 -6.44
CA ARG B 267 -19.48 -12.13 -7.12
C ARG B 267 -20.73 -11.73 -7.91
N TYR B 268 -21.09 -10.46 -7.75
CA TYR B 268 -22.20 -9.84 -8.49
C TYR B 268 -21.70 -9.05 -9.68
N PHE B 269 -22.50 -9.02 -10.75
CA PHE B 269 -22.19 -8.29 -11.96
C PHE B 269 -23.43 -7.55 -12.48
N ASN B 270 -23.22 -6.31 -12.91
CA ASN B 270 -24.22 -5.52 -13.61
C ASN B 270 -23.53 -4.93 -14.82
N ILE B 271 -23.86 -5.47 -15.98
CA ILE B 271 -23.16 -5.18 -17.22
C ILE B 271 -24.07 -4.35 -18.12
N LEU B 272 -23.54 -3.24 -18.61
CA LEU B 272 -24.25 -2.36 -19.52
C LEU B 272 -23.84 -2.71 -20.94
N LEU B 273 -24.80 -2.95 -21.84
CA LEU B 273 -24.51 -3.24 -23.24
C LEU B 273 -25.23 -2.28 -24.15
N ARG B 274 -24.68 -2.10 -25.35
CA ARG B 274 -25.28 -1.25 -26.36
C ARG B 274 -25.23 -1.94 -27.72
N LYS B 275 -26.06 -1.48 -28.63
CA LYS B 275 -26.12 -2.07 -29.95
C LYS B 275 -25.03 -1.48 -30.85
N ARG B 276 -24.28 -2.37 -31.51
CA ARG B 276 -23.22 -1.98 -32.44
C ARG B 276 -23.43 -2.59 -33.82
N THR B 277 -23.38 -1.76 -34.85
CA THR B 277 -23.45 -2.26 -36.22
C THR B 277 -22.06 -2.75 -36.61
N VAL B 278 -22.01 -3.88 -37.27
CA VAL B 278 -20.76 -4.44 -37.78
C VAL B 278 -20.95 -4.90 -39.21
N ARG B 279 -19.86 -4.95 -39.96
CA ARG B 279 -19.90 -5.40 -41.33
C ARG B 279 -20.06 -6.93 -41.38
N ASN B 280 -20.83 -7.40 -42.34
CA ASN B 280 -21.07 -8.83 -42.53
C ASN B 280 -20.57 -9.29 -43.89
N GLY C 1 -33.72 -16.40 -13.61
CA GLY C 1 -32.40 -16.43 -14.28
C GLY C 1 -31.76 -15.05 -14.37
N SER C 2 -31.15 -14.76 -15.52
CA SER C 2 -30.59 -13.44 -15.80
C SER C 2 -31.71 -12.49 -16.25
N HIS C 3 -31.44 -11.19 -16.15
CA HIS C 3 -32.45 -10.16 -16.38
C HIS C 3 -31.78 -8.80 -16.53
N ILE C 10 -39.05 5.86 -9.50
CA ILE C 10 -39.26 7.31 -9.47
C ILE C 10 -38.78 7.94 -10.77
N GLU C 11 -39.65 8.68 -11.43
CA GLU C 11 -39.31 9.41 -12.64
C GLU C 11 -38.81 10.80 -12.22
N VAL C 12 -37.53 11.03 -12.44
CA VAL C 12 -36.83 12.19 -11.90
C VAL C 12 -36.93 13.37 -12.86
N LEU C 13 -37.40 14.51 -12.37
CA LEU C 13 -37.46 15.74 -13.15
C LEU C 13 -36.39 16.73 -12.68
N ASN C 14 -36.68 18.03 -12.65
CA ASN C 14 -35.62 19.02 -12.42
C ASN C 14 -35.43 19.32 -10.94
N LEU C 15 -34.27 19.92 -10.67
CA LEU C 15 -33.97 20.44 -9.36
C LEU C 15 -34.84 21.66 -9.05
N VAL C 16 -35.21 21.81 -7.79
CA VAL C 16 -35.88 23.03 -7.33
C VAL C 16 -34.79 24.03 -6.98
N THR C 17 -34.86 25.24 -7.54
CA THR C 17 -33.86 26.27 -7.27
C THR C 17 -34.33 27.30 -6.25
N GLY C 18 -33.39 28.07 -5.74
CA GLY C 18 -33.70 29.23 -4.93
C GLY C 18 -33.55 28.98 -3.45
N PRO C 19 -34.10 29.90 -2.63
CA PRO C 19 -33.95 29.78 -1.17
C PRO C 19 -34.67 28.55 -0.62
N ASP C 20 -34.13 28.00 0.45
CA ASP C 20 -34.74 26.87 1.14
C ASP C 20 -34.61 25.54 0.38
N SER C 21 -34.02 25.54 -0.83
CA SER C 21 -33.87 24.30 -1.63
C SER C 21 -32.80 23.31 -1.14
N ILE C 22 -31.91 23.77 -0.26
CA ILE C 22 -30.85 22.91 0.30
C ILE C 22 -31.05 22.77 1.80
N THR C 23 -30.61 21.63 2.34
CA THR C 23 -30.60 21.45 3.77
C THR C 23 -29.48 20.48 4.08
N THR C 24 -29.05 20.46 5.33
CA THR C 24 -28.00 19.54 5.76
C THR C 24 -28.48 18.79 6.97
N ILE C 25 -28.03 17.56 7.08
CA ILE C 25 -28.34 16.73 8.22
C ILE C 25 -27.00 16.29 8.82
N GLU C 26 -26.86 16.48 10.11
CA GLU C 26 -25.67 16.08 10.81
C GLU C 26 -26.09 15.09 11.90
N LEU C 27 -25.35 13.99 12.01
CA LEU C 27 -25.63 13.02 13.06
C LEU C 27 -24.39 12.20 13.32
N TYR C 28 -24.43 11.45 14.42
CA TYR C 28 -23.44 10.41 14.66
C TYR C 28 -24.19 9.14 15.04
N LEU C 29 -23.52 8.01 14.83
CA LEU C 29 -24.00 6.73 15.29
C LEU C 29 -22.96 6.07 16.16
N ASN C 30 -23.37 5.70 17.38
CA ASN C 30 -22.50 4.92 18.24
C ASN C 30 -22.46 3.47 17.80
N THR C 31 -21.33 2.85 18.14
CA THR C 31 -21.03 1.50 17.71
C THR C 31 -21.90 0.47 18.43
N ARG C 32 -22.15 -0.65 17.76
CA ARG C 32 -22.97 -1.74 18.29
C ARG C 32 -22.18 -3.05 18.24
N MET C 33 -21.23 -3.15 19.15
CA MET C 33 -20.36 -4.30 19.20
C MET C 33 -20.88 -5.48 20.01
N GLY C 34 -21.88 -5.25 20.85
CA GLY C 34 -22.47 -6.32 21.65
C GLY C 34 -22.97 -5.84 22.99
N GLN C 35 -22.17 -5.03 23.67
CA GLN C 35 -22.62 -4.34 24.86
C GLN C 35 -22.99 -2.94 24.38
N ASN C 36 -24.28 -2.75 24.14
CA ASN C 36 -24.81 -1.58 23.45
C ASN C 36 -25.55 -0.62 24.36
N ASP C 37 -25.46 -0.87 25.67
CA ASP C 37 -26.07 -0.05 26.71
C ASP C 37 -25.03 0.94 27.21
N GLU C 38 -25.24 2.20 26.87
CA GLU C 38 -24.30 3.25 27.21
C GLU C 38 -24.11 3.47 28.72
N SER C 39 -24.93 2.82 29.55
CA SER C 39 -24.78 2.95 30.99
C SER C 39 -23.93 1.85 31.60
N LYS C 40 -23.57 0.85 30.82
CA LYS C 40 -22.90 -0.31 31.38
C LYS C 40 -21.42 -0.36 31.05
N ASP C 41 -20.64 -1.02 31.90
CA ASP C 41 -19.23 -1.19 31.64
C ASP C 41 -19.17 -1.93 30.30
N ASN C 42 -18.03 -1.90 29.65
CA ASN C 42 -17.89 -2.60 28.35
C ASN C 42 -18.68 -1.98 27.18
N TYR C 43 -19.32 -0.84 27.37
CA TYR C 43 -19.98 -0.16 26.25
C TYR C 43 -18.98 0.13 25.15
N GLY C 44 -19.39 -0.08 23.93
CA GLY C 44 -18.51 0.08 22.78
C GLY C 44 -17.60 -1.08 22.49
N TYR C 45 -17.78 -2.18 23.22
CA TYR C 45 -17.07 -3.43 23.04
C TYR C 45 -18.09 -4.55 22.98
N SER C 46 -17.69 -5.68 22.43
CA SER C 46 -18.50 -6.89 22.59
C SER C 46 -18.24 -7.50 23.97
N GLU C 47 -19.11 -8.44 24.35
CA GLU C 47 -18.79 -9.36 25.41
C GLU C 47 -17.63 -10.24 24.95
N LYS C 48 -17.03 -10.96 25.88
CA LYS C 48 -15.92 -11.87 25.53
C LYS C 48 -16.30 -12.85 24.42
N VAL C 49 -15.42 -12.96 23.44
CA VAL C 49 -15.60 -13.93 22.37
C VAL C 49 -15.44 -15.36 22.90
N THR C 50 -16.34 -16.24 22.45
CA THR C 50 -16.25 -17.66 22.76
C THR C 50 -16.17 -18.40 21.45
N VAL C 51 -15.77 -19.68 21.52
CA VAL C 51 -15.48 -20.45 20.32
C VAL C 51 -16.20 -21.78 20.36
N ALA C 52 -16.92 -22.06 19.28
CA ALA C 52 -17.69 -23.30 19.18
C ALA C 52 -16.82 -24.55 19.30
N ASN C 53 -17.32 -25.54 20.02
CA ASN C 53 -16.68 -26.85 20.10
C ASN C 53 -16.76 -27.61 18.77
N SER C 54 -17.83 -27.36 18.02
CA SER C 54 -18.07 -27.99 16.71
C SER C 54 -19.06 -27.14 15.96
N SER C 55 -19.14 -27.33 14.66
CA SER C 55 -19.95 -26.43 13.82
C SER C 55 -21.46 -26.57 14.04
N ASP C 56 -21.86 -27.73 14.56
CA ASP C 56 -23.26 -27.98 14.96
C ASP C 56 -23.56 -27.61 16.41
N GLN C 57 -22.59 -27.00 17.09
CA GLN C 57 -22.78 -26.45 18.43
C GLN C 57 -22.18 -25.05 18.46
N ASP C 58 -22.49 -24.28 17.41
CA ASP C 58 -21.96 -22.93 17.25
C ASP C 58 -23.05 -21.96 17.66
N LYS C 59 -23.02 -21.57 18.92
CA LYS C 59 -24.06 -20.76 19.54
C LYS C 59 -23.39 -19.58 20.25
N PRO C 60 -23.24 -18.46 19.54
CA PRO C 60 -22.60 -17.33 20.20
C PRO C 60 -23.33 -16.87 21.43
N THR C 61 -22.58 -16.46 22.45
CA THR C 61 -23.20 -15.96 23.66
C THR C 61 -23.88 -14.62 23.35
N SER C 62 -24.81 -14.26 24.22
CA SER C 62 -25.48 -12.99 24.08
C SER C 62 -24.48 -11.85 24.24
N GLY C 63 -24.46 -10.97 23.24
CA GLY C 63 -23.61 -9.79 23.29
C GLY C 63 -22.22 -9.95 22.74
N GLU C 64 -21.84 -11.11 22.21
CA GLU C 64 -20.50 -11.24 21.65
C GLU C 64 -20.40 -10.96 20.16
N ILE C 65 -21.50 -10.59 19.51
CA ILE C 65 -21.41 -10.38 18.09
C ILE C 65 -21.84 -8.96 17.67
N PRO C 66 -21.00 -8.33 16.84
CA PRO C 66 -21.29 -7.01 16.32
CA PRO C 66 -21.32 -7.00 16.35
C PRO C 66 -22.50 -6.95 15.39
N THR C 67 -23.22 -5.83 15.43
CA THR C 67 -24.38 -5.60 14.57
C THR C 67 -24.23 -4.25 13.88
N TYR C 68 -25.02 -4.03 12.85
CA TYR C 68 -25.04 -2.74 12.17
C TYR C 68 -25.67 -1.65 13.02
N SER C 69 -25.06 -0.46 12.97
CA SER C 69 -25.71 0.73 13.44
C SER C 69 -26.58 1.29 12.33
N THR C 70 -27.72 1.87 12.68
CA THR C 70 -28.58 2.49 11.68
C THR C 70 -29.56 3.48 12.32
N ALA C 71 -29.95 4.45 11.51
CA ALA C 71 -30.98 5.41 11.89
C ALA C 71 -31.73 5.88 10.66
N ARG C 72 -33.01 6.20 10.88
CA ARG C 72 -33.81 6.92 9.92
C ARG C 72 -33.95 8.33 10.45
N ILE C 73 -33.56 9.31 9.65
CA ILE C 73 -33.70 10.71 10.05
C ILE C 73 -34.88 11.33 9.30
N ASN C 74 -35.75 11.99 10.07
CA ASN C 74 -36.90 12.69 9.52
C ASN C 74 -36.47 13.98 8.88
N LEU C 75 -36.81 14.14 7.61
CA LEU C 75 -36.48 15.35 6.88
C LEU C 75 -37.67 16.30 6.88
N PRO C 76 -37.43 17.56 6.57
CA PRO C 76 -38.52 18.52 6.53
C PRO C 76 -39.60 18.09 5.53
N MET C 77 -40.85 18.11 5.96
CA MET C 77 -41.94 17.66 5.14
C MET C 77 -42.12 18.60 3.95
N LEU C 78 -42.18 18.02 2.75
CA LEU C 78 -42.20 18.77 1.49
C LEU C 78 -43.57 18.93 0.83
N ASN C 79 -44.44 17.94 0.95
CA ASN C 79 -45.68 17.91 0.16
C ASN C 79 -46.95 17.92 1.03
N GLU C 80 -47.61 19.07 1.13
CA GLU C 80 -48.88 19.17 1.86
C GLU C 80 -50.03 18.50 1.10
N ASP C 81 -49.90 18.37 -0.22
CA ASP C 81 -50.91 17.76 -1.08
C ASP C 81 -50.27 16.64 -1.92
N LEU C 82 -50.57 15.39 -1.56
CA LEU C 82 -49.98 14.22 -2.22
C LEU C 82 -50.65 13.86 -3.56
N THR C 83 -51.66 14.63 -3.98
CA THR C 83 -52.34 14.39 -5.26
C THR C 83 -51.87 15.29 -6.41
N CYS C 84 -50.87 16.13 -6.17
CA CYS C 84 -50.32 17.00 -7.22
C CYS C 84 -49.68 16.18 -8.35
N ASN C 85 -49.62 16.76 -9.55
CA ASN C 85 -49.07 16.08 -10.74
C ASN C 85 -47.56 15.83 -10.62
N THR C 86 -46.87 16.67 -9.85
CA THR C 86 -45.49 16.43 -9.45
C THR C 86 -45.37 16.59 -7.95
N LEU C 87 -44.30 16.01 -7.40
CA LEU C 87 -43.99 16.13 -5.99
C LEU C 87 -42.50 16.49 -5.83
N THR C 88 -42.13 16.86 -4.62
CA THR C 88 -40.74 17.19 -4.31
C THR C 88 -40.21 16.13 -3.38
N MET C 89 -38.96 15.73 -3.60
CA MET C 89 -38.25 14.82 -2.73
C MET C 89 -36.88 15.41 -2.39
N TRP C 90 -36.37 15.07 -1.21
CA TRP C 90 -34.99 15.40 -0.84
C TRP C 90 -34.08 14.41 -1.53
N GLU C 91 -33.04 14.94 -2.17
CA GLU C 91 -32.05 14.14 -2.86
C GLU C 91 -30.72 14.32 -2.11
N ALA C 92 -30.12 13.22 -1.67
CA ALA C 92 -28.84 13.27 -0.97
C ALA C 92 -27.72 13.43 -2.00
N VAL C 93 -26.98 14.53 -1.89
CA VAL C 93 -26.01 14.93 -2.90
C VAL C 93 -24.59 14.44 -2.52
N SER C 94 -24.27 14.56 -1.25
CA SER C 94 -22.92 14.25 -0.77
C SER C 94 -22.91 14.03 0.72
N VAL C 95 -21.86 13.38 1.19
CA VAL C 95 -21.67 13.14 2.62
C VAL C 95 -20.22 13.35 3.00
N LYS C 96 -19.99 14.00 4.13
CA LYS C 96 -18.68 14.01 4.79
C LYS C 96 -18.84 13.10 5.98
N THR C 97 -18.05 12.05 6.05
CA THR C 97 -18.16 11.11 7.16
C THR C 97 -16.77 10.78 7.71
N GLU C 98 -16.71 10.53 9.01
CA GLU C 98 -15.46 10.27 9.74
C GLU C 98 -15.69 9.32 10.85
N VAL C 99 -14.67 8.50 11.11
CA VAL C 99 -14.62 7.68 12.30
C VAL C 99 -14.09 8.55 13.42
N VAL C 100 -14.80 8.52 14.55
CA VAL C 100 -14.50 9.38 15.70
C VAL C 100 -13.72 8.62 16.73
N GLY C 101 -12.81 9.28 17.43
CA GLY C 101 -12.10 8.62 18.51
C GLY C 101 -10.94 7.73 18.10
N VAL C 102 -10.41 7.91 16.90
CA VAL C 102 -9.25 7.11 16.45
C VAL C 102 -8.10 7.21 17.45
N SER C 103 -7.87 8.39 17.99
CA SER C 103 -6.80 8.61 18.94
C SER C 103 -6.93 7.82 20.23
N SER C 104 -8.14 7.36 20.56
CA SER C 104 -8.31 6.49 21.73
C SER C 104 -7.55 5.16 21.65
N LEU C 105 -7.12 4.81 20.45
CA LEU C 105 -6.35 3.60 20.26
C LEU C 105 -4.88 3.79 20.61
N VAL C 106 -4.48 5.03 20.92
CA VAL C 106 -3.14 5.33 21.42
C VAL C 106 -3.20 5.11 22.94
N ASN C 107 -3.28 3.86 23.34
CA ASN C 107 -3.45 3.53 24.76
C ASN C 107 -2.93 2.11 24.96
N VAL C 108 -1.85 2.00 25.72
CA VAL C 108 -1.21 0.72 25.96
C VAL C 108 -0.97 0.48 27.45
N HIS C 109 -1.77 1.15 28.29
CA HIS C 109 -1.72 0.94 29.74
C HIS C 109 -3.00 0.31 30.32
N MET C 110 -3.93 -0.09 29.44
CA MET C 110 -5.15 -0.75 29.90
C MET C 110 -4.80 -2.14 30.42
N ALA C 111 -5.72 -2.73 31.17
CA ALA C 111 -5.52 -4.08 31.72
C ALA C 111 -5.64 -5.13 30.64
N THR C 112 -4.50 -5.43 30.04
CA THR C 112 -4.40 -6.26 28.86
C THR C 112 -3.20 -7.19 29.00
N LYS C 113 -3.14 -8.17 28.13
CA LYS C 113 -1.90 -8.93 27.93
C LYS C 113 -0.82 -7.91 27.52
N ARG C 114 0.43 -8.24 27.83
CA ARG C 114 1.50 -7.29 27.56
C ARG C 114 2.70 -7.95 26.89
N MET C 115 3.51 -7.11 26.25
CA MET C 115 4.71 -7.54 25.53
C MET C 115 5.88 -7.88 26.45
N TYR C 116 6.83 -8.64 25.91
CA TYR C 116 8.17 -8.85 26.50
C TYR C 116 8.19 -9.27 27.97
N ASP C 117 7.63 -10.45 28.23
CA ASP C 117 7.77 -11.09 29.55
C ASP C 117 7.27 -10.18 30.65
N ASP C 118 6.08 -9.64 30.41
CA ASP C 118 5.36 -8.77 31.36
C ASP C 118 6.06 -7.47 31.71
N LYS C 119 6.97 -7.01 30.85
CA LYS C 119 7.66 -5.75 31.06
C LYS C 119 7.26 -4.65 30.08
N GLY C 120 6.77 -5.03 28.92
CA GLY C 120 6.52 -4.07 27.85
C GLY C 120 5.14 -3.49 27.86
N ILE C 121 4.75 -2.87 26.73
CA ILE C 121 3.44 -2.25 26.61
C ILE C 121 2.29 -3.25 26.71
N GLY C 122 1.14 -2.79 27.19
CA GLY C 122 -0.09 -3.56 27.02
C GLY C 122 -0.39 -3.62 25.52
N PHE C 123 -0.94 -4.74 25.08
CA PHE C 123 -1.30 -4.88 23.67
C PHE C 123 -2.31 -3.79 23.33
N PRO C 124 -2.08 -3.04 22.26
CA PRO C 124 -3.11 -2.12 21.82
C PRO C 124 -4.27 -2.89 21.18
N VAL C 125 -5.40 -2.19 21.01
CA VAL C 125 -6.51 -2.79 20.29
C VAL C 125 -6.03 -3.04 18.86
N GLU C 126 -6.15 -4.27 18.40
CA GLU C 126 -5.51 -4.68 17.15
C GLU C 126 -6.21 -5.90 16.56
N GLY C 127 -5.96 -6.16 15.28
CA GLY C 127 -6.57 -7.25 14.56
C GLY C 127 -7.60 -6.77 13.55
N MET C 128 -8.60 -7.61 13.36
CA MET C 128 -9.59 -7.41 12.33
C MET C 128 -10.19 -5.99 12.32
N ASN C 129 -10.23 -5.37 11.13
CA ASN C 129 -10.92 -4.12 10.91
C ASN C 129 -12.02 -4.33 9.89
N PHE C 130 -13.16 -3.71 10.16
CA PHE C 130 -14.31 -3.76 9.25
C PHE C 130 -14.97 -2.40 9.30
N HIS C 131 -15.06 -1.74 8.15
CA HIS C 131 -15.59 -0.39 8.07
C HIS C 131 -16.53 -0.28 6.91
N MET C 132 -17.77 0.09 7.20
CA MET C 132 -18.68 0.35 6.12
CA MET C 132 -18.79 0.25 6.18
C MET C 132 -19.67 1.43 6.52
N PHE C 133 -20.14 2.14 5.51
CA PHE C 133 -21.24 3.08 5.73
C PHE C 133 -22.12 3.07 4.50
N ALA C 134 -23.37 3.48 4.70
CA ALA C 134 -24.34 3.56 3.64
C ALA C 134 -25.25 4.75 3.90
N VAL C 135 -25.59 5.45 2.84
CA VAL C 135 -26.57 6.55 2.87
C VAL C 135 -27.57 6.29 1.77
N GLY C 136 -28.86 6.30 2.12
CA GLY C 136 -29.91 6.06 1.13
C GLY C 136 -31.24 6.68 1.48
N GLY C 137 -32.15 6.55 0.53
CA GLY C 137 -33.49 7.10 0.66
C GLY C 137 -34.52 6.10 1.14
N GLU C 138 -34.06 4.96 1.59
CA GLU C 138 -34.92 3.88 2.08
C GLU C 138 -33.98 2.92 2.83
N PRO C 139 -34.52 1.96 3.57
CA PRO C 139 -33.62 1.07 4.32
C PRO C 139 -32.64 0.31 3.44
N LEU C 140 -31.44 0.11 3.98
CA LEU C 140 -30.44 -0.69 3.31
C LEU C 140 -31.00 -2.08 3.12
N GLU C 141 -30.92 -2.59 1.89
CA GLU C 141 -31.43 -3.90 1.56
C GLU C 141 -30.31 -4.92 1.76
N LEU C 142 -30.65 -6.00 2.46
CA LEU C 142 -29.66 -6.97 2.95
C LEU C 142 -29.83 -8.33 2.28
N GLN C 143 -28.70 -9.01 2.16
CA GLN C 143 -28.59 -10.41 1.70
C GLN C 143 -28.01 -11.21 2.86
N PHE C 144 -28.60 -12.35 3.18
CA PHE C 144 -28.03 -13.26 4.17
C PHE C 144 -26.90 -14.05 3.53
N LEU C 145 -25.77 -14.12 4.22
CA LEU C 145 -24.66 -15.00 3.81
C LEU C 145 -23.77 -15.22 5.01
N THR C 146 -23.49 -16.49 5.33
CA THR C 146 -22.80 -16.84 6.55
C THR C 146 -21.66 -17.83 6.31
N GLY C 147 -20.66 -17.78 7.18
CA GLY C 147 -19.60 -18.75 7.22
C GLY C 147 -20.02 -20.12 7.73
N ASN C 148 -21.15 -20.18 8.42
CA ASN C 148 -21.65 -21.44 9.00
C ASN C 148 -23.16 -21.43 9.04
N TYR C 149 -23.78 -22.22 8.15
CA TYR C 149 -25.24 -22.20 8.08
C TYR C 149 -25.91 -22.61 9.36
N ARG C 150 -25.22 -23.39 10.18
CA ARG C 150 -25.78 -23.91 11.42
C ARG C 150 -25.74 -22.96 12.62
N THR C 151 -25.16 -21.79 12.47
CA THR C 151 -25.04 -20.87 13.61
C THR C 151 -26.41 -20.67 14.29
N ASP C 152 -26.41 -20.82 15.61
CA ASP C 152 -27.62 -20.77 16.43
C ASP C 152 -27.57 -19.45 17.20
N TYR C 153 -28.47 -18.55 16.85
CA TYR C 153 -28.54 -17.21 17.44
C TYR C 153 -29.51 -17.11 18.62
N SER C 154 -29.99 -18.25 19.11
CA SER C 154 -31.05 -18.23 20.13
C SER C 154 -30.65 -17.79 21.55
N ALA C 155 -29.35 -17.56 21.80
CA ALA C 155 -28.97 -16.96 23.08
C ALA C 155 -29.43 -15.50 23.18
N ASN C 156 -29.77 -14.89 22.04
CA ASN C 156 -30.19 -13.49 22.02
C ASN C 156 -31.35 -13.32 21.05
N ASP C 157 -32.58 -13.35 21.57
CA ASP C 157 -33.75 -13.25 20.71
C ASP C 157 -34.01 -11.81 20.22
N LYS C 158 -33.18 -10.85 20.59
CA LYS C 158 -33.32 -9.50 20.05
C LYS C 158 -32.60 -9.33 18.72
N LEU C 159 -31.82 -10.32 18.31
CA LEU C 159 -31.18 -10.27 17.00
C LEU C 159 -32.23 -10.56 15.93
N VAL C 160 -32.03 -10.02 14.73
CA VAL C 160 -32.89 -10.33 13.61
C VAL C 160 -32.13 -11.25 12.66
N VAL C 161 -32.63 -12.47 12.55
CA VAL C 161 -31.96 -13.50 11.73
C VAL C 161 -33.05 -14.34 11.11
N PRO C 162 -32.72 -15.17 10.11
CA PRO C 162 -33.77 -15.97 9.48
C PRO C 162 -34.35 -17.00 10.43
N PRO C 163 -35.59 -17.42 10.17
CA PRO C 163 -36.23 -18.39 11.09
C PRO C 163 -35.89 -19.85 10.81
N ILE C 164 -35.24 -20.12 9.67
CA ILE C 164 -34.82 -21.46 9.31
C ILE C 164 -33.37 -21.39 8.79
N LYS C 165 -32.71 -22.54 8.78
CA LYS C 165 -31.33 -22.69 8.38
C LYS C 165 -31.20 -23.66 7.24
N HIS C 166 -30.23 -23.41 6.36
CA HIS C 166 -29.98 -24.30 5.22
C HIS C 166 -28.56 -24.17 4.70
N GLN C 167 -28.03 -25.29 4.22
CA GLN C 167 -26.69 -25.37 3.66
C GLN C 167 -26.35 -24.25 2.67
N SER C 168 -27.33 -23.87 1.88
CA SER C 168 -27.14 -22.95 0.76
C SER C 168 -26.81 -21.54 1.19
N THR C 169 -27.00 -21.24 2.48
CA THR C 169 -26.73 -19.89 2.97
C THR C 169 -25.24 -19.59 3.18
N GLN C 170 -24.37 -20.58 2.93
CA GLN C 170 -22.92 -20.34 2.88
C GLN C 170 -22.48 -19.77 1.53
N GLY C 171 -23.42 -19.77 0.58
CA GLY C 171 -23.30 -19.07 -0.70
C GLY C 171 -24.40 -18.03 -0.73
N LEU C 172 -24.79 -17.61 -1.93
CA LEU C 172 -25.86 -16.63 -2.09
C LEU C 172 -27.15 -17.39 -2.39
N ASN C 173 -28.07 -17.38 -1.43
CA ASN C 173 -29.41 -17.91 -1.62
C ASN C 173 -30.34 -16.68 -1.54
N PRO C 174 -30.89 -16.28 -2.69
CA PRO C 174 -31.65 -15.01 -2.70
C PRO C 174 -33.01 -15.08 -2.03
N HIS C 175 -33.41 -16.27 -1.58
CA HIS C 175 -34.61 -16.39 -0.74
C HIS C 175 -34.40 -15.93 0.69
N TYR C 176 -33.16 -15.59 1.05
CA TYR C 176 -32.83 -15.13 2.40
C TYR C 176 -32.36 -13.67 2.36
N LYS C 177 -33.32 -12.76 2.45
CA LYS C 177 -33.06 -11.33 2.38
C LYS C 177 -33.75 -10.61 3.55
N GLN C 178 -33.45 -9.32 3.71
CA GLN C 178 -34.01 -8.51 4.80
C GLN C 178 -33.76 -7.06 4.45
N LYS C 179 -34.24 -6.18 5.31
CA LYS C 179 -33.94 -4.75 5.24
C LYS C 179 -33.47 -4.31 6.60
N LEU C 180 -32.49 -3.42 6.62
CA LEU C 180 -31.89 -2.93 7.85
C LEU C 180 -32.80 -1.87 8.46
N THR C 181 -33.70 -2.33 9.32
CA THR C 181 -34.73 -1.50 9.95
C THR C 181 -34.62 -1.34 11.46
N LYS C 182 -33.55 -1.88 12.05
CA LYS C 182 -33.38 -1.82 13.49
C LYS C 182 -31.89 -1.69 13.82
N ASP C 183 -31.58 -0.71 14.65
CA ASP C 183 -30.25 -0.49 15.15
C ASP C 183 -29.84 -1.59 16.13
N GLY C 184 -28.58 -2.02 16.05
CA GLY C 184 -28.05 -2.94 17.04
C GLY C 184 -28.69 -4.32 17.07
N ALA C 185 -29.15 -4.81 15.93
CA ALA C 185 -29.92 -6.06 15.88
C ALA C 185 -29.59 -7.03 14.74
N PHE C 186 -29.07 -6.52 13.63
CA PHE C 186 -28.73 -7.35 12.47
C PHE C 186 -27.23 -7.68 12.49
N PRO C 187 -26.88 -8.96 12.73
CA PRO C 187 -25.44 -9.27 12.84
C PRO C 187 -24.70 -9.06 11.54
N VAL C 188 -23.51 -8.48 11.65
CA VAL C 188 -22.74 -8.26 10.42
CA VAL C 188 -22.62 -8.24 10.52
C VAL C 188 -22.19 -9.58 9.89
N GLU C 189 -22.01 -10.57 10.75
CA GLU C 189 -21.47 -11.86 10.30
C GLU C 189 -22.38 -12.60 9.34
N CYS C 190 -23.67 -12.26 9.30
CA CYS C 190 -24.60 -13.01 8.44
C CYS C 190 -25.44 -12.16 7.51
N TRP C 191 -25.32 -10.84 7.60
CA TRP C 191 -26.04 -9.95 6.70
C TRP C 191 -25.07 -9.00 6.03
N CYS C 192 -25.22 -8.85 4.72
CA CYS C 192 -24.41 -7.94 3.93
C CYS C 192 -25.32 -7.14 2.98
N PRO C 193 -24.79 -6.09 2.35
CA PRO C 193 -25.65 -5.41 1.39
C PRO C 193 -26.04 -6.31 0.24
N ASP C 194 -27.28 -6.20 -0.21
CA ASP C 194 -27.78 -6.97 -1.36
C ASP C 194 -27.42 -6.20 -2.63
N PRO C 195 -26.45 -6.70 -3.40
CA PRO C 195 -26.00 -5.94 -4.56
C PRO C 195 -26.99 -5.96 -5.71
N SER C 196 -28.00 -6.83 -5.65
CA SER C 196 -29.01 -6.86 -6.71
C SER C 196 -30.10 -5.83 -6.50
N LYS C 197 -30.10 -5.19 -5.34
CA LYS C 197 -31.06 -4.11 -5.06
C LYS C 197 -30.26 -2.86 -4.72
N ASN C 198 -30.70 -2.09 -3.73
CA ASN C 198 -30.01 -0.88 -3.27
C ASN C 198 -29.76 0.14 -4.38
N GLU C 199 -30.71 0.27 -5.27
CA GLU C 199 -30.65 1.25 -6.33
C GLU C 199 -30.72 2.70 -5.78
N ASN C 200 -31.28 2.83 -4.59
CA ASN C 200 -31.50 4.12 -3.97
C ASN C 200 -30.68 4.31 -2.69
N THR C 201 -29.57 3.57 -2.57
CA THR C 201 -28.59 3.70 -1.48
C THR C 201 -27.20 3.63 -2.07
N ARG C 202 -26.26 4.33 -1.48
CA ARG C 202 -24.85 4.13 -1.81
C ARG C 202 -24.19 3.52 -0.60
N TYR C 203 -23.41 2.46 -0.80
CA TYR C 203 -22.66 1.87 0.32
C TYR C 203 -21.20 1.62 -0.05
N TYR C 204 -20.36 1.67 0.97
CA TYR C 204 -18.90 1.59 0.82
C TYR C 204 -18.41 0.78 1.98
N GLY C 205 -17.58 -0.22 1.71
CA GLY C 205 -17.07 -1.05 2.80
C GLY C 205 -15.68 -1.60 2.54
N SER C 206 -15.00 -1.94 3.64
CA SER C 206 -13.71 -2.58 3.60
C SER C 206 -13.54 -3.55 4.77
N TYR C 207 -12.69 -4.54 4.55
CA TYR C 207 -12.38 -5.52 5.58
C TYR C 207 -10.88 -5.81 5.49
N THR C 208 -10.19 -5.72 6.64
CA THR C 208 -8.82 -6.20 6.75
C THR C 208 -8.81 -7.23 7.88
N GLY C 209 -8.45 -8.47 7.58
CA GLY C 209 -8.57 -9.55 8.55
C GLY C 209 -7.28 -9.89 9.25
N GLY C 210 -7.09 -11.18 9.52
CA GLY C 210 -5.94 -11.66 10.23
C GLY C 210 -6.10 -11.57 11.73
N GLN C 211 -5.08 -12.01 12.46
CA GLN C 211 -5.21 -12.20 13.93
C GLN C 211 -4.92 -10.98 14.80
N SER C 212 -3.73 -10.41 14.58
CA SER C 212 -3.21 -9.27 15.35
CA SER C 212 -3.23 -9.27 15.36
C SER C 212 -2.80 -8.11 14.45
N THR C 213 -3.40 -8.05 13.28
CA THR C 213 -3.08 -7.06 12.26
C THR C 213 -3.13 -5.63 12.76
N PRO C 214 -2.14 -4.82 12.36
CA PRO C 214 -2.23 -3.41 12.73
C PRO C 214 -3.46 -2.74 12.15
N PRO C 215 -4.27 -2.07 12.98
CA PRO C 215 -5.29 -1.20 12.42
C PRO C 215 -4.67 -0.04 11.67
N VAL C 216 -5.20 0.24 10.48
CA VAL C 216 -4.73 1.40 9.69
C VAL C 216 -5.94 2.29 9.47
N LEU C 217 -5.92 3.47 10.08
CA LEU C 217 -7.09 4.32 10.17
C LEU C 217 -6.71 5.75 9.84
N GLN C 218 -7.66 6.48 9.26
CA GLN C 218 -7.45 7.91 8.96
C GLN C 218 -8.64 8.70 9.46
N PHE C 219 -8.42 9.98 9.74
CA PHE C 219 -9.47 10.90 10.11
C PHE C 219 -9.18 12.30 9.62
N THR C 220 -10.16 12.92 9.00
CA THR C 220 -10.01 14.29 8.51
C THR C 220 -11.40 14.90 8.32
N ASN C 221 -11.47 16.22 8.40
CA ASN C 221 -12.72 16.94 8.09
C ASN C 221 -12.75 17.56 6.70
N THR C 222 -11.92 17.04 5.77
CA THR C 222 -11.72 17.71 4.50
C THR C 222 -12.17 16.90 3.29
N VAL C 223 -12.78 15.72 3.50
CA VAL C 223 -13.13 14.83 2.39
C VAL C 223 -14.66 14.73 2.22
N THR C 224 -15.11 14.99 1.00
CA THR C 224 -16.54 14.93 0.63
C THR C 224 -16.73 13.73 -0.30
N THR C 225 -17.69 12.88 0.03
CA THR C 225 -18.03 11.72 -0.82
C THR C 225 -19.29 12.08 -1.62
N VAL C 226 -19.19 12.11 -2.93
CA VAL C 226 -20.31 12.41 -3.81
C VAL C 226 -21.25 11.20 -3.87
N LEU C 227 -22.54 11.44 -3.60
CA LEU C 227 -23.56 10.38 -3.60
C LEU C 227 -24.36 10.31 -4.91
N LEU C 228 -24.11 11.25 -5.81
CA LEU C 228 -24.75 11.23 -7.13
C LEU C 228 -24.30 10.00 -7.93
N ASP C 229 -25.22 9.39 -8.65
CA ASP C 229 -24.85 8.27 -9.51
C ASP C 229 -24.33 8.76 -10.85
N GLU C 230 -24.12 7.82 -11.79
CA GLU C 230 -23.60 8.15 -13.12
C GLU C 230 -24.50 9.06 -13.95
N ASN C 231 -25.80 9.09 -13.60
CA ASN C 231 -26.73 10.00 -14.26
C ASN C 231 -26.94 11.31 -13.50
N GLY C 232 -26.14 11.55 -12.46
CA GLY C 232 -26.24 12.78 -11.69
C GLY C 232 -27.36 12.81 -10.67
N VAL C 233 -27.85 11.65 -10.27
CA VAL C 233 -28.97 11.56 -9.33
C VAL C 233 -28.53 10.90 -8.03
N GLY C 234 -28.80 11.55 -6.90
CA GLY C 234 -28.50 11.02 -5.59
C GLY C 234 -29.65 10.18 -5.06
N PRO C 235 -29.46 9.51 -3.91
CA PRO C 235 -30.58 8.83 -3.25
C PRO C 235 -31.76 9.78 -3.03
N LEU C 236 -32.97 9.31 -3.34
CA LEU C 236 -34.22 10.10 -3.19
C LEU C 236 -34.96 9.61 -1.97
N CYS C 237 -35.22 10.52 -1.04
CA CYS C 237 -35.68 10.15 0.28
C CYS C 237 -37.19 9.93 0.36
N LYS C 238 -37.55 8.65 0.25
CA LYS C 238 -38.94 8.25 0.22
C LYS C 238 -39.61 8.52 1.57
N GLY C 239 -40.78 9.13 1.50
CA GLY C 239 -41.49 9.53 2.72
C GLY C 239 -40.72 10.50 3.59
N ASP C 240 -39.85 11.29 2.96
CA ASP C 240 -38.99 12.25 3.70
C ASP C 240 -38.16 11.59 4.80
N GLY C 241 -37.62 10.41 4.54
CA GLY C 241 -36.74 9.73 5.50
C GLY C 241 -35.39 9.52 4.87
N LEU C 242 -34.34 9.83 5.62
CA LEU C 242 -32.95 9.60 5.20
C LEU C 242 -32.42 8.47 6.04
N TYR C 243 -31.80 7.50 5.38
CA TYR C 243 -31.34 6.30 6.08
CA TYR C 243 -31.33 6.29 6.06
C TYR C 243 -29.82 6.24 6.06
N VAL C 244 -29.24 6.11 7.25
CA VAL C 244 -27.80 6.09 7.43
C VAL C 244 -27.45 4.85 8.22
N SER C 245 -26.41 4.14 7.76
CA SER C 245 -26.04 2.89 8.39
C SER C 245 -24.54 2.75 8.40
N CYS C 246 -24.00 2.00 9.35
CA CYS C 246 -22.55 1.82 9.41
C CYS C 246 -22.12 0.72 10.35
N CYS C 247 -20.83 0.37 10.25
CA CYS C 247 -20.19 -0.48 11.24
C CYS C 247 -18.70 -0.18 11.17
N ASP C 248 -18.07 0.03 12.32
CA ASP C 248 -16.64 0.33 12.37
C ASP C 248 -15.93 -0.44 13.47
N ILE C 249 -15.47 -1.64 13.13
CA ILE C 249 -14.70 -2.47 14.05
C ILE C 249 -13.23 -2.13 13.86
N VAL C 250 -12.53 -1.85 14.95
CA VAL C 250 -11.11 -1.43 14.85
C VAL C 250 -10.13 -2.43 15.42
N GLY C 251 -10.64 -3.56 15.91
CA GLY C 251 -9.81 -4.64 16.40
C GLY C 251 -10.39 -5.29 17.64
N PHE C 252 -9.51 -5.99 18.35
CA PHE C 252 -9.84 -6.67 19.62
C PHE C 252 -8.99 -6.13 20.75
N LEU C 253 -9.62 -6.02 21.93
CA LEU C 253 -8.93 -5.80 23.18
C LEU C 253 -8.58 -7.17 23.75
N VAL C 254 -7.33 -7.37 24.07
CA VAL C 254 -6.84 -8.65 24.59
C VAL C 254 -6.62 -8.56 26.09
N GLY C 255 -7.51 -9.19 26.84
CA GLY C 255 -7.40 -9.20 28.27
C GLY C 255 -6.21 -9.97 28.80
N LYS C 256 -5.95 -9.78 30.07
CA LYS C 256 -4.81 -10.39 30.75
C LYS C 256 -4.67 -11.88 30.49
N ASP C 257 -5.78 -12.60 30.53
CA ASP C 257 -5.75 -14.04 30.35
C ASP C 257 -5.90 -14.50 28.91
N GLY C 258 -5.97 -13.56 27.98
CA GLY C 258 -6.12 -13.91 26.57
C GLY C 258 -7.55 -13.81 26.06
N ASP C 259 -8.51 -13.55 26.94
CA ASP C 259 -9.89 -13.28 26.54
C ASP C 259 -9.99 -12.01 25.69
N MET C 260 -10.78 -12.06 24.63
CA MET C 260 -10.80 -10.96 23.65
C MET C 260 -12.21 -10.43 23.42
N GLN C 261 -12.29 -9.13 23.15
CA GLN C 261 -13.54 -8.42 22.89
C GLN C 261 -13.37 -7.54 21.65
N TYR C 262 -14.36 -7.53 20.76
CA TYR C 262 -14.39 -6.55 19.70
C TYR C 262 -14.42 -5.15 20.27
N ARG C 263 -13.75 -4.22 19.59
CA ARG C 263 -13.83 -2.80 19.86
C ARG C 263 -14.30 -2.05 18.62
N GLY C 264 -15.30 -1.17 18.81
CA GLY C 264 -15.86 -0.36 17.75
C GLY C 264 -15.77 1.10 18.06
N LEU C 265 -15.84 1.94 17.01
CA LEU C 265 -15.84 3.39 17.18
C LEU C 265 -17.07 4.01 16.53
N PRO C 266 -17.45 5.20 16.99
CA PRO C 266 -18.59 5.88 16.39
C PRO C 266 -18.22 6.51 15.05
N ARG C 267 -19.24 6.81 14.26
CA ARG C 267 -19.05 7.47 12.99
C ARG C 267 -19.95 8.70 12.93
N TYR C 268 -19.38 9.77 12.39
CA TYR C 268 -20.07 11.03 12.18
C TYR C 268 -20.43 11.20 10.72
N PHE C 269 -21.54 11.87 10.45
CA PHE C 269 -22.01 12.16 9.11
C PHE C 269 -22.51 13.58 8.98
N ASN C 270 -22.17 14.22 7.87
CA ASN C 270 -22.77 15.50 7.48
CA ASN C 270 -22.75 15.49 7.48
C ASN C 270 -23.21 15.34 6.04
N ILE C 271 -24.51 15.32 5.84
CA ILE C 271 -25.10 15.01 4.54
C ILE C 271 -25.79 16.24 3.98
N LEU C 272 -25.44 16.58 2.74
CA LEU C 272 -26.05 17.68 2.01
C LEU C 272 -27.17 17.15 1.16
N LEU C 273 -28.35 17.77 1.24
CA LEU C 273 -29.50 17.37 0.42
C LEU C 273 -30.09 18.54 -0.30
N ARG C 274 -30.74 18.25 -1.42
CA ARG C 274 -31.33 19.27 -2.26
C ARG C 274 -32.71 18.83 -2.69
N LYS C 275 -33.55 19.79 -3.03
CA LYS C 275 -34.90 19.49 -3.48
C LYS C 275 -34.91 19.08 -4.94
N ARG C 276 -35.56 17.94 -5.20
CA ARG C 276 -35.71 17.40 -6.54
C ARG C 276 -37.19 17.16 -6.87
N THR C 277 -37.62 17.66 -8.02
CA THR C 277 -38.99 17.40 -8.48
C THR C 277 -39.06 16.02 -9.12
N VAL C 278 -40.15 15.31 -8.86
CA VAL C 278 -40.41 13.98 -9.41
C VAL C 278 -41.86 13.90 -9.93
N ARG C 279 -42.08 12.99 -10.86
CA ARG C 279 -43.41 12.73 -11.41
C ARG C 279 -44.34 12.12 -10.39
N ASN C 280 -45.61 12.47 -10.51
CA ASN C 280 -46.64 11.88 -9.66
C ASN C 280 -47.93 11.77 -10.48
N ILE D 10 -19.33 34.45 10.34
CA ILE D 10 -18.59 35.50 9.58
C ILE D 10 -19.13 35.60 8.15
N GLU D 11 -19.52 36.81 7.74
CA GLU D 11 -19.89 37.07 6.35
C GLU D 11 -18.62 37.33 5.54
N VAL D 12 -18.28 36.39 4.66
CA VAL D 12 -17.00 36.44 3.93
C VAL D 12 -17.18 37.21 2.64
N LEU D 13 -16.39 38.27 2.47
CA LEU D 13 -16.45 39.13 1.28
C LEU D 13 -15.21 38.90 0.40
N ASN D 14 -14.68 39.93 -0.25
CA ASN D 14 -13.62 39.71 -1.24
C ASN D 14 -12.22 39.62 -0.62
N LEU D 15 -11.31 39.04 -1.39
CA LEU D 15 -9.88 39.10 -1.05
C LEU D 15 -9.36 40.52 -1.17
N VAL D 16 -8.45 40.88 -0.25
CA VAL D 16 -7.78 42.16 -0.30
C VAL D 16 -6.65 42.06 -1.30
N THR D 17 -6.57 43.03 -2.21
CA THR D 17 -5.61 43.00 -3.31
C THR D 17 -4.46 43.97 -3.06
N GLY D 18 -3.38 43.79 -3.81
CA GLY D 18 -2.27 44.74 -3.80
C GLY D 18 -1.14 44.31 -2.91
N PRO D 19 -0.10 45.15 -2.78
CA PRO D 19 1.05 44.83 -1.94
C PRO D 19 0.70 44.57 -0.48
N ASP D 20 1.51 43.78 0.19
CA ASP D 20 1.36 43.53 1.62
C ASP D 20 0.12 42.66 1.94
N SER D 21 -0.50 42.05 0.95
CA SER D 21 -1.74 41.29 1.20
C SER D 21 -1.49 39.83 1.62
N ILE D 22 -0.23 39.39 1.60
CA ILE D 22 0.16 38.03 1.95
C ILE D 22 1.18 38.08 3.08
N THR D 23 1.14 37.08 3.95
CA THR D 23 2.20 36.86 4.92
C THR D 23 2.42 35.36 5.11
N THR D 24 3.57 35.01 5.68
CA THR D 24 3.85 33.61 5.99
C THR D 24 4.22 33.46 7.45
N ILE D 25 3.91 32.31 8.02
CA ILE D 25 4.26 32.03 9.40
C ILE D 25 5.00 30.72 9.36
N GLU D 26 6.18 30.70 9.97
CA GLU D 26 6.96 29.49 10.09
C GLU D 26 7.17 29.15 11.56
N LEU D 27 7.00 27.88 11.91
CA LEU D 27 7.26 27.43 13.27
C LEU D 27 7.52 25.95 13.32
N TYR D 28 7.99 25.49 14.46
CA TYR D 28 8.01 24.08 14.75
C TYR D 28 7.42 23.85 16.13
N LEU D 29 6.94 22.63 16.36
CA LEU D 29 6.47 22.19 17.64
C LEU D 29 7.20 20.92 18.04
N ASN D 30 7.85 20.97 19.21
CA ASN D 30 8.45 19.78 19.79
C ASN D 30 7.39 18.84 20.39
N THR D 31 7.71 17.56 20.36
CA THR D 31 6.79 16.50 20.73
C THR D 31 6.53 16.52 22.25
N ARG D 32 5.36 15.99 22.62
CA ARG D 32 4.93 15.97 24.02
C ARG D 32 4.55 14.53 24.34
N MET D 33 5.57 13.70 24.49
CA MET D 33 5.35 12.27 24.72
C MET D 33 5.19 11.96 26.21
N GLY D 34 5.57 12.90 27.07
CA GLY D 34 5.40 12.73 28.52
C GLY D 34 6.57 13.28 29.32
N GLN D 35 7.81 13.05 28.87
CA GLN D 35 8.95 13.77 29.43
C GLN D 35 9.14 14.98 28.53
N ASN D 36 8.58 16.10 28.96
CA ASN D 36 8.44 17.27 28.10
C ASN D 36 9.36 18.43 28.47
N ASP D 37 10.32 18.15 29.34
CA ASP D 37 11.30 19.12 29.80
C ASP D 37 12.59 18.95 29.00
N GLU D 38 12.93 19.93 28.16
CA GLU D 38 14.12 19.83 27.29
C GLU D 38 15.45 19.78 28.03
N SER D 39 15.44 20.06 29.34
CA SER D 39 16.65 20.02 30.15
C SER D 39 16.92 18.67 30.79
N LYS D 40 15.99 17.72 30.64
CA LYS D 40 16.08 16.45 31.35
C LYS D 40 16.30 15.28 30.38
N ASP D 41 16.83 14.18 30.91
CA ASP D 41 17.05 12.98 30.13
C ASP D 41 15.72 12.47 29.62
N ASN D 42 15.74 11.69 28.55
CA ASN D 42 14.49 11.16 27.96
C ASN D 42 13.50 12.17 27.39
N TYR D 43 13.98 13.38 27.11
CA TYR D 43 13.16 14.35 26.42
C TYR D 43 12.74 13.79 25.07
N GLY D 44 11.50 14.01 24.70
CA GLY D 44 10.97 13.51 23.43
C GLY D 44 10.56 12.06 23.48
N TYR D 45 10.57 11.48 24.67
CA TYR D 45 10.01 10.14 24.91
C TYR D 45 9.00 10.26 26.03
N SER D 46 8.21 9.21 26.23
CA SER D 46 7.42 9.08 27.45
C SER D 46 8.27 8.47 28.55
N GLU D 47 7.77 8.58 29.78
CA GLU D 47 8.23 7.72 30.86
C GLU D 47 7.82 6.28 30.52
N LYS D 48 8.42 5.34 31.23
CA LYS D 48 8.16 3.92 31.01
C LYS D 48 6.67 3.60 31.07
N VAL D 49 6.19 2.86 30.08
CA VAL D 49 4.78 2.45 30.06
C VAL D 49 4.51 1.42 31.16
N THR D 50 3.39 1.61 31.87
CA THR D 50 2.93 0.64 32.88
C THR D 50 1.56 0.09 32.44
N VAL D 51 1.15 -1.03 33.03
CA VAL D 51 -0.08 -1.73 32.61
C VAL D 51 -0.96 -1.95 33.83
N ALA D 52 -2.22 -1.56 33.70
CA ALA D 52 -3.20 -1.69 34.77
C ALA D 52 -3.40 -3.16 35.17
N ASN D 53 -3.59 -3.40 36.46
CA ASN D 53 -3.93 -4.75 36.94
C ASN D 53 -5.39 -5.09 36.61
N SER D 54 -6.21 -4.05 36.54
CA SER D 54 -7.62 -4.22 36.22
C SER D 54 -8.16 -2.89 35.74
N SER D 55 -9.32 -2.90 35.07
CA SER D 55 -9.86 -1.67 34.46
C SER D 55 -10.32 -0.62 35.48
N ASP D 56 -10.62 -1.04 36.70
CA ASP D 56 -10.94 -0.11 37.78
C ASP D 56 -9.72 0.25 38.64
N GLN D 57 -8.52 -0.17 38.23
CA GLN D 57 -7.26 0.28 38.82
C GLN D 57 -6.31 0.78 37.73
N ASP D 58 -6.82 1.58 36.81
CA ASP D 58 -6.11 1.98 35.61
C ASP D 58 -5.67 3.43 35.78
N LYS D 59 -4.47 3.60 36.33
CA LYS D 59 -3.94 4.90 36.73
C LYS D 59 -2.55 5.09 36.12
N PRO D 60 -2.47 5.68 34.92
CA PRO D 60 -1.14 5.87 34.31
C PRO D 60 -0.23 6.72 35.17
N THR D 61 1.05 6.35 35.21
CA THR D 61 2.03 7.15 35.92
C THR D 61 2.18 8.53 35.28
N SER D 62 2.67 9.48 36.08
CA SER D 62 2.91 10.81 35.56
C SER D 62 3.98 10.73 34.47
N GLY D 63 3.67 11.31 33.33
CA GLY D 63 4.61 11.33 32.22
C GLY D 63 4.62 10.15 31.27
N GLU D 64 3.73 9.15 31.41
CA GLU D 64 3.69 8.04 30.45
C GLU D 64 2.66 8.20 29.34
N ILE D 65 2.00 9.36 29.28
CA ILE D 65 0.83 9.66 28.43
C ILE D 65 1.16 10.73 27.39
N PRO D 66 1.18 10.39 26.08
CA PRO D 66 1.34 11.45 25.10
C PRO D 66 0.19 12.45 25.06
N THR D 67 0.52 13.70 24.77
CA THR D 67 -0.48 14.76 24.68
C THR D 67 -0.27 15.53 23.38
N TYR D 68 -1.26 16.34 23.00
CA TYR D 68 -1.15 17.15 21.83
C TYR D 68 -0.18 18.30 22.03
N SER D 69 0.56 18.59 20.97
CA SER D 69 1.32 19.83 20.87
C SER D 69 0.42 20.88 20.25
N THR D 70 0.54 22.11 20.73
CA THR D 70 -0.25 23.18 20.14
C THR D 70 0.40 24.55 20.44
N ALA D 71 0.12 25.51 19.57
CA ALA D 71 0.52 26.91 19.75
C ALA D 71 -0.49 27.83 19.11
N ARG D 72 -0.62 29.01 19.72
CA ARG D 72 -1.26 30.13 19.07
C ARG D 72 -0.16 31.09 18.63
N ILE D 73 -0.19 31.47 17.36
CA ILE D 73 0.78 32.41 16.80
C ILE D 73 0.08 33.74 16.56
N ASN D 74 0.67 34.82 17.07
CA ASN D 74 0.16 36.18 16.84
C ASN D 74 0.45 36.59 15.41
N LEU D 75 -0.55 37.06 14.70
CA LEU D 75 -0.35 37.49 13.32
C LEU D 75 -0.23 39.01 13.27
N PRO D 76 0.25 39.56 12.15
CA PRO D 76 0.29 41.02 12.06
C PRO D 76 -1.08 41.66 12.26
N MET D 77 -1.14 42.71 13.09
CA MET D 77 -2.38 43.36 13.44
C MET D 77 -2.99 43.99 12.21
N LEU D 78 -4.29 43.80 12.03
CA LEU D 78 -4.98 44.29 10.85
C LEU D 78 -5.80 45.56 11.04
N ASN D 79 -6.59 45.61 12.10
CA ASN D 79 -7.68 46.63 12.17
C ASN D 79 -7.40 47.66 13.26
N GLU D 80 -6.97 48.86 12.88
CA GLU D 80 -6.79 49.97 13.83
C GLU D 80 -8.13 50.59 14.16
N ASP D 81 -9.08 50.39 13.24
CA ASP D 81 -10.48 50.75 13.44
C ASP D 81 -11.35 49.74 12.68
N ASN D 85 -17.54 49.31 8.89
CA ASN D 85 -18.51 48.39 8.30
C ASN D 85 -17.96 47.04 7.81
N THR D 86 -16.78 47.03 7.21
CA THR D 86 -16.10 45.76 6.88
C THR D 86 -14.82 45.78 7.66
N LEU D 87 -14.26 44.59 7.86
CA LEU D 87 -12.99 44.41 8.53
C LEU D 87 -12.18 43.39 7.76
N THR D 88 -10.92 43.27 8.12
CA THR D 88 -10.00 42.38 7.44
C THR D 88 -9.58 41.28 8.41
N MET D 89 -9.50 40.06 7.90
CA MET D 89 -8.95 38.92 8.64
C MET D 89 -7.89 38.21 7.82
N TRP D 90 -6.93 37.60 8.50
CA TRP D 90 -6.01 36.70 7.86
C TRP D 90 -6.70 35.37 7.60
N GLU D 91 -6.48 34.86 6.39
CA GLU D 91 -7.08 33.62 5.93
C GLU D 91 -5.93 32.67 5.60
N ALA D 92 -5.90 31.51 6.25
CA ALA D 92 -4.83 30.54 6.00
C ALA D 92 -5.14 29.79 4.71
N VAL D 93 -4.22 29.88 3.75
CA VAL D 93 -4.48 29.36 2.39
C VAL D 93 -3.93 27.95 2.24
N SER D 94 -2.75 27.73 2.79
CA SER D 94 -2.04 26.49 2.55
C SER D 94 -0.96 26.31 3.61
N VAL D 95 -0.51 25.07 3.78
CA VAL D 95 0.58 24.78 4.68
C VAL D 95 1.49 23.73 4.06
N LYS D 96 2.79 23.94 4.26
CA LYS D 96 3.79 22.93 4.02
C LYS D 96 4.22 22.44 5.39
N THR D 97 4.03 21.16 5.67
CA THR D 97 4.36 20.62 6.98
C THR D 97 5.12 19.30 6.84
N GLU D 98 6.07 19.09 7.73
CA GLU D 98 6.88 17.88 7.68
C GLU D 98 7.29 17.46 9.07
N VAL D 99 7.45 16.15 9.23
CA VAL D 99 8.00 15.58 10.44
C VAL D 99 9.52 15.70 10.37
N VAL D 100 10.11 16.22 11.44
CA VAL D 100 11.54 16.49 11.51
C VAL D 100 12.26 15.32 12.18
N GLY D 101 13.46 15.01 11.71
CA GLY D 101 14.30 14.02 12.35
C GLY D 101 13.96 12.56 12.10
N VAL D 102 13.28 12.28 11.00
CA VAL D 102 12.97 10.91 10.65
C VAL D 102 14.25 10.04 10.62
N SER D 103 15.35 10.60 10.13
CA SER D 103 16.58 9.84 10.00
C SER D 103 17.14 9.41 11.36
N SER D 104 16.71 10.06 12.45
CA SER D 104 17.16 9.66 13.80
C SER D 104 16.72 8.24 14.11
N LEU D 105 15.73 7.72 13.37
CA LEU D 105 15.26 6.33 13.57
C LEU D 105 16.18 5.30 12.94
N VAL D 106 17.19 5.74 12.18
CA VAL D 106 18.20 4.82 11.62
C VAL D 106 19.30 4.66 12.69
N ASN D 107 18.97 3.91 13.73
CA ASN D 107 19.83 3.80 14.90
C ASN D 107 19.48 2.51 15.58
N VAL D 108 20.41 1.55 15.55
CA VAL D 108 20.19 0.24 16.15
C VAL D 108 21.32 -0.15 17.12
N HIS D 109 22.01 0.86 17.67
CA HIS D 109 23.04 0.63 18.70
C HIS D 109 22.68 1.21 20.07
N MET D 110 21.47 1.76 20.22
CA MET D 110 21.03 2.26 21.50
C MET D 110 20.84 1.09 22.45
N ALA D 111 20.79 1.41 23.74
CA ALA D 111 20.64 0.40 24.79
C ALA D 111 19.23 -0.18 24.79
N THR D 112 19.07 -1.25 24.00
CA THR D 112 17.76 -1.81 23.69
C THR D 112 17.84 -3.33 23.70
N LYS D 113 16.69 -3.98 23.68
CA LYS D 113 16.64 -5.41 23.39
C LYS D 113 17.23 -5.67 21.99
N ARG D 114 17.77 -6.87 21.78
CA ARG D 114 18.51 -7.19 20.56
C ARG D 114 17.92 -8.36 19.82
N MET D 115 18.17 -8.39 18.52
CA MET D 115 17.83 -9.54 17.71
C MET D 115 18.83 -10.69 17.85
N TYR D 116 18.36 -11.88 17.49
CA TYR D 116 19.19 -13.08 17.31
C TYR D 116 20.09 -13.38 18.49
N ASP D 117 19.47 -13.63 19.64
CA ASP D 117 20.16 -14.14 20.82
C ASP D 117 21.36 -13.27 21.18
N ASP D 118 21.08 -11.96 21.24
CA ASP D 118 22.04 -10.93 21.66
C ASP D 118 23.24 -10.75 20.75
N LYS D 119 23.12 -11.17 19.50
CA LYS D 119 24.16 -11.02 18.52
C LYS D 119 23.82 -9.97 17.46
N GLY D 120 22.53 -9.70 17.25
CA GLY D 120 22.11 -8.87 16.14
C GLY D 120 21.88 -7.44 16.56
N ILE D 121 21.16 -6.71 15.71
CA ILE D 121 20.91 -5.31 15.94
C ILE D 121 20.10 -5.07 17.19
N GLY D 122 20.26 -3.90 17.79
CA GLY D 122 19.30 -3.42 18.78
C GLY D 122 18.00 -3.14 18.08
N PHE D 123 16.86 -3.36 18.74
CA PHE D 123 15.58 -3.06 18.10
C PHE D 123 15.50 -1.56 17.80
N PRO D 124 15.13 -1.19 16.56
CA PRO D 124 14.86 0.22 16.33
C PRO D 124 13.56 0.63 17.00
N VAL D 125 13.35 1.94 17.10
CA VAL D 125 12.06 2.45 17.53
C VAL D 125 11.02 1.94 16.53
N GLU D 126 9.98 1.27 17.04
CA GLU D 126 9.05 0.58 16.18
C GLU D 126 7.72 0.40 16.87
N GLY D 127 6.70 0.10 16.07
CA GLY D 127 5.38 -0.07 16.62
C GLY D 127 4.42 1.02 16.20
N MET D 128 3.47 1.28 17.10
CA MET D 128 2.38 2.23 16.87
C MET D 128 2.85 3.57 16.31
N ASN D 129 2.23 4.01 15.22
CA ASN D 129 2.41 5.33 14.69
C ASN D 129 1.09 6.09 14.71
N PHE D 130 1.17 7.34 15.11
CA PHE D 130 0.02 8.23 15.17
C PHE D 130 0.51 9.61 14.72
N HIS D 131 -0.11 10.14 13.67
CA HIS D 131 0.29 11.40 13.09
C HIS D 131 -0.90 12.24 12.79
N MET D 132 -0.93 13.44 13.36
CA MET D 132 -1.99 14.35 13.02
CA MET D 132 -2.04 14.36 13.16
C MET D 132 -1.49 15.77 13.12
N PHE D 133 -2.08 16.62 12.28
CA PHE D 133 -1.87 18.05 12.42
C PHE D 133 -3.18 18.78 12.11
N ALA D 134 -3.25 20.00 12.64
CA ALA D 134 -4.42 20.85 12.44
C ALA D 134 -3.96 22.29 12.33
N VAL D 135 -4.59 23.04 11.43
CA VAL D 135 -4.36 24.47 11.30
C VAL D 135 -5.73 25.13 11.28
N GLY D 136 -5.93 26.11 12.16
CA GLY D 136 -7.19 26.79 12.22
C GLY D 136 -7.12 28.24 12.70
N GLY D 137 -8.27 28.92 12.66
CA GLY D 137 -8.34 30.33 13.09
C GLY D 137 -8.87 30.49 14.50
N GLU D 138 -8.88 29.39 15.26
CA GLU D 138 -9.35 29.32 16.65
C GLU D 138 -8.90 27.97 17.20
N PRO D 139 -8.98 27.76 18.52
CA PRO D 139 -8.52 26.46 19.03
C PRO D 139 -9.26 25.26 18.43
N LEU D 140 -8.50 24.18 18.23
CA LEU D 140 -9.07 22.89 17.82
C LEU D 140 -10.12 22.46 18.83
N GLU D 141 -11.32 22.17 18.33
CA GLU D 141 -12.41 21.70 19.17
C GLU D 141 -12.32 20.19 19.32
N LEU D 142 -12.40 19.73 20.56
CA LEU D 142 -12.19 18.34 20.93
C LEU D 142 -13.46 17.67 21.42
N GLN D 143 -13.52 16.36 21.16
CA GLN D 143 -14.53 15.42 21.67
C GLN D 143 -13.79 14.43 22.56
N PHE D 144 -14.34 14.13 23.73
CA PHE D 144 -13.79 13.11 24.61
C PHE D 144 -14.25 11.73 24.12
N LEU D 145 -13.32 10.79 24.06
CA LEU D 145 -13.67 9.41 23.82
C LEU D 145 -12.50 8.58 24.28
N THR D 146 -12.78 7.55 25.08
CA THR D 146 -11.74 6.75 25.69
C THR D 146 -12.00 5.25 25.59
N GLY D 147 -10.93 4.47 25.63
CA GLY D 147 -11.02 3.02 25.73
C GLY D 147 -11.46 2.49 27.08
N ASN D 148 -11.31 3.30 28.11
CA ASN D 148 -11.68 2.93 29.49
C ASN D 148 -12.21 4.13 30.24
N TYR D 149 -13.52 4.14 30.50
CA TYR D 149 -14.15 5.31 31.13
C TYR D 149 -13.56 5.61 32.50
N ARG D 150 -12.99 4.59 33.14
CA ARG D 150 -12.49 4.68 34.52
C ARG D 150 -11.05 5.13 34.66
N THR D 151 -10.38 5.41 33.55
CA THR D 151 -8.98 5.82 33.62
C THR D 151 -8.83 6.96 34.63
N ASP D 152 -7.88 6.81 35.53
CA ASP D 152 -7.60 7.76 36.60
C ASP D 152 -6.36 8.57 36.25
N TYR D 153 -6.53 9.86 35.98
CA TYR D 153 -5.45 10.77 35.54
C TYR D 153 -4.84 11.57 36.68
N SER D 154 -5.20 11.21 37.90
CA SER D 154 -4.80 11.99 39.08
C SER D 154 -3.31 11.92 39.43
N ALA D 155 -2.52 11.07 38.81
CA ALA D 155 -1.06 11.10 39.00
C ALA D 155 -0.43 12.38 38.44
N ASN D 156 -1.14 13.03 37.53
CA ASN D 156 -0.64 14.27 36.92
C ASN D 156 -1.77 15.28 36.82
N ASP D 157 -1.82 16.19 37.80
CA ASP D 157 -2.90 17.18 37.83
C ASP D 157 -2.78 18.29 36.78
N LYS D 158 -1.73 18.26 35.95
CA LYS D 158 -1.61 19.21 34.85
C LYS D 158 -2.36 18.73 33.60
N LEU D 159 -2.80 17.48 33.57
CA LEU D 159 -3.56 16.97 32.42
C LEU D 159 -4.98 17.51 32.48
N VAL D 160 -5.51 17.92 31.33
CA VAL D 160 -6.86 18.44 31.23
C VAL D 160 -7.77 17.30 30.78
N VAL D 161 -8.71 16.94 31.67
CA VAL D 161 -9.66 15.86 31.42
C VAL D 161 -11.03 16.27 31.99
N PRO D 162 -12.11 15.53 31.64
CA PRO D 162 -13.40 15.95 32.13
C PRO D 162 -13.53 15.83 33.65
N PRO D 163 -14.47 16.57 34.23
CA PRO D 163 -14.64 16.59 35.68
C PRO D 163 -15.31 15.35 36.27
N ILE D 164 -16.02 14.59 35.44
CA ILE D 164 -16.69 13.37 35.91
C ILE D 164 -16.41 12.24 34.92
N LYS D 165 -16.68 11.03 35.34
CA LYS D 165 -16.53 9.84 34.52
C LYS D 165 -17.87 9.15 34.28
N HIS D 166 -18.04 8.54 33.11
CA HIS D 166 -19.23 7.76 32.82
C HIS D 166 -18.99 6.72 31.72
N GLN D 167 -19.70 5.59 31.81
CA GLN D 167 -19.55 4.49 30.85
C GLN D 167 -19.72 4.94 29.38
N SER D 168 -20.60 5.92 29.17
CA SER D 168 -20.95 6.37 27.82
C SER D 168 -19.78 7.02 27.07
N THR D 169 -18.72 7.39 27.79
CA THR D 169 -17.56 8.02 27.20
C THR D 169 -16.67 7.02 26.48
N GLN D 170 -17.00 5.72 26.53
CA GLN D 170 -16.37 4.74 25.63
C GLN D 170 -16.96 4.77 24.23
N GLY D 171 -18.03 5.53 24.07
CA GLY D 171 -18.51 5.96 22.76
C GLY D 171 -18.52 7.47 22.72
N LEU D 172 -19.35 8.02 21.85
CA LEU D 172 -19.46 9.46 21.67
C LEU D 172 -20.62 9.99 22.52
N ASN D 173 -20.27 10.75 23.57
CA ASN D 173 -21.23 11.47 24.37
C ASN D 173 -20.94 12.94 24.18
N PRO D 174 -21.83 13.64 23.49
CA PRO D 174 -21.53 15.04 23.15
C PRO D 174 -21.54 16.00 24.34
N HIS D 175 -21.85 15.52 25.54
CA HIS D 175 -21.70 16.33 26.74
C HIS D 175 -20.27 16.43 27.22
N TYR D 176 -19.36 15.68 26.60
CA TYR D 176 -17.94 15.66 26.97
C TYR D 176 -17.08 16.25 25.86
N LYS D 177 -16.84 17.56 25.92
CA LYS D 177 -16.05 18.25 24.90
CA LYS D 177 -16.07 18.28 24.90
C LYS D 177 -15.04 19.20 25.56
N GLN D 178 -14.15 19.75 24.74
CA GLN D 178 -13.13 20.69 25.21
C GLN D 178 -12.58 21.44 24.01
N LYS D 179 -11.64 22.35 24.28
CA LYS D 179 -10.90 23.02 23.23
C LYS D 179 -9.42 22.91 23.55
N LEU D 180 -8.60 22.75 22.50
CA LEU D 180 -7.19 22.50 22.66
C LEU D 180 -6.45 23.82 22.89
N THR D 181 -6.35 24.20 24.16
CA THR D 181 -5.88 25.52 24.56
C THR D 181 -4.55 25.50 25.33
N LYS D 182 -3.98 24.31 25.56
CA LYS D 182 -2.71 24.22 26.31
C LYS D 182 -1.85 23.13 25.69
N ASP D 183 -0.59 23.47 25.47
CA ASP D 183 0.40 22.52 24.96
C ASP D 183 0.77 21.51 26.03
N GLY D 184 0.96 20.26 25.64
CA GLY D 184 1.42 19.23 26.54
C GLY D 184 0.51 18.89 27.69
N ALA D 185 -0.81 19.02 27.51
CA ALA D 185 -1.77 18.83 28.61
C ALA D 185 -3.00 18.00 28.29
N PHE D 186 -3.36 17.89 27.02
CA PHE D 186 -4.55 17.14 26.61
C PHE D 186 -4.13 15.78 26.09
N PRO D 187 -4.44 14.69 26.84
CA PRO D 187 -4.04 13.36 26.35
C PRO D 187 -4.68 12.96 25.04
N VAL D 188 -3.84 12.40 24.16
CA VAL D 188 -4.27 11.89 22.88
CA VAL D 188 -4.40 11.98 22.88
C VAL D 188 -5.27 10.74 23.06
N GLU D 189 -5.04 9.93 24.10
CA GLU D 189 -5.83 8.72 24.32
C GLU D 189 -7.31 8.97 24.64
N CYS D 190 -7.66 10.20 25.04
CA CYS D 190 -9.03 10.47 25.40
C CYS D 190 -9.66 11.68 24.74
N TRP D 191 -8.89 12.43 23.95
CA TRP D 191 -9.41 13.58 23.23
C TRP D 191 -9.10 13.44 21.75
N CYS D 192 -10.10 13.69 20.90
CA CYS D 192 -9.96 13.63 19.45
C CYS D 192 -10.64 14.85 18.89
N PRO D 193 -10.39 15.16 17.59
CA PRO D 193 -11.12 16.27 17.00
C PRO D 193 -12.63 16.03 17.01
N ASP D 194 -13.38 17.08 17.32
CA ASP D 194 -14.84 17.03 17.30
C ASP D 194 -15.32 17.27 15.87
N PRO D 195 -15.83 16.22 15.19
CA PRO D 195 -16.20 16.41 13.78
C PRO D 195 -17.47 17.25 13.59
N SER D 196 -18.24 17.47 14.68
CA SER D 196 -19.44 18.29 14.61
C SER D 196 -19.16 19.78 14.71
N LYS D 197 -17.91 20.14 15.00
CA LYS D 197 -17.50 21.52 15.07
C LYS D 197 -16.33 21.69 14.10
N ASN D 198 -15.33 22.47 14.47
CA ASN D 198 -14.15 22.67 13.65
C ASN D 198 -14.40 23.19 12.24
N GLU D 199 -15.40 24.05 12.10
CA GLU D 199 -15.73 24.64 10.81
C GLU D 199 -14.61 25.55 10.35
N ASN D 200 -13.78 26.01 11.30
CA ASN D 200 -12.75 27.02 11.05
C ASN D 200 -11.34 26.46 11.25
N THR D 201 -11.22 25.13 11.19
CA THR D 201 -9.96 24.41 11.34
C THR D 201 -9.96 23.27 10.33
N ARG D 202 -8.81 22.98 9.75
CA ARG D 202 -8.62 21.77 8.96
C ARG D 202 -7.73 20.83 9.73
N TYR D 203 -8.14 19.57 9.86
CA TYR D 203 -7.30 18.58 10.54
C TYR D 203 -7.17 17.31 9.69
N TYR D 204 -6.04 16.66 9.87
CA TYR D 204 -5.64 15.45 9.14
C TYR D 204 -4.94 14.53 10.10
N GLY D 205 -5.35 13.27 10.13
CA GLY D 205 -4.72 12.30 11.04
C GLY D 205 -4.71 10.88 10.51
N SER D 206 -3.78 10.11 11.05
CA SER D 206 -3.62 8.70 10.70
C SER D 206 -3.10 7.93 11.91
N TYR D 207 -3.48 6.67 11.98
CA TYR D 207 -3.06 5.76 13.03
C TYR D 207 -2.72 4.42 12.37
N THR D 208 -1.55 3.88 12.68
CA THR D 208 -1.16 2.52 12.31
C THR D 208 -0.77 1.85 13.62
N GLY D 209 -1.48 0.81 14.02
CA GLY D 209 -1.25 0.23 15.34
C GLY D 209 -0.42 -1.05 15.29
N GLY D 210 -0.79 -2.01 16.12
CA GLY D 210 -0.05 -3.26 16.24
C GLY D 210 1.10 -3.14 17.22
N GLN D 211 1.82 -4.24 17.41
CA GLN D 211 2.84 -4.30 18.49
C GLN D 211 4.24 -3.78 18.13
N SER D 212 4.79 -4.32 17.04
CA SER D 212 6.18 -4.04 16.64
CA SER D 212 6.18 -4.03 16.64
C SER D 212 6.22 -3.57 15.19
N THR D 213 5.09 -3.02 14.74
CA THR D 213 4.88 -2.65 13.34
C THR D 213 5.97 -1.73 12.79
N PRO D 214 6.47 -2.01 11.58
CA PRO D 214 7.41 -1.06 10.99
C PRO D 214 6.83 0.35 10.85
N PRO D 215 7.51 1.37 11.38
CA PRO D 215 7.12 2.75 11.03
C PRO D 215 7.35 3.01 9.55
N VAL D 216 6.40 3.70 8.90
CA VAL D 216 6.50 4.06 7.48
C VAL D 216 6.31 5.56 7.42
N LEU D 217 7.40 6.25 7.11
CA LEU D 217 7.47 7.70 7.25
C LEU D 217 8.06 8.31 6.00
N GLN D 218 7.60 9.53 5.70
CA GLN D 218 8.14 10.28 4.59
C GLN D 218 8.50 11.70 5.04
N PHE D 219 9.44 12.32 4.35
CA PHE D 219 9.78 13.72 4.58
C PHE D 219 10.25 14.36 3.28
N THR D 220 9.73 15.53 3.02
CA THR D 220 10.07 16.28 1.83
C THR D 220 9.73 17.75 2.07
N ASN D 221 10.39 18.63 1.34
CA ASN D 221 10.07 20.07 1.39
C ASN D 221 9.30 20.52 0.14
N THR D 222 8.65 19.58 -0.55
CA THR D 222 8.03 19.90 -1.84
C THR D 222 6.50 19.80 -1.85
N VAL D 223 5.88 19.50 -0.72
CA VAL D 223 4.41 19.24 -0.71
C VAL D 223 3.64 20.35 -0.01
N THR D 224 2.67 20.91 -0.73
CA THR D 224 1.80 21.94 -0.18
C THR D 224 0.40 21.36 0.02
N THR D 225 -0.13 21.52 1.24
CA THR D 225 -1.49 21.13 1.59
C THR D 225 -2.39 22.36 1.50
N VAL D 226 -3.39 22.30 0.62
CA VAL D 226 -4.33 23.41 0.47
C VAL D 226 -5.34 23.40 1.63
N LEU D 227 -5.54 24.55 2.26
CA LEU D 227 -6.43 24.66 3.43
C LEU D 227 -7.79 25.24 3.09
N LEU D 228 -7.97 25.65 1.84
CA LEU D 228 -9.26 26.17 1.39
C LEU D 228 -10.31 25.09 1.42
N ASP D 229 -11.51 25.44 1.87
CA ASP D 229 -12.64 24.54 1.84
C ASP D 229 -13.27 24.47 0.45
N GLU D 230 -14.41 23.78 0.35
CA GLU D 230 -15.10 23.62 -0.92
C GLU D 230 -15.61 24.93 -1.54
N ASN D 231 -15.77 25.97 -0.71
CA ASN D 231 -16.16 27.30 -1.17
C ASN D 231 -14.97 28.23 -1.44
N GLY D 232 -13.75 27.71 -1.32
CA GLY D 232 -12.55 28.49 -1.60
C GLY D 232 -12.09 29.32 -0.41
N VAL D 233 -12.54 28.96 0.79
CA VAL D 233 -12.28 29.78 1.97
C VAL D 233 -11.46 29.00 2.97
N GLY D 234 -10.33 29.57 3.38
CA GLY D 234 -9.50 28.93 4.38
C GLY D 234 -9.88 29.36 5.78
N PRO D 235 -9.22 28.78 6.79
CA PRO D 235 -9.42 29.19 8.18
C PRO D 235 -9.24 30.71 8.30
N LEU D 236 -10.17 31.35 9.01
CA LEU D 236 -10.14 32.80 9.24
C LEU D 236 -9.72 33.05 10.68
N CYS D 237 -8.64 33.82 10.85
CA CYS D 237 -7.94 33.91 12.12
C CYS D 237 -8.56 34.96 13.04
N LYS D 238 -9.39 34.46 13.94
CA LYS D 238 -10.12 35.31 14.87
C LYS D 238 -9.13 35.98 15.82
N GLY D 239 -9.29 37.28 15.99
CA GLY D 239 -8.37 38.06 16.82
C GLY D 239 -6.93 38.04 16.36
N ASP D 240 -6.69 37.84 15.06
CA ASP D 240 -5.34 37.77 14.49
C ASP D 240 -4.49 36.67 15.14
N GLY D 241 -5.14 35.57 15.50
CA GLY D 241 -4.46 34.39 16.06
C GLY D 241 -4.57 33.20 15.12
N LEU D 242 -3.44 32.55 14.89
CA LEU D 242 -3.36 31.31 14.12
C LEU D 242 -3.08 30.16 15.07
N TYR D 243 -3.83 29.08 14.93
CA TYR D 243 -3.70 27.92 15.82
CA TYR D 243 -3.69 27.93 15.82
C TYR D 243 -3.17 26.72 15.07
N VAL D 244 -2.11 26.13 15.60
CA VAL D 244 -1.45 24.99 15.02
C VAL D 244 -1.33 23.89 16.07
N SER D 245 -1.67 22.67 15.69
CA SER D 245 -1.72 21.56 16.63
C SER D 245 -1.23 20.30 15.98
N CYS D 246 -0.62 19.39 16.74
CA CYS D 246 -0.16 18.15 16.14
C CYS D 246 0.20 17.12 17.18
N CYS D 247 0.44 15.89 16.69
CA CYS D 247 1.05 14.80 17.45
C CYS D 247 1.69 13.85 16.45
N ASP D 248 2.90 13.42 16.75
CA ASP D 248 3.64 12.50 15.86
C ASP D 248 4.38 11.44 16.66
N ILE D 249 3.69 10.36 16.95
CA ILE D 249 4.27 9.20 17.60
C ILE D 249 4.83 8.30 16.52
N VAL D 250 6.09 7.91 16.68
CA VAL D 250 6.77 7.08 15.68
C VAL D 250 7.06 5.65 16.13
N GLY D 251 6.72 5.34 17.38
CA GLY D 251 6.81 4.00 17.89
C GLY D 251 7.27 3.97 19.33
N PHE D 252 7.80 2.81 19.72
CA PHE D 252 8.34 2.60 21.08
C PHE D 252 9.81 2.23 21.03
N LEU D 253 10.55 2.73 22.03
CA LEU D 253 11.90 2.29 22.31
C LEU D 253 11.78 1.12 23.29
N VAL D 254 12.38 -0.01 22.94
CA VAL D 254 12.33 -1.21 23.74
C VAL D 254 13.66 -1.37 24.50
N GLY D 255 13.59 -1.12 25.80
CA GLY D 255 14.73 -1.30 26.69
C GLY D 255 15.20 -2.74 26.78
N LYS D 256 16.41 -2.89 27.32
CA LYS D 256 17.05 -4.20 27.47
C LYS D 256 16.13 -5.23 28.10
N ASP D 257 15.44 -4.82 29.15
CA ASP D 257 14.60 -5.75 29.89
C ASP D 257 13.16 -5.84 29.40
N GLY D 258 12.83 -5.10 28.35
CA GLY D 258 11.49 -5.14 27.78
C GLY D 258 10.66 -3.93 28.11
N ASP D 259 11.18 -3.07 28.98
CA ASP D 259 10.52 -1.81 29.34
CA ASP D 259 10.49 -1.83 29.33
C ASP D 259 10.39 -0.94 28.09
N MET D 260 9.25 -0.27 27.92
CA MET D 260 8.98 0.50 26.69
C MET D 260 8.56 1.95 26.90
N GLN D 261 8.95 2.83 25.98
CA GLN D 261 8.61 4.24 26.03
C GLN D 261 8.20 4.69 24.65
N TYR D 262 7.15 5.53 24.60
CA TYR D 262 6.80 6.24 23.37
C TYR D 262 7.93 7.11 22.90
N ARG D 263 8.10 7.19 21.58
CA ARG D 263 9.03 8.13 20.97
C ARG D 263 8.22 9.00 20.02
N GLY D 264 8.40 10.31 20.13
CA GLY D 264 7.80 11.25 19.20
C GLY D 264 8.84 12.11 18.50
N LEU D 265 8.43 12.75 17.42
CA LEU D 265 9.30 13.64 16.64
C LEU D 265 8.63 15.03 16.50
N PRO D 266 9.44 16.07 16.28
CA PRO D 266 8.89 17.41 16.08
C PRO D 266 8.24 17.56 14.72
N ARG D 267 7.41 18.58 14.56
CA ARG D 267 6.80 18.88 13.27
C ARG D 267 7.02 20.33 12.93
N TYR D 268 7.35 20.56 11.66
CA TYR D 268 7.56 21.90 11.09
C TYR D 268 6.35 22.33 10.28
N PHE D 269 6.08 23.63 10.30
CA PHE D 269 4.98 24.22 9.57
C PHE D 269 5.41 25.49 8.89
N ASN D 270 5.01 25.67 7.63
CA ASN D 270 5.14 26.93 6.90
C ASN D 270 3.76 27.21 6.32
N ILE D 271 3.09 28.24 6.85
CA ILE D 271 1.70 28.53 6.51
C ILE D 271 1.63 29.84 5.78
N LEU D 272 0.93 29.83 4.64
CA LEU D 272 0.74 31.01 3.80
C LEU D 272 -0.64 31.58 4.12
N LEU D 273 -0.70 32.88 4.43
CA LEU D 273 -1.95 33.56 4.76
C LEU D 273 -2.17 34.76 3.87
N ARG D 274 -3.43 35.10 3.65
CA ARG D 274 -3.76 36.25 2.84
C ARG D 274 -4.86 37.06 3.53
N LYS D 275 -4.96 38.33 3.17
CA LYS D 275 -5.97 39.20 3.76
C LYS D 275 -7.34 38.98 3.08
N ARG D 276 -8.38 38.79 3.90
CA ARG D 276 -9.73 38.58 3.43
C ARG D 276 -10.64 39.62 4.11
N THR D 277 -11.44 40.31 3.31
CA THR D 277 -12.45 41.24 3.84
C THR D 277 -13.68 40.47 4.33
N VAL D 278 -14.22 40.90 5.47
CA VAL D 278 -15.43 40.31 6.07
C VAL D 278 -16.33 41.46 6.59
N ARG D 279 -17.60 41.19 6.90
CA ARG D 279 -18.50 42.22 7.48
C ARG D 279 -18.23 42.43 8.99
N ASN D 280 -18.51 43.63 9.50
CA ASN D 280 -18.30 43.98 10.93
C ASN D 280 -19.01 43.01 11.87
N ILE E 10 17.18 35.68 -3.64
CA ILE E 10 17.44 35.87 -5.11
C ILE E 10 16.15 36.28 -5.82
N GLU E 11 16.20 37.39 -6.55
CA GLU E 11 15.08 37.85 -7.37
C GLU E 11 15.24 37.23 -8.75
N VAL E 12 14.30 36.35 -9.07
CA VAL E 12 14.37 35.56 -10.27
C VAL E 12 13.66 36.29 -11.44
N LEU E 13 14.34 36.34 -12.58
CA LEU E 13 13.83 37.03 -13.78
C LEU E 13 13.54 36.00 -14.88
N ASN E 14 13.82 36.30 -16.15
CA ASN E 14 13.36 35.42 -17.23
C ASN E 14 14.37 34.34 -17.56
N LEU E 15 13.89 33.31 -18.26
CA LEU E 15 14.80 32.30 -18.81
C LEU E 15 15.67 32.87 -19.93
N VAL E 16 16.90 32.37 -20.01
CA VAL E 16 17.78 32.64 -21.12
C VAL E 16 17.53 31.62 -22.21
N THR E 17 17.33 32.10 -23.44
CA THR E 17 17.01 31.24 -24.57
C THR E 17 18.18 31.16 -25.56
N GLY E 18 18.10 30.16 -26.43
CA GLY E 18 19.05 30.01 -27.51
C GLY E 18 20.06 28.90 -27.29
N PRO E 19 21.04 28.79 -28.21
CA PRO E 19 22.12 27.81 -28.11
C PRO E 19 22.83 27.79 -26.75
N ASP E 20 23.07 26.57 -26.26
CA ASP E 20 23.82 26.33 -25.04
C ASP E 20 23.11 26.84 -23.80
N SER E 21 21.79 27.06 -23.87
CA SER E 21 21.01 27.48 -22.70
C SER E 21 20.60 26.31 -21.77
N ILE E 22 20.80 25.08 -22.22
CA ILE E 22 20.46 23.86 -21.48
CA ILE E 22 20.52 23.93 -21.37
C ILE E 22 21.72 23.02 -21.29
N THR E 23 21.84 22.33 -20.16
CA THR E 23 22.91 21.39 -19.98
C THR E 23 22.44 20.23 -19.09
N THR E 24 23.12 19.11 -19.17
CA THR E 24 22.81 17.97 -18.31
C THR E 24 24.05 17.54 -17.54
N ILE E 25 23.80 17.00 -16.35
CA ILE E 25 24.83 16.46 -15.48
C ILE E 25 24.43 15.04 -15.12
N GLU E 26 25.35 14.11 -15.32
CA GLU E 26 25.13 12.73 -14.96
C GLU E 26 26.20 12.32 -13.93
N LEU E 27 25.79 11.65 -12.86
CA LEU E 27 26.74 11.11 -11.91
C LEU E 27 26.14 9.97 -11.13
N TYR E 28 26.98 9.27 -10.37
CA TYR E 28 26.49 8.32 -9.38
C TYR E 28 27.23 8.59 -8.10
N LEU E 29 26.62 8.19 -6.99
CA LEU E 29 27.24 8.23 -5.68
C LEU E 29 27.19 6.84 -5.07
N ASN E 30 28.37 6.36 -4.67
CA ASN E 30 28.43 5.11 -3.93
C ASN E 30 28.00 5.29 -2.49
N THR E 31 27.47 4.22 -1.92
CA THR E 31 26.92 4.24 -0.56
C THR E 31 28.01 4.39 0.50
N ARG E 32 27.63 4.99 1.63
CA ARG E 32 28.55 5.23 2.74
C ARG E 32 27.95 4.62 4.00
N MET E 33 28.01 3.29 4.06
CA MET E 33 27.44 2.54 5.17
C MET E 33 28.38 2.37 6.33
N GLY E 34 29.68 2.57 6.13
CA GLY E 34 30.65 2.52 7.21
C GLY E 34 32.00 1.97 6.78
N GLN E 35 32.00 0.89 6.00
CA GLN E 35 33.20 0.46 5.32
C GLN E 35 33.15 1.12 3.94
N ASN E 36 33.84 2.25 3.84
CA ASN E 36 33.69 3.13 2.70
C ASN E 36 34.91 3.16 1.76
N ASP E 37 35.81 2.19 1.96
CA ASP E 37 37.01 2.06 1.16
C ASP E 37 36.79 0.93 0.15
N GLU E 38 36.74 1.32 -1.11
CA GLU E 38 36.45 0.42 -2.23
CA GLU E 38 36.43 0.40 -2.21
C GLU E 38 37.51 -0.65 -2.47
N SER E 39 38.66 -0.51 -1.80
CA SER E 39 39.73 -1.49 -1.94
C SER E 39 39.67 -2.60 -0.89
N LYS E 40 38.72 -2.53 0.04
CA LYS E 40 38.68 -3.44 1.18
C LYS E 40 37.43 -4.31 1.16
N ASP E 41 37.49 -5.43 1.87
CA ASP E 41 36.35 -6.31 2.00
C ASP E 41 35.21 -5.57 2.65
N ASN E 42 34.00 -6.04 2.41
CA ASN E 42 32.82 -5.43 3.02
C ASN E 42 32.50 -4.01 2.57
N TYR E 43 33.02 -3.62 1.43
CA TYR E 43 32.65 -2.33 0.86
C TYR E 43 31.15 -2.28 0.62
N GLY E 44 30.54 -1.15 0.93
CA GLY E 44 29.09 -1.00 0.72
C GLY E 44 28.24 -1.59 1.83
N TYR E 45 28.91 -2.04 2.90
CA TYR E 45 28.25 -2.46 4.12
C TYR E 45 28.82 -1.66 5.30
N SER E 46 28.12 -1.70 6.43
CA SER E 46 28.73 -1.23 7.66
C SER E 46 29.57 -2.32 8.29
N GLU E 47 30.38 -1.93 9.25
CA GLU E 47 30.95 -2.90 10.18
C GLU E 47 29.83 -3.47 11.04
N LYS E 48 30.13 -4.58 11.70
CA LYS E 48 29.16 -5.26 12.54
C LYS E 48 28.54 -4.29 13.56
N VAL E 49 27.22 -4.30 13.66
CA VAL E 49 26.50 -3.46 14.62
C VAL E 49 26.76 -3.96 16.03
N THR E 50 26.95 -3.01 16.95
CA THR E 50 27.05 -3.27 18.37
C THR E 50 25.97 -2.51 19.11
N VAL E 51 25.76 -2.92 20.37
CA VAL E 51 24.64 -2.39 21.12
C VAL E 51 25.07 -1.92 22.51
N ALA E 52 24.72 -0.69 22.83
CA ALA E 52 25.10 -0.07 24.09
C ALA E 52 24.56 -0.84 25.29
N ASN E 53 25.33 -0.90 26.36
CA ASN E 53 24.84 -1.45 27.63
C ASN E 53 23.86 -0.51 28.34
N SER E 54 24.05 0.78 28.10
CA SER E 54 23.27 1.83 28.75
C SER E 54 23.43 3.10 27.93
N SER E 55 22.49 4.01 28.10
CA SER E 55 22.47 5.21 27.26
C SER E 55 23.66 6.12 27.52
N ASP E 56 24.27 6.03 28.69
CA ASP E 56 25.47 6.81 29.01
C ASP E 56 26.82 6.11 28.62
N GLN E 57 26.72 4.94 28.00
CA GLN E 57 27.88 4.24 27.44
C GLN E 57 27.54 3.77 26.02
N ASP E 58 27.05 4.69 25.21
CA ASP E 58 26.56 4.40 23.86
C ASP E 58 27.57 4.97 22.87
N LYS E 59 28.51 4.10 22.48
CA LYS E 59 29.69 4.48 21.70
C LYS E 59 29.75 3.58 20.47
N PRO E 60 29.17 4.02 19.37
CA PRO E 60 29.22 3.16 18.18
C PRO E 60 30.66 2.92 17.75
N THR E 61 30.95 1.72 17.28
CA THR E 61 32.29 1.41 16.82
C THR E 61 32.59 2.19 15.55
N SER E 62 33.89 2.36 15.27
CA SER E 62 34.27 2.99 14.01
C SER E 62 33.74 2.15 12.87
N GLY E 63 33.00 2.78 11.96
CA GLY E 63 32.51 2.12 10.75
C GLY E 63 31.17 1.42 10.85
N GLU E 64 30.50 1.47 12.00
CA GLU E 64 29.17 0.84 12.07
C GLU E 64 28.00 1.80 11.81
N ILE E 65 28.31 3.05 11.42
CA ILE E 65 27.36 4.16 11.35
C ILE E 65 27.21 4.63 9.89
N PRO E 66 26.02 4.48 9.31
CA PRO E 66 25.83 5.06 7.96
C PRO E 66 25.84 6.60 7.93
N THR E 67 26.37 7.13 6.83
CA THR E 67 26.47 8.57 6.66
C THR E 67 25.88 8.97 5.30
N TYR E 68 25.64 10.26 5.11
CA TYR E 68 25.18 10.74 3.83
C TYR E 68 26.28 10.70 2.77
N SER E 69 25.86 10.36 1.56
CA SER E 69 26.66 10.55 0.36
C SER E 69 26.42 11.94 -0.19
N THR E 70 27.47 12.62 -0.65
CA THR E 70 27.27 13.94 -1.22
C THR E 70 28.39 14.28 -2.18
N ALA E 71 28.06 15.11 -3.17
CA ALA E 71 29.04 15.69 -4.08
C ALA E 71 28.63 17.09 -4.50
N ARG E 72 29.64 17.91 -4.77
CA ARG E 72 29.46 19.18 -5.47
C ARG E 72 29.97 18.98 -6.86
N ILE E 73 29.14 19.29 -7.86
CA ILE E 73 29.56 19.20 -9.26
C ILE E 73 29.75 20.60 -9.83
N ASN E 74 30.89 20.83 -10.48
CA ASN E 74 31.18 22.09 -11.14
C ASN E 74 30.42 22.13 -12.46
N LEU E 75 29.58 23.13 -12.64
CA LEU E 75 28.82 23.29 -13.87
C LEU E 75 29.60 24.07 -14.91
N PRO E 76 29.14 24.07 -16.16
CA PRO E 76 29.77 24.89 -17.17
C PRO E 76 29.82 26.36 -16.74
N MET E 77 30.95 27.01 -16.91
CA MET E 77 31.13 28.38 -16.45
C MET E 77 30.15 29.32 -17.12
N LEU E 78 29.54 30.21 -16.33
CA LEU E 78 28.66 31.25 -16.85
C LEU E 78 29.38 32.59 -16.82
N ASN E 79 30.14 32.80 -17.86
CA ASN E 79 31.05 33.93 -17.95
C ASN E 79 30.25 35.16 -18.21
N GLU E 80 30.42 36.17 -17.36
CA GLU E 80 29.70 37.40 -17.57
C GLU E 80 30.21 38.53 -16.68
N ASP E 81 29.84 39.73 -17.09
CA ASP E 81 30.20 40.96 -16.40
C ASP E 81 29.42 41.00 -15.07
N LEU E 82 30.14 41.20 -13.96
CA LEU E 82 29.54 41.16 -12.63
C LEU E 82 29.01 42.51 -12.16
N THR E 83 29.12 43.55 -12.98
CA THR E 83 28.79 44.91 -12.55
C THR E 83 27.44 45.40 -13.07
N CYS E 84 26.72 44.54 -13.80
CA CYS E 84 25.49 44.95 -14.49
C CYS E 84 24.29 44.60 -13.61
N ASN E 85 23.10 45.00 -14.02
CA ASN E 85 21.95 44.81 -13.14
C ASN E 85 21.34 43.40 -13.12
N THR E 86 21.85 42.49 -13.96
CA THR E 86 21.44 41.10 -13.92
C THR E 86 22.64 40.17 -14.03
N LEU E 87 22.43 38.93 -13.63
CA LEU E 87 23.39 37.85 -13.77
C LEU E 87 22.64 36.61 -14.23
N THR E 88 23.38 35.56 -14.59
CA THR E 88 22.83 34.28 -15.01
C THR E 88 23.23 33.22 -14.01
N MET E 89 22.29 32.35 -13.69
CA MET E 89 22.53 31.17 -12.89
C MET E 89 21.96 29.92 -13.56
N TRP E 90 22.63 28.79 -13.36
CA TRP E 90 22.07 27.52 -13.75
C TRP E 90 20.95 27.16 -12.78
N GLU E 91 19.83 26.75 -13.37
CA GLU E 91 18.63 26.38 -12.63
C GLU E 91 18.36 24.91 -12.89
N ALA E 92 18.33 24.11 -11.81
CA ALA E 92 18.04 22.69 -11.94
C ALA E 92 16.53 22.50 -12.15
N VAL E 93 16.16 21.93 -13.29
CA VAL E 93 14.77 21.79 -13.70
C VAL E 93 14.15 20.47 -13.24
N SER E 94 14.93 19.41 -13.44
CA SER E 94 14.43 18.07 -13.22
C SER E 94 15.56 17.10 -13.03
N VAL E 95 15.22 15.97 -12.43
CA VAL E 95 16.19 14.89 -12.23
C VAL E 95 15.54 13.53 -12.46
N LYS E 96 16.29 12.67 -13.12
CA LYS E 96 15.96 11.25 -13.19
C LYS E 96 16.96 10.55 -12.29
N THR E 97 16.46 9.87 -11.25
CA THR E 97 17.33 9.24 -10.30
C THR E 97 16.86 7.82 -10.01
N GLU E 98 17.84 6.93 -9.83
CA GLU E 98 17.55 5.50 -9.59
C GLU E 98 18.53 4.93 -8.62
N VAL E 99 18.05 3.96 -7.83
CA VAL E 99 18.92 3.13 -7.02
C VAL E 99 19.46 2.05 -7.94
N VAL E 100 20.75 1.85 -7.89
CA VAL E 100 21.47 0.92 -8.74
C VAL E 100 21.73 -0.40 -8.00
N GLY E 101 21.66 -1.51 -8.73
CA GLY E 101 22.00 -2.81 -8.14
C GLY E 101 20.91 -3.43 -7.28
N VAL E 102 19.66 -3.04 -7.49
CA VAL E 102 18.57 -3.68 -6.73
C VAL E 102 18.58 -5.20 -6.91
N SER E 103 18.88 -5.67 -8.11
CA SER E 103 18.87 -7.11 -8.37
C SER E 103 19.91 -7.87 -7.53
N SER E 104 20.94 -7.19 -7.05
CA SER E 104 21.94 -7.84 -6.18
C SER E 104 21.32 -8.41 -4.90
N LEU E 105 20.13 -7.93 -4.53
CA LEU E 105 19.43 -8.45 -3.37
C LEU E 105 18.76 -9.79 -3.65
N VAL E 106 18.78 -10.25 -4.89
CA VAL E 106 18.30 -11.60 -5.26
C VAL E 106 19.49 -12.54 -5.06
N ASN E 107 19.78 -12.81 -3.79
CA ASN E 107 20.93 -13.63 -3.42
C ASN E 107 20.69 -14.20 -2.04
N VAL E 108 20.51 -15.52 -1.97
CA VAL E 108 20.25 -16.22 -0.73
C VAL E 108 21.23 -17.38 -0.49
N HIS E 109 22.42 -17.31 -1.10
CA HIS E 109 23.49 -18.29 -0.85
C HIS E 109 24.71 -17.72 -0.20
N MET E 110 24.66 -16.46 0.24
CA MET E 110 25.77 -15.87 0.98
C MET E 110 25.88 -16.51 2.36
N ALA E 111 27.06 -16.33 2.96
CA ALA E 111 27.33 -16.91 4.27
C ALA E 111 26.54 -16.17 5.35
N THR E 112 25.31 -16.64 5.58
CA THR E 112 24.32 -15.98 6.42
C THR E 112 23.60 -17.01 7.28
N LYS E 113 22.87 -16.51 8.27
CA LYS E 113 21.86 -17.32 8.96
C LYS E 113 20.86 -17.84 7.93
N ARG E 114 20.27 -19.00 8.19
CA ARG E 114 19.40 -19.58 7.18
C ARG E 114 18.09 -20.11 7.75
N MET E 115 17.12 -20.31 6.85
CA MET E 115 15.78 -20.77 7.22
C MET E 115 15.72 -22.28 7.45
N TYR E 116 14.70 -22.69 8.19
CA TYR E 116 14.25 -24.09 8.29
C TYR E 116 15.34 -25.12 8.65
N ASP E 117 15.83 -25.02 9.88
CA ASP E 117 16.74 -26.05 10.44
C ASP E 117 17.97 -26.27 9.57
N ASP E 118 18.55 -25.16 9.10
CA ASP E 118 19.76 -25.15 8.30
C ASP E 118 19.62 -25.88 6.96
N LYS E 119 18.40 -25.95 6.44
CA LYS E 119 18.17 -26.55 5.14
C LYS E 119 17.60 -25.57 4.12
N GLY E 120 17.08 -24.44 4.58
CA GLY E 120 16.43 -23.48 3.69
C GLY E 120 17.39 -22.42 3.19
N ILE E 121 16.82 -21.39 2.60
CA ILE E 121 17.60 -20.29 2.04
C ILE E 121 18.40 -19.55 3.11
N GLY E 122 19.51 -18.95 2.68
CA GLY E 122 20.17 -17.91 3.46
C GLY E 122 19.22 -16.73 3.58
N PHE E 123 19.24 -16.05 4.72
CA PHE E 123 18.41 -14.87 4.87
C PHE E 123 18.87 -13.82 3.83
N PRO E 124 17.92 -13.25 3.08
CA PRO E 124 18.34 -12.16 2.20
C PRO E 124 18.59 -10.90 3.03
N VAL E 125 19.21 -9.90 2.40
CA VAL E 125 19.33 -8.59 3.03
C VAL E 125 17.93 -8.05 3.28
N GLU E 126 17.61 -7.72 4.52
CA GLU E 126 16.23 -7.35 4.88
C GLU E 126 16.18 -6.50 6.14
N GLY E 127 15.04 -5.86 6.38
CA GLY E 127 14.86 -4.97 7.51
C GLY E 127 14.79 -3.51 7.07
N MET E 128 15.26 -2.64 7.96
CA MET E 128 15.14 -1.20 7.82
C MET E 128 15.58 -0.71 6.45
N ASN E 129 14.73 0.12 5.81
CA ASN E 129 15.07 0.82 4.60
C ASN E 129 14.97 2.31 4.83
N PHE E 130 15.92 3.05 4.29
CA PHE E 130 15.97 4.49 4.42
C PHE E 130 16.47 4.99 3.08
N HIS E 131 15.68 5.82 2.42
CA HIS E 131 16.00 6.31 1.09
C HIS E 131 15.75 7.80 1.02
N MET E 132 16.79 8.56 0.72
CA MET E 132 16.60 9.97 0.48
CA MET E 132 16.68 10.01 0.59
C MET E 132 17.56 10.48 -0.57
N PHE E 133 17.12 11.50 -1.27
CA PHE E 133 18.00 12.24 -2.15
C PHE E 133 17.65 13.73 -2.09
N ALA E 134 18.62 14.54 -2.46
CA ALA E 134 18.46 15.99 -2.51
C ALA E 134 19.27 16.53 -3.66
N VAL E 135 18.71 17.51 -4.33
CA VAL E 135 19.40 18.26 -5.38
C VAL E 135 19.20 19.76 -5.07
N GLY E 136 20.30 20.50 -4.97
CA GLY E 136 20.22 21.91 -4.66
C GLY E 136 21.32 22.73 -5.26
N GLY E 137 21.19 24.03 -5.08
CA GLY E 137 22.18 24.99 -5.59
C GLY E 137 23.20 25.46 -4.57
N GLU E 138 23.28 24.73 -3.46
CA GLU E 138 24.14 25.01 -2.33
C GLU E 138 24.05 23.77 -1.43
N PRO E 139 24.95 23.66 -0.45
CA PRO E 139 24.91 22.46 0.38
C PRO E 139 23.55 22.26 1.07
N LEU E 140 23.18 21.00 1.27
CA LEU E 140 21.99 20.65 2.04
C LEU E 140 22.17 21.15 3.46
N GLU E 141 21.17 21.88 3.96
CA GLU E 141 21.21 22.42 5.30
C GLU E 141 20.63 21.39 6.27
N LEU E 142 21.37 21.13 7.36
CA LEU E 142 21.05 20.08 8.29
C LEU E 142 20.63 20.60 9.65
N GLN E 143 19.74 19.84 10.29
CA GLN E 143 19.31 20.03 11.68
C GLN E 143 19.78 18.82 12.44
N PHE E 144 20.39 19.05 13.60
CA PHE E 144 20.76 17.94 14.48
C PHE E 144 19.52 17.45 15.24
N LEU E 145 19.34 16.14 15.30
CA LEU E 145 18.31 15.52 16.13
C LEU E 145 18.66 14.07 16.31
N THR E 146 18.71 13.63 17.55
CA THR E 146 19.15 12.28 17.87
C THR E 146 18.19 11.55 18.81
N GLY E 147 18.19 10.23 18.75
CA GLY E 147 17.52 9.40 19.72
C GLY E 147 18.17 9.31 21.07
N ASN E 148 19.45 9.71 21.16
CA ASN E 148 20.17 9.66 22.42
C ASN E 148 21.18 10.80 22.43
N TYR E 149 20.89 11.82 23.23
CA TYR E 149 21.78 12.98 23.28
C TYR E 149 23.21 12.63 23.69
N ARG E 150 23.38 11.53 24.43
CA ARG E 150 24.69 11.17 24.96
C ARG E 150 25.58 10.34 24.03
N THR E 151 25.11 10.02 22.83
CA THR E 151 25.90 9.15 21.94
C THR E 151 27.31 9.72 21.76
N ASP E 152 28.29 8.83 21.87
CA ASP E 152 29.69 9.19 21.86
C ASP E 152 30.24 8.77 20.52
N TYR E 153 30.60 9.73 19.66
CA TYR E 153 31.09 9.45 18.30
C TYR E 153 32.61 9.43 18.19
N SER E 154 33.30 9.43 19.33
CA SER E 154 34.74 9.64 19.34
C SER E 154 35.58 8.45 18.86
N ALA E 155 34.96 7.29 18.62
CA ALA E 155 35.71 6.16 18.05
C ALA E 155 36.16 6.49 16.64
N ASN E 156 35.47 7.42 15.98
CA ASN E 156 35.81 7.82 14.63
C ASN E 156 35.75 9.34 14.54
N ASP E 157 36.92 9.97 14.70
CA ASP E 157 36.99 11.44 14.65
C ASP E 157 36.69 12.06 13.27
N LYS E 158 36.52 11.26 12.23
CA LYS E 158 36.12 11.81 10.93
C LYS E 158 34.64 12.12 10.87
N LEU E 159 33.84 11.60 11.80
CA LEU E 159 32.41 11.93 11.82
C LEU E 159 32.21 13.34 12.31
N VAL E 160 31.40 14.10 11.56
CA VAL E 160 31.14 15.48 11.87
C VAL E 160 29.86 15.55 12.73
N VAL E 161 30.05 15.97 13.97
CA VAL E 161 28.98 16.03 14.95
C VAL E 161 29.24 17.26 15.82
N PRO E 162 28.23 17.72 16.56
CA PRO E 162 28.43 18.89 17.40
C PRO E 162 29.48 18.65 18.48
N PRO E 163 30.19 19.70 18.91
CA PRO E 163 31.23 19.53 19.91
C PRO E 163 30.70 19.43 21.34
N ILE E 164 29.43 19.79 21.55
CA ILE E 164 28.82 19.66 22.88
C ILE E 164 27.54 18.87 22.75
N LYS E 165 27.18 18.20 23.85
CA LYS E 165 25.96 17.40 23.93
C LYS E 165 25.00 18.04 24.90
N HIS E 166 23.70 17.92 24.61
CA HIS E 166 22.69 18.46 25.49
C HIS E 166 21.36 17.69 25.33
N GLN E 167 20.65 17.59 26.45
CA GLN E 167 19.39 16.85 26.54
C GLN E 167 18.37 17.25 25.47
N SER E 168 18.36 18.53 25.13
CA SER E 168 17.37 19.11 24.22
C SER E 168 17.50 18.62 22.78
N THR E 169 18.62 17.98 22.45
CA THR E 169 18.87 17.51 21.10
C THR E 169 18.12 16.23 20.78
N GLN E 170 17.36 15.71 21.75
CA GLN E 170 16.41 14.64 21.45
C GLN E 170 15.15 15.18 20.84
N GLY E 171 14.98 16.50 20.88
CA GLY E 171 13.99 17.22 20.09
C GLY E 171 14.71 18.15 19.12
N LEU E 172 14.01 19.16 18.64
CA LEU E 172 14.56 20.12 17.71
C LEU E 172 15.08 21.32 18.52
N ASN E 173 16.41 21.48 18.55
CA ASN E 173 17.04 22.68 19.12
C ASN E 173 17.71 23.40 17.97
N PRO E 174 17.18 24.58 17.58
CA PRO E 174 17.71 25.25 16.39
C PRO E 174 19.14 25.78 16.53
N HIS E 175 19.73 25.68 17.70
CA HIS E 175 21.14 26.04 17.86
C HIS E 175 22.11 24.99 17.30
N TYR E 176 21.60 23.81 16.93
CA TYR E 176 22.43 22.70 16.46
C TYR E 176 22.14 22.41 14.97
N LYS E 177 22.91 23.08 14.11
CA LYS E 177 22.73 22.96 12.68
C LYS E 177 24.08 22.74 12.00
N GLN E 178 24.04 22.43 10.71
CA GLN E 178 25.26 22.20 9.94
C GLN E 178 24.88 22.24 8.47
N LYS E 179 25.90 22.15 7.63
CA LYS E 179 25.72 22.00 6.19
C LYS E 179 26.42 20.74 5.74
N LEU E 180 25.79 20.01 4.83
CA LEU E 180 26.33 18.78 4.32
C LEU E 180 27.41 19.05 3.28
N THR E 181 28.64 19.14 3.77
CA THR E 181 29.78 19.55 2.94
C THR E 181 30.87 18.50 2.80
N LYS E 182 30.64 17.30 3.34
CA LYS E 182 31.62 16.22 3.27
C LYS E 182 30.91 14.91 3.06
N ASP E 183 31.37 14.14 2.08
CA ASP E 183 30.88 12.79 1.83
C ASP E 183 31.34 11.83 2.91
N GLY E 184 30.46 10.91 3.31
CA GLY E 184 30.82 9.82 4.21
C GLY E 184 31.24 10.25 5.59
N ALA E 185 30.66 11.35 6.06
CA ALA E 185 31.09 11.94 7.35
C ALA E 185 29.98 12.38 8.30
N PHE E 186 28.80 12.68 7.78
CA PHE E 186 27.68 13.18 8.59
C PHE E 186 26.74 12.01 8.86
N PRO E 187 26.62 11.57 10.13
CA PRO E 187 25.76 10.41 10.39
C PRO E 187 24.30 10.70 10.15
N VAL E 188 23.59 9.78 9.48
N VAL E 188 23.66 9.73 9.48
CA VAL E 188 22.17 10.01 9.25
CA VAL E 188 22.24 9.77 9.22
C VAL E 188 21.40 9.91 10.57
C VAL E 188 21.44 9.87 10.53
N GLU E 189 21.92 9.18 11.57
CA GLU E 189 21.17 9.00 12.81
C GLU E 189 21.01 10.29 13.60
N CYS E 190 21.82 11.30 13.32
CA CYS E 190 21.76 12.53 14.11
C CYS E 190 21.63 13.81 13.29
N TRP E 191 21.64 13.70 11.96
CA TRP E 191 21.49 14.86 11.08
C TRP E 191 20.37 14.58 10.09
N CYS E 192 19.47 15.55 9.97
CA CYS E 192 18.32 15.48 9.04
C CYS E 192 18.24 16.79 8.29
N PRO E 193 17.48 16.82 7.20
CA PRO E 193 17.29 18.11 6.55
C PRO E 193 16.64 19.13 7.47
N ASP E 194 17.10 20.38 7.40
CA ASP E 194 16.55 21.48 8.18
C ASP E 194 15.39 22.05 7.39
N PRO E 195 14.15 21.79 7.83
CA PRO E 195 13.02 22.27 7.04
C PRO E 195 12.80 23.78 7.11
N SER E 196 13.45 24.49 8.04
CA SER E 196 13.35 25.94 8.14
C SER E 196 14.28 26.67 7.15
N LYS E 197 15.17 25.91 6.50
CA LYS E 197 16.06 26.46 5.50
C LYS E 197 15.82 25.66 4.22
N ASN E 198 16.85 25.33 3.48
CA ASN E 198 16.70 24.56 2.25
C ASN E 198 15.73 25.10 1.20
N GLU E 199 15.62 26.42 1.14
CA GLU E 199 14.75 27.06 0.12
C GLU E 199 15.29 26.78 -1.30
N ASN E 200 16.59 26.54 -1.39
CA ASN E 200 17.27 26.38 -2.67
C ASN E 200 17.73 24.94 -2.92
N THR E 201 17.09 24.00 -2.23
CA THR E 201 17.28 22.56 -2.41
C THR E 201 15.91 21.89 -2.42
N ARG E 202 15.81 20.79 -3.14
CA ARG E 202 14.65 19.90 -3.07
C ARG E 202 15.13 18.59 -2.48
N TYR E 203 14.46 18.12 -1.42
CA TYR E 203 14.78 16.84 -0.85
C TYR E 203 13.55 15.95 -0.67
N TYR E 204 13.78 14.64 -0.75
CA TYR E 204 12.71 13.63 -0.71
C TYR E 204 13.25 12.46 0.05
N GLY E 205 12.50 11.99 1.04
CA GLY E 205 12.97 10.89 1.86
C GLY E 205 11.88 9.97 2.35
N SER E 206 12.26 8.71 2.64
CA SER E 206 11.35 7.74 3.23
C SER E 206 12.12 6.85 4.18
N TYR E 207 11.40 6.36 5.18
CA TYR E 207 11.92 5.39 6.16
C TYR E 207 10.88 4.31 6.34
N THR E 208 11.29 3.05 6.25
CA THR E 208 10.48 1.93 6.62
C THR E 208 11.31 1.14 7.65
N GLY E 209 10.79 1.03 8.86
CA GLY E 209 11.58 0.46 9.95
C GLY E 209 11.25 -1.00 10.21
N GLY E 210 11.26 -1.35 11.50
CA GLY E 210 11.07 -2.72 11.93
C GLY E 210 12.32 -3.57 11.89
N GLN E 211 12.16 -4.84 12.26
CA GLN E 211 13.30 -5.75 12.42
C GLN E 211 13.80 -6.49 11.15
N SER E 212 12.90 -7.19 10.51
CA SER E 212 13.21 -8.07 9.39
CA SER E 212 13.22 -8.05 9.37
C SER E 212 12.33 -7.73 8.19
N THR E 213 11.79 -6.53 8.18
CA THR E 213 10.85 -6.06 7.18
C THR E 213 11.28 -6.28 5.74
N PRO E 214 10.39 -6.74 4.88
CA PRO E 214 10.77 -6.88 3.48
C PRO E 214 11.14 -5.54 2.85
N PRO E 215 12.32 -5.44 2.23
CA PRO E 215 12.60 -4.28 1.41
C PRO E 215 11.67 -4.22 0.22
N VAL E 216 11.16 -3.04 -0.09
CA VAL E 216 10.31 -2.84 -1.26
C VAL E 216 10.95 -1.74 -2.11
N LEU E 217 11.42 -2.11 -3.30
CA LEU E 217 12.28 -1.26 -4.10
C LEU E 217 11.82 -1.28 -5.55
N GLN E 218 11.98 -0.15 -6.22
CA GLN E 218 11.71 -0.07 -7.65
C GLN E 218 12.91 0.51 -8.37
N PHE E 219 13.01 0.22 -9.66
CA PHE E 219 14.03 0.82 -10.53
C PHE E 219 13.49 0.94 -11.96
N THR E 220 13.69 2.09 -12.56
CA THR E 220 13.27 2.34 -13.92
C THR E 220 14.07 3.54 -14.44
N ASN E 221 14.21 3.63 -15.76
CA ASN E 221 14.81 4.79 -16.39
C ASN E 221 13.79 5.72 -17.03
N THR E 222 12.52 5.63 -16.60
CA THR E 222 11.43 6.32 -17.28
C THR E 222 10.76 7.41 -16.43
N VAL E 223 11.26 7.66 -15.24
CA VAL E 223 10.63 8.59 -14.29
C VAL E 223 11.45 9.87 -14.10
N THR E 224 10.80 11.00 -14.39
CA THR E 224 11.42 12.32 -14.22
C THR E 224 10.80 13.03 -13.01
N THR E 225 11.65 13.47 -12.10
CA THR E 225 11.24 14.25 -10.93
C THR E 225 11.42 15.74 -11.22
N VAL E 226 10.32 16.47 -11.23
CA VAL E 226 10.37 17.93 -11.49
C VAL E 226 10.88 18.65 -10.25
N LEU E 227 11.90 19.50 -10.40
CA LEU E 227 12.52 20.20 -9.27
C LEU E 227 12.02 21.64 -9.12
N LEU E 228 11.17 22.07 -10.05
CA LEU E 228 10.58 23.40 -9.97
C LEU E 228 9.66 23.46 -8.77
N ASP E 229 9.73 24.58 -8.05
CA ASP E 229 8.83 24.84 -6.94
C ASP E 229 7.49 25.37 -7.42
N GLU E 230 6.65 25.80 -6.47
CA GLU E 230 5.31 26.28 -6.77
C GLU E 230 5.28 27.54 -7.64
N ASN E 231 6.39 28.27 -7.74
CA ASN E 231 6.49 29.45 -8.58
C ASN E 231 7.21 29.17 -9.89
N GLY E 232 7.51 27.91 -10.15
CA GLY E 232 8.14 27.48 -11.39
C GLY E 232 9.65 27.66 -11.38
N VAL E 233 10.24 27.72 -10.18
CA VAL E 233 11.66 27.97 -10.06
C VAL E 233 12.36 26.78 -9.44
N GLY E 234 13.39 26.29 -10.13
CA GLY E 234 14.22 25.22 -9.60
C GLY E 234 15.38 25.76 -8.75
N PRO E 235 16.14 24.87 -8.13
CA PRO E 235 17.35 25.27 -7.40
C PRO E 235 18.29 26.09 -8.30
N LEU E 236 18.84 27.18 -7.75
CA LEU E 236 19.72 28.09 -8.48
C LEU E 236 21.14 27.87 -7.98
N CYS E 237 22.05 27.55 -8.90
CA CYS E 237 23.36 27.03 -8.52
C CYS E 237 24.38 28.10 -8.23
N LYS E 238 24.54 28.41 -6.95
CA LYS E 238 25.43 29.48 -6.52
C LYS E 238 26.87 29.11 -6.89
N GLY E 239 27.55 30.06 -7.49
CA GLY E 239 28.93 29.87 -7.92
C GLY E 239 29.08 28.74 -8.92
N ASP E 240 28.04 28.45 -9.69
CA ASP E 240 28.02 27.33 -10.66
C ASP E 240 28.28 25.94 -10.03
N GLY E 241 27.86 25.78 -8.79
CA GLY E 241 27.99 24.51 -8.06
C GLY E 241 26.61 23.87 -7.92
N LEU E 242 26.56 22.60 -8.26
CA LEU E 242 25.37 21.76 -8.12
C LEU E 242 25.65 20.75 -7.01
N TYR E 243 24.75 20.67 -6.04
CA TYR E 243 24.92 19.80 -4.87
CA TYR E 243 24.92 19.80 -4.88
C TYR E 243 23.92 18.65 -4.92
N VAL E 244 24.45 17.44 -4.81
CA VAL E 244 23.65 16.22 -4.87
C VAL E 244 23.98 15.40 -3.64
N SER E 245 22.94 14.91 -2.96
CA SER E 245 23.13 14.17 -1.71
C SER E 245 22.15 13.01 -1.63
N CYS E 246 22.51 11.94 -0.93
CA CYS E 246 21.60 10.81 -0.80
C CYS E 246 22.01 9.82 0.30
N CYS E 247 21.10 8.89 0.57
CA CYS E 247 21.39 7.72 1.39
C CYS E 247 20.39 6.67 1.01
N ASP E 248 20.86 5.45 0.81
CA ASP E 248 19.99 4.34 0.41
C ASP E 248 20.36 3.08 1.15
N ILE E 249 19.78 2.92 2.33
CA ILE E 249 19.91 1.71 3.11
C ILE E 249 18.82 0.73 2.71
N VAL E 250 19.23 -0.50 2.37
CA VAL E 250 18.26 -1.51 1.89
C VAL E 250 18.03 -2.65 2.89
N GLY E 251 18.71 -2.62 4.04
CA GLY E 251 18.47 -3.58 5.09
C GLY E 251 19.77 -4.02 5.74
N PHE E 252 19.69 -5.16 6.40
CA PHE E 252 20.82 -5.76 7.09
C PHE E 252 21.14 -7.12 6.49
N LEU E 253 22.44 -7.42 6.42
CA LEU E 253 22.94 -8.77 6.17
C LEU E 253 23.12 -9.47 7.52
N VAL E 254 22.51 -10.64 7.66
CA VAL E 254 22.55 -11.39 8.92
C VAL E 254 23.55 -12.53 8.80
N GLY E 255 24.70 -12.38 9.45
CA GLY E 255 25.68 -13.44 9.44
C GLY E 255 25.25 -14.70 10.17
N LYS E 256 26.04 -15.77 10.00
CA LYS E 256 25.74 -17.08 10.55
C LYS E 256 25.44 -17.04 12.04
N ASP E 257 26.18 -16.21 12.77
CA ASP E 257 26.01 -16.14 14.23
CA ASP E 257 26.02 -16.15 14.22
C ASP E 257 24.96 -15.13 14.68
N GLY E 258 24.32 -14.46 13.74
CA GLY E 258 23.32 -13.46 14.09
C GLY E 258 23.87 -12.04 14.08
N ASP E 259 25.17 -11.88 13.86
CA ASP E 259 25.76 -10.53 13.73
C ASP E 259 25.23 -9.86 12.47
N MET E 260 25.05 -8.54 12.52
CA MET E 260 24.37 -7.82 11.45
C MET E 260 25.13 -6.60 10.97
N GLN E 261 25.00 -6.32 9.67
CA GLN E 261 25.62 -5.15 9.03
C GLN E 261 24.62 -4.45 8.13
N TYR E 262 24.61 -3.12 8.14
CA TYR E 262 23.86 -2.38 7.14
C TYR E 262 24.37 -2.69 5.74
N ARG E 263 23.46 -2.70 4.79
CA ARG E 263 23.78 -2.77 3.36
C ARG E 263 23.17 -1.57 2.67
N GLY E 264 23.97 -0.89 1.86
CA GLY E 264 23.49 0.23 1.06
C GLY E 264 23.77 0.00 -0.43
N LEU E 265 23.07 0.77 -1.26
CA LEU E 265 23.25 0.70 -2.70
C LEU E 265 23.57 2.08 -3.26
N PRO E 266 24.25 2.12 -4.43
CA PRO E 266 24.54 3.40 -5.08
C PRO E 266 23.30 4.03 -5.68
N ARG E 267 23.38 5.32 -5.95
CA ARG E 267 22.31 6.03 -6.61
C ARG E 267 22.86 6.79 -7.79
N TYR E 268 22.09 6.74 -8.87
CA TYR E 268 22.39 7.44 -10.12
C TYR E 268 21.52 8.67 -10.27
N PHE E 269 22.09 9.71 -10.89
CA PHE E 269 21.35 10.95 -11.16
C PHE E 269 21.63 11.47 -12.55
N ASN E 270 20.59 11.95 -13.23
CA ASN E 270 20.71 12.67 -14.49
C ASN E 270 19.87 13.92 -14.31
N ILE E 271 20.57 15.07 -14.24
CA ILE E 271 19.92 16.34 -13.89
C ILE E 271 19.95 17.28 -15.10
N LEU E 272 18.80 17.84 -15.44
CA LEU E 272 18.67 18.80 -16.52
C LEU E 272 18.67 20.18 -15.89
N LEU E 273 19.51 21.06 -16.44
CA LEU E 273 19.56 22.45 -15.99
C LEU E 273 19.43 23.44 -17.15
N ARG E 274 18.96 24.63 -16.81
CA ARG E 274 18.76 25.69 -17.80
C ARG E 274 19.27 27.02 -17.26
N LYS E 275 19.59 27.93 -18.15
CA LYS E 275 20.07 29.24 -17.75
C LYS E 275 18.91 30.12 -17.35
N ARG E 276 19.05 30.77 -16.19
CA ARG E 276 18.03 31.67 -15.61
C ARG E 276 18.67 33.03 -15.29
N THR E 277 18.04 34.10 -15.75
CA THR E 277 18.47 35.44 -15.39
C THR E 277 17.96 35.80 -13.99
N VAL E 278 18.83 36.43 -13.20
CA VAL E 278 18.47 36.90 -11.86
C VAL E 278 18.90 38.34 -11.68
N ARG E 279 18.27 39.03 -10.74
CA ARG E 279 18.66 40.40 -10.46
C ARG E 279 20.03 40.40 -9.80
N ASN E 280 20.80 41.42 -10.15
CA ASN E 280 22.08 41.71 -9.52
C ASN E 280 22.08 43.15 -9.06
C1 GAL F . 33.01 -29.27 0.43
C2 GAL F . 31.94 -29.32 -0.65
C3 GAL F . 30.65 -28.63 -0.16
C4 GAL F . 30.24 -29.18 1.22
C5 GAL F . 31.42 -29.20 2.17
C6 GAL F . 31.05 -29.84 3.51
O1 GAL F . 34.19 -29.93 0.00
O2 GAL F . 32.40 -28.74 -1.85
O3 GAL F . 29.62 -28.95 -1.08
O4 GAL F . 29.72 -30.47 1.03
O5 GAL F . 32.49 -29.92 1.58
O6 GAL F . 32.09 -29.72 4.45
C1 SIA F . 27.60 -28.48 -2.18
C2 SIA F . 28.79 -27.84 -1.49
C3 SIA F . 29.55 -26.90 -2.42
C4 SIA F . 28.83 -25.57 -2.67
C5 SIA F . 28.34 -24.94 -1.38
C6 SIA F . 27.53 -25.98 -0.63
C7 SIA F . 26.97 -25.45 0.68
C8 SIA F . 26.32 -26.59 1.52
C9 SIA F . 25.41 -26.05 2.63
C10 SIA F . 27.99 -22.53 -1.68
C11 SIA F . 26.99 -21.45 -2.02
N5 SIA F . 27.51 -23.78 -1.68
O1A SIA F . 27.67 -28.76 -3.41
O1B SIA F . 26.57 -28.70 -1.49
O4 SIA F . 29.76 -24.70 -3.34
O6 SIA F . 28.36 -27.12 -0.33
O7 SIA F . 27.97 -24.78 1.44
O8 SIA F . 25.55 -27.43 0.65
O9 SIA F . 24.17 -25.50 2.08
O10 SIA F . 29.14 -22.22 -1.40
C1 NGA F . 28.30 -30.53 1.22
C2 NGA F . 27.77 -31.78 0.56
C3 NGA F . 26.26 -31.89 0.77
C4 NGA F . 25.90 -31.69 2.23
C5 NGA F . 26.56 -30.44 2.79
C6 NGA F . 26.28 -30.25 4.27
C7 NGA F . 28.98 -32.47 -1.49
C8 NGA F . 29.14 -32.14 -2.95
N2 NGA F . 28.10 -31.69 -0.85
O3 NGA F . 25.82 -33.18 0.31
O4 NGA F . 26.33 -32.83 2.99
O5 NGA F . 27.98 -30.47 2.60
O6 NGA F . 26.65 -28.92 4.63
O7 NGA F . 29.60 -33.37 -0.97
C1 GAL G . -22.03 -26.37 27.83
C2 GAL G . -22.07 -24.85 27.96
C3 GAL G . -20.95 -24.16 27.19
C4 GAL G . -19.62 -24.85 27.50
C5 GAL G . -19.74 -26.35 27.24
C6 GAL G . -18.43 -27.11 27.42
O1 GAL G . -22.93 -26.96 28.74
O2 GAL G . -23.29 -24.37 27.47
O3 GAL G . -20.93 -22.78 27.55
O4 GAL G . -19.31 -24.58 28.84
O5 GAL G . -20.74 -26.89 28.09
O6 GAL G . -18.52 -27.97 28.53
C1 SIA G . -20.39 -20.48 27.13
C2 SIA G . -20.67 -21.82 26.48
C3 SIA G . -21.89 -21.72 25.56
C4 SIA G . -21.63 -21.02 24.22
C5 SIA G . -20.35 -21.50 23.55
C6 SIA G . -19.21 -21.48 24.58
C7 SIA G . -17.85 -21.98 24.04
C8 SIA G . -16.80 -22.06 25.15
C9 SIA G . -15.35 -22.03 24.63
C10 SIA G . -20.20 -21.02 21.14
C11 SIA G . -19.74 -20.07 20.06
N5 SIA G . -19.97 -20.67 22.40
O1A SIA G . -21.36 -19.75 27.49
O1B SIA G . -19.21 -20.11 27.35
O4 SIA G . -22.79 -21.30 23.39
O6 SIA G . -19.56 -22.29 25.71
O7 SIA G . -18.01 -23.24 23.40
O8 SIA G . -16.95 -20.97 26.04
O9 SIA G . -14.97 -20.68 24.25
O10 SIA G . -20.81 -22.04 20.85
C1 NGA G . -18.20 -23.66 28.95
C2 NGA G . -18.24 -22.94 30.30
C3 NGA G . -16.95 -22.16 30.55
C4 NGA G . -15.69 -22.95 30.22
C5 NGA G . -15.82 -23.54 28.82
C6 NGA G . -14.59 -24.34 28.41
C7 NGA G . -20.54 -22.24 30.88
C8 NGA G . -21.51 -21.09 30.84
N2 NGA G . -19.34 -21.98 30.36
O3 NGA G . -16.92 -21.77 31.94
O4 NGA G . -15.54 -24.01 31.18
O5 NGA G . -16.98 -24.37 28.78
O6 NGA G . -14.63 -24.64 27.01
O7 NGA G . -20.86 -23.31 31.34
C2 BGC H . 3.66 2.44 49.00
C3 BGC H . 4.21 2.20 47.60
C4 BGC H . 3.23 2.77 46.58
C5 BGC H . 3.00 4.26 46.87
C6 BGC H . 2.09 4.93 45.86
C1 BGC H . 3.36 3.94 49.18
O1 BGC H . 2.80 4.16 50.48
O2 BGC H . 4.61 2.05 49.98
O3 BGC H . 4.43 0.81 47.32
O4 BGC H . 3.82 2.60 45.29
O5 BGC H . 2.43 4.35 48.18
O6 BGC H . 0.77 4.40 46.00
C1 GAL H . 2.90 1.97 44.40
C2 GAL H . 3.52 2.09 43.00
C3 GAL H . 2.65 1.38 41.97
C4 GAL H . 2.33 -0.03 42.44
C5 GAL H . 1.71 0.04 43.83
C6 GAL H . 1.29 -1.32 44.38
O2 GAL H . 3.61 3.44 42.64
O3 GAL H . 3.44 1.37 40.79
O4 GAL H . 3.54 -0.75 42.55
O5 GAL H . 2.69 0.60 44.70
O6 GAL H . 0.54 -1.07 45.57
C1 NGA H . 3.55 -1.80 41.59
C2 NGA H . 4.98 -2.14 41.24
C3 NGA H . 4.96 -3.24 40.19
C4 NGA H . 4.16 -4.44 40.68
C5 NGA H . 2.77 -3.99 41.10
C6 NGA H . 1.85 -5.08 41.64
C7 NGA H . 6.85 -0.54 41.12
C8 NGA H . 7.35 0.74 40.52
N2 NGA H . 5.63 -0.92 40.75
O3 NGA H . 6.30 -3.62 39.88
O4 NGA H . 4.86 -5.06 41.78
O5 NGA H . 2.88 -2.95 42.09
O6 NGA H . 0.52 -4.55 41.73
O7 NGA H . 7.53 -1.21 41.89
C1 GAL H . 6.52 -3.61 38.45
C2 GAL H . 8.01 -3.71 38.21
C3 GAL H . 8.32 -3.81 36.72
C4 GAL H . 7.47 -4.92 36.08
C5 GAL H . 5.99 -4.72 36.43
C6 GAL H . 5.08 -5.82 35.91
O2 GAL H . 8.62 -2.56 38.76
O3 GAL H . 9.70 -4.01 36.51
O4 GAL H . 7.95 -6.18 36.51
O5 GAL H . 5.82 -4.67 37.83
O6 GAL H . 3.75 -5.54 36.29
C1 SIA H . 4.01 1.56 38.61
C2 SIA H . 2.79 1.57 39.52
C3 SIA H . 1.99 2.89 39.43
C4 SIA H . 1.11 3.01 38.17
C5 SIA H . 0.38 1.71 37.80
C6 SIA H . 1.34 0.52 37.91
C7 SIA H . 0.71 -0.84 37.62
C8 SIA H . 1.73 -1.97 37.88
C9 SIA H . 1.24 -3.31 37.35
C10 SIA H . -1.40 1.74 36.04
C11 SIA H . -1.69 1.91 34.56
N5 SIA H . -0.12 1.84 36.42
O1A SIA H . 4.62 2.62 38.35
O1B SIA H . 4.41 0.43 38.20
O4 SIA H . 0.20 4.12 38.36
O6 SIA H . 1.93 0.46 39.24
O7 SIA H . -0.41 -0.98 38.51
O8 SIA H . 3.02 -1.69 37.31
O9 SIA H . 2.07 -4.38 37.84
O10 SIA H . -2.32 1.56 36.82
C2 BGC I . 40.71 -3.84 27.31
C3 BGC I . 39.65 -4.32 26.33
C4 BGC I . 38.73 -3.16 25.99
C5 BGC I . 39.54 -1.96 25.53
C6 BGC I . 38.71 -0.71 25.26
C1 BGC I . 41.42 -2.62 26.78
O1 BGC I . 42.36 -2.05 27.71
O2 BGC I . 41.67 -4.88 27.54
O3 BGC I . 38.89 -5.41 26.86
O4 BGC I . 37.91 -3.56 24.88
O5 BGC I . 40.47 -1.60 26.56
O6 BGC I . 37.85 -0.40 26.38
C1 GAL I . 36.53 -3.26 25.05
C2 GAL I . 35.82 -3.38 23.70
C3 GAL I . 34.31 -3.26 23.88
C4 GAL I . 33.85 -4.22 24.99
C5 GAL I . 34.64 -3.90 26.25
C6 GAL I . 34.24 -4.78 27.42
O2 GAL I . 36.30 -2.39 22.78
O3 GAL I . 33.80 -3.64 22.63
O4 GAL I . 34.12 -5.54 24.54
O5 GAL I . 35.99 -4.15 25.98
O6 GAL I . 34.88 -4.33 28.60
C1 NGA I . 32.92 -6.34 24.34
C2 NGA I . 33.25 -7.43 23.35
C3 NGA I . 32.00 -8.27 23.15
C4 NGA I . 31.43 -8.70 24.49
C5 NGA I . 31.19 -7.54 25.47
C6 NGA I . 30.60 -7.97 26.84
C7 NGA I . 34.86 -7.03 21.52
C7 NGA I . 34.86 -7.03 21.52
C8 NGA I . 35.11 -6.29 20.23
N2 NGA I . 33.67 -6.81 22.09
O3 NGA I . 32.41 -9.39 22.34
O4 NGA I . 32.33 -9.67 25.10
O5 NGA I . 32.44 -6.83 25.58
O6 NGA I . 30.74 -6.76 27.58
O6 NGA I . 30.08 -9.25 26.53
O7 NGA I . 35.70 -7.78 22.00
C1 GAL I . 31.46 -9.60 21.28
C2 GAL I . 31.81 -10.91 20.62
C3 GAL I . 30.76 -11.37 19.62
C4 GAL I . 29.34 -11.25 20.19
C5 GAL I . 29.19 -9.83 20.69
C6 GAL I . 27.78 -9.52 21.16
O2 GAL I . 33.08 -10.87 19.99
O3 GAL I . 31.05 -12.68 19.23
O4 GAL I . 29.10 -12.14 21.26
O5 GAL I . 30.12 -9.65 21.76
O6 GAL I . 27.72 -8.16 21.57
C1 SIA I . 32.34 -3.80 20.91
C2 SIA I . 32.64 -2.93 22.13
C3 SIA I . 32.93 -1.45 21.84
C4 SIA I . 31.67 -0.73 21.36
C5 SIA I . 30.49 -0.92 22.30
C6 SIA I . 30.34 -2.41 22.59
C7 SIA I . 29.28 -2.77 23.61
C8 SIA I . 29.37 -4.25 24.02
C9 SIA I . 28.14 -4.62 24.82
C10 SIA I . 28.53 0.57 22.03
C11 SIA I . 27.36 0.92 21.15
N5 SIA I . 29.29 -0.44 21.60
O1A SIA I . 32.90 -3.52 19.81
O1B SIA I . 31.64 -4.84 21.05
O4 SIA I . 32.02 0.66 21.20
O6 SIA I . 31.57 -2.98 23.06
O7 SIA I . 29.44 -1.95 24.78
O8 SIA I . 29.50 -5.09 22.88
O9 SIA I . 28.40 -5.79 25.63
O10 SIA I . 28.73 1.24 23.03
C1 GOL J . 17.69 -3.20 -43.51
O1 GOL J . 16.41 -2.63 -43.28
C2 GOL J . 18.76 -2.45 -42.72
O2 GOL J . 18.55 -1.03 -42.85
C3 GOL J . 18.69 -2.82 -41.25
O3 GOL J . 19.70 -2.11 -40.52
C1 GOL K . 19.28 1.51 -40.61
O1 GOL K . 20.37 0.96 -41.37
C2 GOL K . 19.33 1.02 -39.16
O2 GOL K . 18.59 -0.21 -39.03
C3 GOL K . 20.76 0.75 -38.72
O3 GOL K . 20.78 0.50 -37.31
C1 EDO L . 15.15 6.40 -29.20
O1 EDO L . 16.53 6.80 -29.27
C2 EDO L . 14.76 6.06 -27.76
O2 EDO L . 14.48 7.24 -26.96
C1 GOL M . -16.42 -25.84 7.10
O1 GOL M . -15.97 -26.79 8.09
C2 GOL M . -17.88 -25.43 7.34
O2 GOL M . -18.66 -25.53 6.15
C3 GOL M . -17.99 -24.00 7.78
O3 GOL M . -18.80 -23.91 8.94
C1 GOL N . 8.07 -28.75 -9.18
O1 GOL N . 9.20 -29.22 -9.92
C2 GOL N . 7.43 -29.86 -8.39
O2 GOL N . 8.48 -30.50 -7.66
C3 GOL N . 6.36 -29.33 -7.44
O3 GOL N . 5.99 -30.32 -6.46
C1 EDO O . -13.68 -6.45 -28.55
O1 EDO O . -14.70 -6.61 -29.53
C2 EDO O . -12.73 -5.37 -29.04
O2 EDO O . -11.54 -5.42 -28.26
C1 SIA P . -5.73 -38.97 1.37
C2 SIA P . -4.54 -39.64 0.72
C3 SIA P . -4.57 -39.67 -0.81
C4 SIA P . -4.40 -38.27 -1.46
C5 SIA P . -3.17 -37.60 -0.84
C6 SIA P . -3.25 -37.65 0.68
C7 SIA P . -2.11 -36.98 1.42
C8 SIA P . -2.21 -37.18 2.94
C9 SIA P . -1.46 -36.12 3.73
C10 SIA P . -2.22 -35.81 -2.27
C11 SIA P . -2.30 -34.34 -2.56
N5 SIA P . -3.05 -36.22 -1.31
O1A SIA P . -6.82 -39.04 0.78
O1B SIA P . -5.62 -38.44 2.51
O2 SIA P . -4.55 -40.97 1.27
O4 SIA P . -4.20 -38.42 -2.86
O6 SIA P . -3.34 -39.04 1.13
O7 SIA P . -0.87 -37.47 0.93
O8 SIA P . -3.56 -37.07 3.36
O9 SIA P . -2.22 -34.87 3.77
O10 SIA P . -1.43 -36.51 -2.92
C1 GOL Q . -12.66 -3.96 29.29
O1 GOL Q . -13.09 -5.33 29.17
C2 GOL Q . -13.55 -2.96 28.54
O2 GOL Q . -14.74 -2.64 29.28
C3 GOL Q . -12.83 -1.63 28.36
O3 GOL Q . -12.20 -1.25 29.60
C1 GOL R . -42.77 9.23 -2.09
O1 GOL R . -42.00 8.37 -1.24
C2 GOL R . -42.34 10.69 -1.91
O2 GOL R . -41.97 10.92 -0.54
C3 GOL R . -43.45 11.65 -2.32
O3 GOL R . -44.65 11.46 -1.54
C1 EDO S . -30.95 7.02 -6.76
O1 EDO S . -29.92 6.83 -7.73
C2 EDO S . -32.25 7.49 -7.41
O2 EDO S . -33.39 6.80 -6.87
C1 GOL T . 18.13 6.16 24.28
O1 GOL T . 19.11 5.16 24.65
C2 GOL T . 17.85 7.15 25.42
O2 GOL T . 17.53 6.46 26.64
C3 GOL T . 16.62 7.97 25.07
O3 GOL T . 16.27 8.93 26.09
C1 GOL U . -4.66 47.14 7.57
O1 GOL U . -3.79 46.66 8.60
C2 GOL U . -5.04 45.95 6.68
O2 GOL U . -4.21 45.98 5.52
C3 GOL U . -6.51 45.99 6.27
O3 GOL U . -6.67 45.68 4.87
C1 EDO V . -13.23 28.64 7.36
O1 EDO V . -13.76 27.85 6.29
C2 EDO V . -13.94 29.99 7.38
O2 EDO V . -14.27 30.36 8.72
C1 GOL W . 28.86 -11.21 2.02
O1 GOL W . 29.06 -12.60 2.38
C2 GOL W . 30.12 -10.36 2.29
O2 GOL W . 30.60 -10.51 3.66
C3 GOL W . 29.78 -8.89 2.12
O3 GOL W . 30.89 -8.02 2.43
C1 EDO X . 14.90 27.88 -5.72
O1 EDO X . 13.53 27.88 -5.26
C2 EDO X . 15.36 29.33 -5.85
O2 EDO X . 16.34 29.65 -4.82
#